data_3IE2
#
_entry.id   3IE2
#
_cell.length_a   143.439
_cell.length_b   149.738
_cell.length_c   122.118
_cell.angle_alpha   90.000
_cell.angle_beta   110.610
_cell.angle_gamma   90.000
#
_symmetry.space_group_name_H-M   'C 1 2 1'
#
loop_
_entity.id
_entity.type
_entity.pdbx_description
1 polymer 'Ribonuclease TTHA0252'
2 non-polymer 'SULFATE ION'
3 non-polymer 2-[BIS-(2-HYDROXY-ETHYL)-AMINO]-2-HYDROXYMETHYL-PROPANE-1,3-DIOL
4 non-polymer 'ZINC ION'
5 water water
#
_entity_poly.entity_id   1
_entity_poly.type   'polypeptide(L)'
_entity_poly.pdbx_seq_one_letter_code
;MRIVPFGAAREVTGSAHLLLAGGRRVLLDCGMFQGKEEARNHAPFGFDPKEVDAVLLTHAHLDHVGRLPKLFREGYRGPV
YATRATVLLMEIVLEDALKVMDEPFFGPEDVEEALGHLRPLEYGEWLRLGALSLAFGQAGHLPGSAFVVAQGEGRTLVYS
GDLGNREKDVLPDPSLPPLADLVLAEGTYGDRPHRPYRETVREFLEILEKTLSQGGKVLIPTFAVERAQEILYVLYTHGH
RLPRAPIYLDSPMAGRVLSLYPRLVRYFSEEVQAHFLQGKNPFRPAGLEVVEHTEASKALNRAPGPMVVLAGSGMLAGGR
ILHHLKHGLSDPRNALVFVGYQPQGGLGAEIIARPPAVRILGEEVPLRASVHTLGGFSGHAGQDELLDWLQGEPRVVLVV
GEEEKLLALGKLLALRGQEVSLARFGEGVPV
;
_entity_poly.pdbx_strand_id   A,B,C,D
#
loop_
_chem_comp.id
_chem_comp.type
_chem_comp.name
_chem_comp.formula
BTB non-polymer 2-[BIS-(2-HYDROXY-ETHYL)-AMINO]-2-HYDROXYMETHYL-PROPANE-1,3-DIOL 'C8 H19 N O5'
SO4 non-polymer 'SULFATE ION' 'O4 S -2'
ZN non-polymer 'ZINC ION' 'Zn 2'
#
# COMPACT_ATOMS: atom_id res chain seq x y z
N MET A 1 -43.49 -13.57 11.40
CA MET A 1 -42.53 -12.48 11.03
C MET A 1 -43.16 -11.14 11.38
N ARG A 2 -42.40 -10.29 12.07
CA ARG A 2 -42.87 -8.96 12.45
C ARG A 2 -41.67 -8.08 12.73
N ILE A 3 -41.82 -6.79 12.47
CA ILE A 3 -40.74 -5.81 12.64
C ILE A 3 -41.06 -4.85 13.78
N VAL A 4 -40.05 -4.56 14.61
CA VAL A 4 -40.28 -3.68 15.74
C VAL A 4 -39.43 -2.42 15.73
N PRO A 5 -40.08 -1.27 15.52
CA PRO A 5 -39.45 0.05 15.46
C PRO A 5 -38.77 0.38 16.76
N PHE A 6 -37.60 0.99 16.66
CA PHE A 6 -36.85 1.37 17.84
C PHE A 6 -36.09 2.65 17.56
N GLY A 7 -36.79 3.56 16.89
CA GLY A 7 -36.24 4.86 16.54
C GLY A 7 -36.95 5.32 15.30
N ALA A 8 -36.85 6.61 14.99
CA ALA A 8 -37.49 7.15 13.78
C ALA A 8 -38.98 6.81 13.68
N ALA A 9 -39.68 6.99 14.79
CA ALA A 9 -41.12 6.76 14.87
C ALA A 9 -41.67 8.14 15.24
N ARG A 10 -42.39 8.76 14.31
CA ARG A 10 -42.93 10.11 14.47
C ARG A 10 -41.78 11.10 14.64
N GLU A 11 -40.59 10.69 14.20
CA GLU A 11 -39.40 11.54 14.27
C GLU A 11 -38.47 11.19 13.12
N VAL A 12 -37.36 11.91 12.96
CA VAL A 12 -36.46 11.63 11.85
C VAL A 12 -35.16 10.93 12.21
N THR A 13 -34.65 11.18 13.41
CA THR A 13 -33.41 10.53 13.80
C THR A 13 -33.68 9.23 14.57
N GLY A 14 -32.63 8.43 14.71
CA GLY A 14 -32.70 7.19 15.46
C GLY A 14 -33.01 5.88 14.76
N SER A 15 -33.12 5.88 13.44
CA SER A 15 -33.41 4.65 12.71
C SER A 15 -32.76 3.38 13.29
N ALA A 16 -33.61 2.40 13.58
CA ALA A 16 -33.20 1.09 14.13
C ALA A 16 -34.48 0.25 14.27
N HIS A 17 -34.59 -0.83 13.51
CA HIS A 17 -35.81 -1.63 13.57
C HIS A 17 -35.51 -3.12 13.66
N LEU A 18 -35.93 -3.73 14.77
CA LEU A 18 -35.68 -5.15 15.03
C LEU A 18 -36.60 -6.07 14.25
N LEU A 19 -36.00 -6.96 13.46
CA LEU A 19 -36.77 -7.92 12.69
C LEU A 19 -36.78 -9.26 13.42
N LEU A 20 -37.97 -9.70 13.81
CA LEU A 20 -38.11 -10.95 14.52
C LEU A 20 -38.81 -11.93 13.62
N ALA A 21 -38.08 -12.93 13.18
CA ALA A 21 -38.65 -13.95 12.29
C ALA A 21 -37.75 -15.18 12.22
N GLY A 22 -38.38 -16.35 12.20
CA GLY A 22 -37.63 -17.59 12.13
C GLY A 22 -36.67 -17.75 13.29
N GLY A 23 -37.12 -17.47 14.51
CA GLY A 23 -36.24 -17.61 15.65
C GLY A 23 -35.00 -16.72 15.61
N ARG A 24 -34.82 -16.02 14.49
CA ARG A 24 -33.67 -15.12 14.34
C ARG A 24 -34.12 -13.68 14.64
N ARG A 25 -33.16 -12.85 14.99
CA ARG A 25 -33.43 -11.45 15.32
C ARG A 25 -32.43 -10.54 14.60
N VAL A 26 -32.89 -9.93 13.51
CA VAL A 26 -32.06 -9.04 12.71
C VAL A 26 -32.32 -7.57 13.00
N LEU A 27 -31.25 -6.81 13.18
CA LEU A 27 -31.37 -5.38 13.45
C LEU A 27 -31.19 -4.62 12.13
N LEU A 28 -32.21 -3.88 11.73
CA LEU A 28 -32.16 -3.09 10.50
C LEU A 28 -31.82 -1.65 10.88
N ASP A 29 -30.57 -1.28 10.63
CA ASP A 29 -30.04 0.03 10.96
C ASP A 29 -29.93 0.14 12.46
N CYS A 30 -29.14 1.11 12.90
CA CYS A 30 -28.90 1.36 14.32
C CYS A 30 -28.30 2.75 14.40
N GLY A 31 -29.13 3.76 14.17
CA GLY A 31 -28.61 5.12 14.18
C GLY A 31 -28.83 5.96 15.42
N MET A 32 -28.00 6.97 15.60
CA MET A 32 -28.14 7.84 16.75
C MET A 32 -29.25 8.88 16.60
N PHE A 33 -29.80 9.28 17.73
CA PHE A 33 -30.84 10.29 17.75
C PHE A 33 -30.09 11.61 17.68
N GLN A 34 -30.65 12.59 16.97
CA GLN A 34 -29.95 13.87 16.85
C GLN A 34 -30.91 15.03 17.07
N GLY A 35 -30.35 16.22 17.24
CA GLY A 35 -31.19 17.38 17.48
C GLY A 35 -31.63 17.38 18.92
N LYS A 36 -32.87 17.82 19.15
CA LYS A 36 -33.41 17.88 20.49
C LYS A 36 -33.42 16.52 21.23
N GLU A 37 -33.54 15.42 20.49
CA GLU A 37 -33.60 14.08 21.09
C GLU A 37 -32.25 13.45 21.41
N GLU A 38 -31.17 14.16 21.13
CA GLU A 38 -29.81 13.65 21.34
C GLU A 38 -29.50 12.90 22.65
N ALA A 39 -30.22 13.22 23.72
CA ALA A 39 -29.98 12.59 25.01
C ALA A 39 -30.45 11.15 25.06
N ARG A 40 -31.42 10.82 24.22
CA ARG A 40 -31.96 9.46 24.15
C ARG A 40 -30.87 8.44 23.80
N ASN A 41 -29.74 8.93 23.30
CA ASN A 41 -28.64 8.06 22.94
C ASN A 41 -28.10 7.41 24.21
N HIS A 42 -28.33 8.06 25.34
CA HIS A 42 -27.89 7.56 26.62
C HIS A 42 -28.94 6.61 27.22
N ALA A 43 -30.16 6.67 26.71
CA ALA A 43 -31.23 5.80 27.19
C ALA A 43 -31.01 4.39 26.65
N PRO A 44 -31.87 3.43 27.06
CA PRO A 44 -31.71 2.06 26.59
C PRO A 44 -32.34 1.77 25.22
N PHE A 45 -31.75 0.85 24.49
CA PHE A 45 -32.24 0.46 23.18
C PHE A 45 -33.70 0.04 23.16
N GLY A 46 -34.15 -0.60 24.24
CA GLY A 46 -35.52 -1.08 24.31
C GLY A 46 -35.55 -2.56 23.96
N PHE A 47 -34.38 -3.13 23.79
CA PHE A 47 -34.25 -4.55 23.48
C PHE A 47 -32.83 -4.95 23.88
N ASP A 48 -32.61 -6.25 24.11
CA ASP A 48 -31.29 -6.71 24.51
C ASP A 48 -30.39 -6.88 23.31
N PRO A 49 -29.38 -6.02 23.20
CA PRO A 49 -28.44 -6.08 22.09
C PRO A 49 -27.80 -7.46 21.99
N LYS A 50 -27.50 -8.05 23.15
CA LYS A 50 -26.89 -9.37 23.21
C LYS A 50 -27.66 -10.46 22.48
N GLU A 51 -28.97 -10.25 22.33
CA GLU A 51 -29.81 -11.24 21.65
C GLU A 51 -30.05 -10.99 20.16
N VAL A 52 -29.13 -10.27 19.52
CA VAL A 52 -29.25 -9.98 18.09
C VAL A 52 -28.35 -10.95 17.31
N ASP A 53 -28.91 -11.61 16.30
CA ASP A 53 -28.10 -12.54 15.54
C ASP A 53 -27.26 -11.88 14.47
N ALA A 54 -27.71 -10.72 13.99
CA ALA A 54 -27.00 -9.98 12.94
C ALA A 54 -27.64 -8.61 12.70
N VAL A 55 -26.84 -7.66 12.23
CA VAL A 55 -27.31 -6.31 11.93
C VAL A 55 -26.94 -5.85 10.50
N LEU A 56 -27.93 -5.33 9.78
CA LEU A 56 -27.72 -4.82 8.43
C LEU A 56 -27.70 -3.29 8.48
N LEU A 57 -26.94 -2.66 7.58
CA LEU A 57 -26.87 -1.20 7.51
C LEU A 57 -27.21 -0.69 6.12
N THR A 58 -28.19 0.22 6.02
CA THR A 58 -28.61 0.80 4.73
C THR A 58 -27.64 1.84 4.15
N HIS A 59 -27.10 2.71 4.99
CA HIS A 59 -26.11 3.69 4.56
C HIS A 59 -25.35 4.25 5.74
N ALA A 60 -24.27 4.97 5.46
CA ALA A 60 -23.41 5.48 6.49
C ALA A 60 -23.79 6.72 7.27
N HIS A 61 -24.89 7.39 6.95
CA HIS A 61 -25.24 8.57 7.71
C HIS A 61 -25.38 8.26 9.20
N LEU A 62 -25.03 9.24 10.04
CA LEU A 62 -25.12 9.06 11.48
C LEU A 62 -26.53 8.65 11.97
N ASP A 63 -27.59 9.22 11.39
CA ASP A 63 -28.94 8.90 11.83
C ASP A 63 -29.36 7.44 11.53
N HIS A 64 -28.44 6.61 11.06
CA HIS A 64 -28.77 5.21 10.74
C HIS A 64 -27.67 4.22 11.16
N VAL A 65 -26.56 4.76 11.64
CA VAL A 65 -25.39 3.98 12.01
C VAL A 65 -24.80 4.45 13.35
N GLY A 66 -25.18 5.65 13.74
CA GLY A 66 -24.65 6.24 14.97
C GLY A 66 -24.74 5.47 16.27
N ARG A 67 -25.68 4.55 16.42
CA ARG A 67 -25.77 3.81 17.69
C ARG A 67 -25.19 2.39 17.63
N LEU A 68 -24.49 2.09 16.55
CA LEU A 68 -23.88 0.80 16.37
C LEU A 68 -22.77 0.63 17.40
N PRO A 69 -21.89 1.63 17.52
CA PRO A 69 -20.84 1.46 18.51
C PRO A 69 -21.41 1.21 19.92
N LYS A 70 -22.61 1.71 20.18
CA LYS A 70 -23.24 1.52 21.48
C LYS A 70 -23.77 0.11 21.57
N LEU A 71 -24.05 -0.47 20.40
CA LEU A 71 -24.56 -1.83 20.36
C LEU A 71 -23.47 -2.79 20.81
N PHE A 72 -22.23 -2.53 20.40
CA PHE A 72 -21.14 -3.40 20.80
C PHE A 72 -20.78 -3.13 22.25
N ARG A 73 -20.81 -1.84 22.58
CA ARG A 73 -20.52 -1.36 23.91
C ARG A 73 -21.27 -2.14 24.98
N GLU A 74 -22.44 -2.64 24.62
CA GLU A 74 -23.25 -3.36 25.58
C GLU A 74 -23.29 -4.87 25.38
N GLY A 75 -22.30 -5.44 24.72
CA GLY A 75 -22.32 -6.88 24.57
C GLY A 75 -22.41 -7.47 23.17
N TYR A 76 -23.37 -7.03 22.36
CA TYR A 76 -23.50 -7.59 21.02
C TYR A 76 -22.14 -7.77 20.34
N ARG A 77 -22.02 -8.87 19.60
CA ARG A 77 -20.77 -9.20 18.90
C ARG A 77 -21.02 -9.89 17.55
N GLY A 78 -22.27 -9.85 17.09
CA GLY A 78 -22.59 -10.47 15.81
C GLY A 78 -22.06 -9.67 14.63
N PRO A 79 -22.28 -10.19 13.41
CA PRO A 79 -21.82 -9.52 12.20
C PRO A 79 -22.68 -8.30 11.84
N VAL A 80 -22.10 -7.38 11.07
CA VAL A 80 -22.79 -6.18 10.63
C VAL A 80 -22.59 -6.02 9.14
N TYR A 81 -23.60 -6.40 8.37
CA TYR A 81 -23.53 -6.32 6.90
C TYR A 81 -23.86 -4.95 6.29
N ALA A 82 -23.12 -4.59 5.25
CA ALA A 82 -23.34 -3.34 4.55
C ALA A 82 -22.59 -3.40 3.23
N THR A 83 -22.80 -2.42 2.36
CA THR A 83 -22.09 -2.39 1.07
C THR A 83 -20.68 -1.89 1.38
N ARG A 84 -19.75 -2.24 0.49
CA ARG A 84 -18.36 -1.82 0.64
C ARG A 84 -18.33 -0.31 0.88
N ALA A 85 -19.07 0.41 0.03
CA ALA A 85 -19.21 1.86 0.13
C ALA A 85 -19.67 2.26 1.53
N THR A 86 -20.80 1.70 1.96
CA THR A 86 -21.29 2.02 3.29
C THR A 86 -20.23 1.73 4.34
N VAL A 87 -19.53 0.61 4.17
CA VAL A 87 -18.49 0.26 5.13
C VAL A 87 -17.40 1.33 5.21
N LEU A 88 -16.71 1.58 4.09
CA LEU A 88 -15.62 2.55 4.07
C LEU A 88 -16.04 3.96 4.48
N LEU A 89 -17.24 4.37 4.09
CA LEU A 89 -17.73 5.69 4.47
C LEU A 89 -17.96 5.77 5.98
N MET A 90 -18.43 4.66 6.56
CA MET A 90 -18.71 4.57 8.00
C MET A 90 -17.51 4.87 8.88
N GLU A 91 -16.35 4.40 8.45
CA GLU A 91 -15.15 4.64 9.21
C GLU A 91 -14.92 6.12 9.38
N ILE A 92 -14.96 6.83 8.26
CA ILE A 92 -14.75 8.27 8.28
C ILE A 92 -15.81 8.91 9.17
N VAL A 93 -17.06 8.54 8.91
CA VAL A 93 -18.19 9.08 9.64
C VAL A 93 -18.13 8.89 11.15
N LEU A 94 -17.87 7.66 11.59
CA LEU A 94 -17.80 7.37 13.01
C LEU A 94 -16.60 7.96 13.71
N GLU A 95 -15.45 7.95 13.08
CA GLU A 95 -14.29 8.51 13.75
C GLU A 95 -14.51 9.99 13.96
N ASP A 96 -15.30 10.60 13.09
CA ASP A 96 -15.59 12.02 13.21
C ASP A 96 -16.60 12.22 14.34
N ALA A 97 -17.61 11.36 14.37
CA ALA A 97 -18.64 11.44 15.40
C ALA A 97 -17.98 11.39 16.77
N LEU A 98 -17.06 10.46 16.93
CA LEU A 98 -16.37 10.33 18.19
C LEU A 98 -15.72 11.67 18.52
N LYS A 99 -14.83 12.10 17.63
CA LYS A 99 -14.09 13.33 17.81
C LYS A 99 -14.96 14.54 18.10
N VAL A 100 -15.97 14.75 17.28
CA VAL A 100 -16.87 15.89 17.45
C VAL A 100 -18.07 15.49 18.30
N MET A 101 -17.83 15.03 19.51
CA MET A 101 -18.95 14.65 20.35
C MET A 101 -18.80 15.12 21.79
N ASP A 102 -19.66 16.09 22.14
CA ASP A 102 -19.72 16.69 23.47
C ASP A 102 -19.69 15.66 24.58
N GLU A 103 -20.85 15.03 24.79
CA GLU A 103 -21.03 14.01 25.81
C GLU A 103 -21.15 12.64 25.17
N PRO A 104 -20.07 11.85 25.18
CA PRO A 104 -20.07 10.51 24.59
C PRO A 104 -21.00 9.51 25.28
N PHE A 105 -21.47 8.55 24.48
CA PHE A 105 -22.32 7.48 24.96
C PHE A 105 -21.68 6.17 24.47
N PHE A 106 -20.49 6.32 23.90
CA PHE A 106 -19.69 5.21 23.42
C PHE A 106 -18.26 5.70 23.35
N GLY A 107 -17.30 4.77 23.38
CA GLY A 107 -15.91 5.16 23.34
C GLY A 107 -15.18 4.67 22.12
N PRO A 108 -13.93 5.13 21.92
CA PRO A 108 -13.12 4.73 20.76
C PRO A 108 -13.01 3.22 20.70
N GLU A 109 -12.98 2.61 21.88
CA GLU A 109 -12.90 1.16 22.00
C GLU A 109 -14.12 0.53 21.32
N ASP A 110 -15.27 1.17 21.47
CA ASP A 110 -16.50 0.66 20.89
C ASP A 110 -16.51 0.84 19.37
N VAL A 111 -15.80 1.87 18.90
CA VAL A 111 -15.73 2.16 17.48
C VAL A 111 -15.02 1.09 16.67
N GLU A 112 -13.75 0.83 16.96
CA GLU A 112 -13.04 -0.18 16.17
C GLU A 112 -13.69 -1.55 16.36
N GLU A 113 -14.24 -1.80 17.54
CA GLU A 113 -14.92 -3.05 17.83
C GLU A 113 -16.05 -3.22 16.82
N ALA A 114 -16.74 -2.11 16.57
CA ALA A 114 -17.86 -2.09 15.63
C ALA A 114 -17.36 -2.22 14.21
N LEU A 115 -16.45 -1.34 13.82
CA LEU A 115 -15.89 -1.36 12.47
C LEU A 115 -15.36 -2.75 12.17
N GLY A 116 -14.84 -3.40 13.22
CA GLY A 116 -14.27 -4.74 13.08
C GLY A 116 -15.23 -5.86 12.69
N HIS A 117 -16.52 -5.69 12.99
CA HIS A 117 -17.49 -6.72 12.66
C HIS A 117 -18.24 -6.45 11.35
N LEU A 118 -17.89 -5.37 10.68
CA LEU A 118 -18.53 -5.03 9.42
C LEU A 118 -18.18 -6.05 8.36
N ARG A 119 -19.17 -6.58 7.65
CA ARG A 119 -18.90 -7.53 6.60
C ARG A 119 -19.61 -7.12 5.34
N PRO A 120 -18.88 -7.02 4.23
CA PRO A 120 -19.43 -6.62 2.93
C PRO A 120 -20.71 -7.33 2.50
N LEU A 121 -21.57 -6.61 1.79
CA LEU A 121 -22.81 -7.15 1.25
C LEU A 121 -23.22 -6.18 0.16
N GLU A 122 -23.29 -6.69 -1.06
CA GLU A 122 -23.62 -5.83 -2.19
C GLU A 122 -24.99 -6.10 -2.80
N TYR A 123 -25.55 -5.07 -3.44
CA TYR A 123 -26.86 -5.17 -4.09
C TYR A 123 -27.04 -6.52 -4.76
N GLY A 124 -28.21 -7.14 -4.51
CA GLY A 124 -28.50 -8.44 -5.11
C GLY A 124 -27.78 -9.64 -4.53
N GLU A 125 -27.13 -9.46 -3.39
CA GLU A 125 -26.44 -10.56 -2.76
C GLU A 125 -27.37 -11.04 -1.67
N TRP A 126 -27.57 -12.36 -1.57
CA TRP A 126 -28.47 -12.89 -0.57
C TRP A 126 -27.82 -13.47 0.68
N LEU A 127 -28.35 -13.03 1.82
CA LEU A 127 -27.86 -13.48 3.10
C LEU A 127 -28.88 -14.47 3.64
N ARG A 128 -28.44 -15.40 4.49
CA ARG A 128 -29.34 -16.41 5.05
C ARG A 128 -29.18 -16.63 6.55
N LEU A 129 -30.29 -16.59 7.28
CA LEU A 129 -30.29 -16.82 8.72
C LEU A 129 -31.55 -17.62 9.03
N GLY A 130 -31.39 -18.91 9.27
CA GLY A 130 -32.54 -19.74 9.53
C GLY A 130 -33.35 -19.76 8.25
N ALA A 131 -34.68 -19.63 8.38
CA ALA A 131 -35.54 -19.63 7.20
C ALA A 131 -35.58 -18.23 6.56
N LEU A 132 -34.92 -17.29 7.24
CA LEU A 132 -34.86 -15.88 6.85
C LEU A 132 -33.82 -15.56 5.77
N SER A 133 -34.30 -14.99 4.66
CA SER A 133 -33.43 -14.61 3.53
C SER A 133 -33.44 -13.09 3.34
N LEU A 134 -32.26 -12.46 3.44
CA LEU A 134 -32.14 -11.00 3.31
C LEU A 134 -31.26 -10.55 2.14
N ALA A 135 -31.60 -9.40 1.56
CA ALA A 135 -30.84 -8.83 0.44
C ALA A 135 -31.01 -7.32 0.33
N PHE A 136 -30.00 -6.66 -0.25
CA PHE A 136 -29.97 -5.22 -0.45
C PHE A 136 -30.57 -4.80 -1.78
N GLY A 137 -31.29 -3.67 -1.78
CA GLY A 137 -31.88 -3.14 -3.00
C GLY A 137 -31.32 -1.73 -3.23
N GLN A 138 -31.27 -1.28 -4.47
CA GLN A 138 -30.72 0.05 -4.80
C GLN A 138 -31.59 1.23 -4.32
N ALA A 139 -31.07 2.00 -3.36
CA ALA A 139 -31.81 3.13 -2.80
C ALA A 139 -31.45 4.48 -3.41
N GLY A 140 -30.20 4.59 -3.88
CA GLY A 140 -29.73 5.83 -4.48
C GLY A 140 -29.87 7.08 -3.63
N HIS A 141 -29.43 7.00 -2.38
CA HIS A 141 -29.50 8.11 -1.43
C HIS A 141 -28.10 8.53 -1.02
N LEU A 142 -27.15 7.62 -1.24
CA LEU A 142 -25.74 7.83 -0.92
C LEU A 142 -24.97 6.73 -1.60
N PRO A 143 -23.64 6.82 -1.61
CA PRO A 143 -22.92 5.73 -2.26
C PRO A 143 -23.09 4.50 -1.37
N GLY A 144 -23.58 3.41 -1.96
CA GLY A 144 -23.77 2.19 -1.21
C GLY A 144 -25.11 2.12 -0.50
N SER A 145 -25.92 3.16 -0.63
CA SER A 145 -27.23 3.20 0.02
C SER A 145 -28.13 2.07 -0.49
N ALA A 146 -28.92 1.49 0.42
CA ALA A 146 -29.81 0.42 -0.01
C ALA A 146 -31.04 0.24 0.86
N PHE A 147 -32.05 -0.43 0.29
CA PHE A 147 -33.24 -0.74 1.07
C PHE A 147 -33.22 -2.27 1.26
N VAL A 148 -33.72 -2.71 2.41
CA VAL A 148 -33.72 -4.12 2.72
C VAL A 148 -34.94 -4.90 2.29
N VAL A 149 -34.71 -6.06 1.69
CA VAL A 149 -35.78 -6.95 1.29
C VAL A 149 -35.62 -8.16 2.19
N ALA A 150 -36.53 -8.33 3.15
CA ALA A 150 -36.49 -9.47 4.06
C ALA A 150 -37.53 -10.44 3.56
N GLN A 151 -37.18 -11.71 3.50
CA GLN A 151 -38.12 -12.69 2.99
C GLN A 151 -38.04 -13.95 3.84
N GLY A 152 -39.20 -14.42 4.31
CA GLY A 152 -39.23 -15.60 5.13
C GLY A 152 -40.63 -15.92 5.61
N GLU A 153 -40.82 -17.12 6.16
CA GLU A 153 -42.12 -17.58 6.68
C GLU A 153 -43.24 -17.38 5.66
N GLY A 154 -42.89 -17.47 4.38
CA GLY A 154 -43.88 -17.31 3.33
C GLY A 154 -44.30 -15.86 3.17
N ARG A 155 -43.61 -14.98 3.88
CA ARG A 155 -43.89 -13.55 3.83
C ARG A 155 -42.76 -12.76 3.17
N THR A 156 -43.00 -11.47 2.94
CA THR A 156 -41.98 -10.62 2.34
C THR A 156 -42.10 -9.21 2.93
N LEU A 157 -41.01 -8.70 3.49
CA LEU A 157 -40.98 -7.35 4.05
C LEU A 157 -39.95 -6.50 3.34
N VAL A 158 -40.31 -5.25 3.07
CA VAL A 158 -39.39 -4.32 2.46
C VAL A 158 -39.14 -3.16 3.43
N TYR A 159 -37.87 -2.94 3.73
CA TYR A 159 -37.47 -1.83 4.60
C TYR A 159 -36.78 -0.82 3.65
N SER A 160 -37.29 0.40 3.60
CA SER A 160 -36.76 1.41 2.70
C SER A 160 -35.46 2.14 3.05
N GLY A 161 -35.23 2.39 4.33
CA GLY A 161 -34.03 3.15 4.69
C GLY A 161 -34.35 4.50 4.10
N ASP A 162 -33.38 5.21 3.55
CA ASP A 162 -33.69 6.52 2.96
C ASP A 162 -33.71 6.46 1.45
N LEU A 163 -34.87 6.62 0.82
CA LEU A 163 -34.93 6.60 -0.64
C LEU A 163 -34.34 7.91 -1.17
N GLY A 164 -33.49 7.82 -2.18
CA GLY A 164 -32.91 9.03 -2.73
C GLY A 164 -33.87 9.80 -3.61
N ASN A 165 -33.38 10.92 -4.12
CA ASN A 165 -34.10 11.83 -5.00
C ASN A 165 -33.66 11.51 -6.44
N ARG A 166 -34.39 10.65 -7.14
CA ARG A 166 -34.00 10.25 -8.49
C ARG A 166 -33.66 11.32 -9.52
N GLU A 167 -34.17 12.53 -9.35
CA GLU A 167 -33.92 13.59 -10.31
C GLU A 167 -32.46 14.05 -10.43
N LYS A 168 -31.69 13.99 -9.34
CA LYS A 168 -30.30 14.42 -9.36
C LYS A 168 -29.47 13.51 -10.24
N ASP A 169 -28.18 13.79 -10.39
CA ASP A 169 -27.33 13.00 -11.31
C ASP A 169 -26.20 12.13 -10.75
N VAL A 170 -25.80 12.34 -9.50
CA VAL A 170 -24.69 11.58 -8.96
C VAL A 170 -24.89 10.11 -8.63
N LEU A 171 -25.92 9.79 -7.87
CA LEU A 171 -26.17 8.39 -7.53
C LEU A 171 -27.07 7.82 -8.60
N PRO A 172 -27.15 6.50 -8.72
CA PRO A 172 -28.04 5.90 -9.71
C PRO A 172 -29.48 5.95 -9.22
N ASP A 173 -30.44 5.64 -10.10
CA ASP A 173 -31.85 5.67 -9.70
C ASP A 173 -32.20 4.65 -8.62
N PRO A 174 -33.10 5.04 -7.70
CA PRO A 174 -33.47 4.06 -6.68
C PRO A 174 -34.18 2.93 -7.42
N SER A 175 -34.27 1.75 -6.82
CA SER A 175 -34.94 0.65 -7.48
C SER A 175 -36.36 0.56 -6.98
N LEU A 176 -37.28 0.12 -7.83
CA LEU A 176 -38.63 -0.07 -7.33
C LEU A 176 -38.49 -1.23 -6.33
N PRO A 177 -39.28 -1.22 -5.25
CA PRO A 177 -39.17 -2.31 -4.29
C PRO A 177 -39.97 -3.49 -4.82
N PRO A 178 -39.63 -4.71 -4.39
CA PRO A 178 -40.42 -5.83 -4.90
C PRO A 178 -41.80 -5.76 -4.22
N LEU A 179 -42.82 -6.36 -4.84
CA LEU A 179 -44.15 -6.36 -4.24
C LEU A 179 -43.98 -7.07 -2.88
N ALA A 180 -44.36 -6.41 -1.80
CA ALA A 180 -44.19 -6.98 -0.46
C ALA A 180 -45.45 -7.16 0.38
N ASP A 181 -45.33 -7.93 1.46
CA ASP A 181 -46.45 -8.15 2.35
C ASP A 181 -46.51 -6.94 3.27
N LEU A 182 -45.36 -6.33 3.49
CA LEU A 182 -45.29 -5.15 4.35
C LEU A 182 -44.08 -4.29 4.00
N VAL A 183 -44.30 -2.98 3.93
CA VAL A 183 -43.26 -2.02 3.61
C VAL A 183 -43.06 -1.04 4.75
N LEU A 184 -41.86 -1.01 5.31
CA LEU A 184 -41.57 -0.07 6.38
C LEU A 184 -40.87 1.06 5.67
N ALA A 185 -41.62 2.13 5.35
CA ALA A 185 -41.11 3.28 4.60
C ALA A 185 -40.85 4.62 5.33
N GLU A 186 -39.97 5.44 4.75
CA GLU A 186 -39.62 6.76 5.29
C GLU A 186 -40.57 7.85 4.75
N GLY A 187 -40.62 8.98 5.42
CA GLY A 187 -41.50 10.03 4.96
C GLY A 187 -40.99 11.45 5.16
N THR A 188 -39.67 11.62 5.33
CA THR A 188 -39.06 12.95 5.54
C THR A 188 -39.83 14.06 4.79
N TYR A 189 -40.20 13.77 3.55
CA TYR A 189 -40.94 14.71 2.74
C TYR A 189 -42.29 14.15 2.31
N GLY A 190 -43.10 13.77 3.30
CA GLY A 190 -44.41 13.23 2.99
C GLY A 190 -45.40 14.31 2.63
N ASP A 191 -45.09 15.55 3.03
CA ASP A 191 -45.94 16.70 2.75
C ASP A 191 -45.80 17.32 1.36
N ARG A 192 -44.59 17.36 0.83
CA ARG A 192 -44.36 18.00 -0.48
C ARG A 192 -43.20 17.53 -1.36
N PRO A 193 -43.34 17.70 -2.68
CA PRO A 193 -42.30 17.30 -3.62
C PRO A 193 -41.26 18.44 -3.69
N HIS A 194 -40.12 18.19 -4.30
CA HIS A 194 -39.08 19.23 -4.39
C HIS A 194 -39.17 19.97 -5.71
N ARG A 195 -38.47 21.11 -5.80
CA ARG A 195 -38.42 21.87 -7.05
C ARG A 195 -37.58 20.98 -7.95
N PRO A 196 -37.97 20.84 -9.22
CA PRO A 196 -37.22 20.01 -10.19
C PRO A 196 -35.72 20.26 -10.17
N TYR A 197 -34.95 19.18 -10.35
CA TYR A 197 -33.50 19.28 -10.34
C TYR A 197 -32.98 20.24 -11.42
N ARG A 198 -33.31 19.93 -12.66
CA ARG A 198 -32.86 20.73 -13.79
C ARG A 198 -32.93 22.24 -13.58
N GLU A 199 -34.12 22.75 -13.33
CA GLU A 199 -34.28 24.17 -13.13
C GLU A 199 -33.57 24.66 -11.87
N THR A 200 -33.28 23.74 -10.96
CA THR A 200 -32.60 24.09 -9.71
C THR A 200 -31.14 24.34 -10.03
N VAL A 201 -30.59 23.52 -10.92
CA VAL A 201 -29.20 23.65 -11.34
C VAL A 201 -29.06 24.96 -12.07
N ARG A 202 -30.01 25.23 -12.96
CA ARG A 202 -29.99 26.46 -13.71
C ARG A 202 -30.01 27.64 -12.75
N GLU A 203 -30.95 27.68 -11.84
CA GLU A 203 -30.97 28.80 -10.93
C GLU A 203 -29.66 28.87 -10.16
N PHE A 204 -29.01 27.71 -9.99
CA PHE A 204 -27.76 27.67 -9.25
C PHE A 204 -26.65 28.39 -10.02
N LEU A 205 -26.46 27.99 -11.27
CA LEU A 205 -25.43 28.60 -12.11
C LEU A 205 -25.71 30.10 -12.28
N GLU A 206 -26.99 30.46 -12.35
CA GLU A 206 -27.38 31.86 -12.47
C GLU A 206 -26.78 32.65 -11.33
N ILE A 207 -26.98 32.15 -10.11
CA ILE A 207 -26.46 32.80 -8.92
C ILE A 207 -24.95 32.94 -8.95
N LEU A 208 -24.27 31.87 -9.36
CA LEU A 208 -22.81 31.90 -9.41
C LEU A 208 -22.31 32.92 -10.42
N GLU A 209 -22.93 32.93 -11.59
CA GLU A 209 -22.54 33.84 -12.66
C GLU A 209 -22.52 35.25 -12.13
N LYS A 210 -23.68 35.70 -11.69
CA LYS A 210 -23.82 37.04 -11.16
C LYS A 210 -22.86 37.34 -10.03
N THR A 211 -22.87 36.51 -9.00
CA THR A 211 -22.00 36.74 -7.86
C THR A 211 -20.52 36.80 -8.24
N LEU A 212 -20.05 35.80 -8.98
CA LEU A 212 -18.64 35.77 -9.33
C LEU A 212 -18.13 36.92 -10.22
N SER A 213 -18.94 37.37 -11.17
CA SER A 213 -18.52 38.47 -12.03
C SER A 213 -18.36 39.80 -11.26
N GLN A 214 -19.19 40.04 -10.26
CA GLN A 214 -19.08 41.26 -9.47
C GLN A 214 -18.06 41.05 -8.37
N GLY A 215 -17.32 39.94 -8.51
CA GLY A 215 -16.27 39.60 -7.57
C GLY A 215 -16.75 39.26 -6.18
N GLY A 216 -17.97 38.73 -6.11
CA GLY A 216 -18.55 38.37 -4.83
C GLY A 216 -18.18 36.98 -4.37
N LYS A 217 -18.61 36.65 -3.15
CA LYS A 217 -18.34 35.36 -2.55
C LYS A 217 -19.62 34.56 -2.53
N VAL A 218 -19.58 33.34 -3.02
CA VAL A 218 -20.76 32.49 -2.98
C VAL A 218 -20.59 31.52 -1.82
N LEU A 219 -21.31 31.76 -0.73
CA LEU A 219 -21.26 30.94 0.47
C LEU A 219 -22.24 29.76 0.41
N ILE A 220 -21.70 28.54 0.55
CA ILE A 220 -22.52 27.34 0.49
C ILE A 220 -22.39 26.42 1.70
N PRO A 221 -23.25 26.60 2.71
CA PRO A 221 -23.16 25.72 3.87
C PRO A 221 -23.47 24.30 3.40
N THR A 222 -22.70 23.33 3.84
CA THR A 222 -22.95 21.99 3.36
C THR A 222 -22.45 20.84 4.23
N PHE A 223 -23.17 19.72 4.13
CA PHE A 223 -22.83 18.52 4.85
C PHE A 223 -21.58 17.99 4.17
N ALA A 224 -20.75 17.28 4.91
CA ALA A 224 -19.52 16.76 4.34
C ALA A 224 -19.65 15.40 3.72
N VAL A 225 -20.76 14.70 3.94
CA VAL A 225 -20.81 13.36 3.41
C VAL A 225 -21.14 13.23 1.95
N GLU A 226 -22.23 13.77 1.45
CA GLU A 226 -22.38 13.61 0.01
C GLU A 226 -22.77 14.91 -0.70
N ARG A 227 -23.45 15.78 0.03
CA ARG A 227 -23.88 17.06 -0.53
C ARG A 227 -22.69 17.89 -1.01
N ALA A 228 -21.65 18.01 -0.18
CA ALA A 228 -20.46 18.78 -0.53
C ALA A 228 -19.85 18.44 -1.90
N GLN A 229 -19.72 17.15 -2.16
CA GLN A 229 -19.14 16.71 -3.41
C GLN A 229 -20.14 16.75 -4.55
N GLU A 230 -21.42 16.63 -4.28
CA GLU A 230 -22.36 16.71 -5.39
C GLU A 230 -22.33 18.12 -5.98
N ILE A 231 -22.19 19.11 -5.11
CA ILE A 231 -22.11 20.50 -5.53
C ILE A 231 -20.82 20.65 -6.38
N LEU A 232 -19.75 19.95 -5.97
CA LEU A 232 -18.50 20.00 -6.73
C LEU A 232 -18.64 19.29 -8.08
N TYR A 233 -19.61 18.41 -8.21
CA TYR A 233 -19.79 17.71 -9.47
C TYR A 233 -20.44 18.67 -10.44
N VAL A 234 -21.34 19.49 -9.92
CA VAL A 234 -22.04 20.44 -10.75
C VAL A 234 -21.02 21.46 -11.26
N LEU A 235 -20.18 21.93 -10.35
CA LEU A 235 -19.14 22.89 -10.69
C LEU A 235 -18.24 22.29 -11.76
N TYR A 236 -17.89 21.02 -11.56
CA TYR A 236 -17.02 20.35 -12.51
C TYR A 236 -17.60 20.23 -13.90
N THR A 237 -18.93 20.13 -14.01
CA THR A 237 -19.57 19.96 -15.32
C THR A 237 -20.15 21.22 -15.96
N HIS A 238 -20.09 22.34 -15.23
CA HIS A 238 -20.59 23.61 -15.75
C HIS A 238 -19.50 24.66 -15.55
N GLY A 239 -18.33 24.18 -15.11
CA GLY A 239 -17.21 25.07 -14.86
C GLY A 239 -16.60 25.72 -16.09
N HIS A 240 -17.00 25.26 -17.26
CA HIS A 240 -16.49 25.82 -18.50
C HIS A 240 -17.11 27.18 -18.80
N ARG A 241 -18.32 27.38 -18.31
CA ARG A 241 -19.00 28.63 -18.53
C ARG A 241 -19.12 29.46 -17.26
N LEU A 242 -18.33 29.13 -16.24
CA LEU A 242 -18.40 29.89 -15.01
C LEU A 242 -17.16 30.73 -14.88
N PRO A 243 -17.30 31.94 -14.34
CA PRO A 243 -16.11 32.78 -14.19
C PRO A 243 -15.09 32.12 -13.29
N ARG A 244 -13.81 32.26 -13.69
CA ARG A 244 -12.69 31.70 -12.95
C ARG A 244 -12.67 32.21 -11.51
N ALA A 245 -12.55 31.28 -10.58
CA ALA A 245 -12.49 31.65 -9.16
C ALA A 245 -12.03 30.44 -8.39
N PRO A 246 -11.33 30.68 -7.27
CA PRO A 246 -10.91 29.49 -6.53
C PRO A 246 -12.16 28.88 -5.86
N ILE A 247 -12.17 27.56 -5.72
CA ILE A 247 -13.28 26.86 -5.08
C ILE A 247 -12.71 26.28 -3.79
N TYR A 248 -13.14 26.79 -2.65
CA TYR A 248 -12.64 26.29 -1.37
C TYR A 248 -13.61 25.35 -0.66
N LEU A 249 -13.16 24.10 -0.48
CA LEU A 249 -13.94 23.09 0.24
C LEU A 249 -13.36 23.18 1.64
N ASP A 250 -13.88 24.13 2.40
CA ASP A 250 -13.43 24.40 3.76
C ASP A 250 -13.99 23.40 4.79
N SER A 251 -13.64 22.13 4.62
CA SER A 251 -14.08 21.06 5.51
C SER A 251 -13.16 19.85 5.34
N PRO A 252 -12.24 19.65 6.30
CA PRO A 252 -11.31 18.51 6.23
C PRO A 252 -12.14 17.25 6.04
N MET A 253 -13.17 17.10 6.86
CA MET A 253 -14.03 15.95 6.75
C MET A 253 -14.46 15.75 5.28
N ALA A 254 -15.05 16.78 4.68
CA ALA A 254 -15.52 16.69 3.29
C ALA A 254 -14.43 16.19 2.33
N GLY A 255 -13.18 16.58 2.60
CA GLY A 255 -12.06 16.17 1.78
C GLY A 255 -11.80 14.69 1.89
N ARG A 256 -11.70 14.19 3.12
CA ARG A 256 -11.49 12.77 3.38
C ARG A 256 -12.50 11.98 2.58
N VAL A 257 -13.74 12.44 2.62
CA VAL A 257 -14.83 11.80 1.89
C VAL A 257 -14.52 11.88 0.41
N LEU A 258 -14.09 13.06 -0.05
CA LEU A 258 -13.77 13.24 -1.47
C LEU A 258 -12.65 12.29 -1.92
N SER A 259 -11.59 12.20 -1.12
CA SER A 259 -10.45 11.32 -1.41
C SER A 259 -10.94 9.89 -1.63
N LEU A 260 -11.93 9.51 -0.84
CA LEU A 260 -12.49 8.18 -0.90
C LEU A 260 -13.37 7.92 -2.10
N TYR A 261 -13.91 8.98 -2.68
CA TYR A 261 -14.80 8.79 -3.82
C TYR A 261 -14.24 7.96 -4.98
N PRO A 262 -13.02 8.26 -5.44
CA PRO A 262 -12.46 7.47 -6.55
C PRO A 262 -12.53 5.97 -6.31
N ARG A 263 -12.43 5.56 -5.05
CA ARG A 263 -12.48 4.14 -4.71
C ARG A 263 -13.90 3.62 -4.75
N LEU A 264 -14.88 4.51 -4.98
CA LEU A 264 -16.28 4.14 -5.00
C LEU A 264 -16.98 4.26 -6.35
N VAL A 265 -16.21 4.50 -7.40
CA VAL A 265 -16.80 4.64 -8.73
C VAL A 265 -18.02 3.75 -9.04
N ARG A 266 -17.91 2.45 -8.80
CA ARG A 266 -18.99 1.51 -9.08
C ARG A 266 -20.33 1.94 -8.51
N TYR A 267 -20.29 2.56 -7.33
CA TYR A 267 -21.49 2.98 -6.65
C TYR A 267 -22.24 4.17 -7.23
N PHE A 268 -21.63 4.92 -8.15
CA PHE A 268 -22.29 6.08 -8.75
C PHE A 268 -23.06 5.76 -10.02
N SER A 269 -23.71 6.78 -10.57
CA SER A 269 -24.48 6.61 -11.80
C SER A 269 -23.63 6.26 -13.02
N GLU A 270 -24.29 5.83 -14.09
CA GLU A 270 -23.61 5.47 -15.33
C GLU A 270 -22.92 6.70 -15.91
N GLU A 271 -23.53 7.85 -15.70
CA GLU A 271 -22.98 9.12 -16.16
C GLU A 271 -21.69 9.36 -15.40
N VAL A 272 -21.76 9.32 -14.07
CA VAL A 272 -20.58 9.55 -13.26
C VAL A 272 -19.55 8.47 -13.53
N GLN A 273 -20.00 7.26 -13.81
CA GLN A 273 -19.05 6.19 -14.07
C GLN A 273 -18.38 6.37 -15.43
N ALA A 274 -19.10 7.01 -16.36
CA ALA A 274 -18.56 7.25 -17.69
C ALA A 274 -17.37 8.22 -17.62
N HIS A 275 -17.46 9.23 -16.75
CA HIS A 275 -16.40 10.22 -16.56
C HIS A 275 -15.17 9.53 -16.01
N PHE A 276 -15.36 8.80 -14.91
CA PHE A 276 -14.24 8.10 -14.31
C PHE A 276 -13.53 7.20 -15.33
N LEU A 277 -14.26 6.77 -16.35
CA LEU A 277 -13.66 5.90 -17.35
C LEU A 277 -12.71 6.67 -18.28
N GLN A 278 -13.07 7.90 -18.63
CA GLN A 278 -12.23 8.73 -19.50
C GLN A 278 -10.98 9.18 -18.76
N GLY A 279 -10.74 8.60 -17.60
CA GLY A 279 -9.58 8.93 -16.82
C GLY A 279 -9.69 10.21 -16.02
N LYS A 280 -10.89 10.75 -15.91
CA LYS A 280 -11.04 11.98 -15.17
C LYS A 280 -11.87 11.78 -13.90
N ASN A 281 -11.74 12.73 -12.96
CA ASN A 281 -12.47 12.69 -11.69
C ASN A 281 -13.42 13.91 -11.69
N PRO A 282 -14.71 13.68 -12.01
CA PRO A 282 -15.73 14.71 -12.07
C PRO A 282 -16.10 15.37 -10.76
N PHE A 283 -15.37 15.02 -9.71
CA PHE A 283 -15.61 15.58 -8.38
C PHE A 283 -14.52 16.56 -8.05
N ARG A 284 -13.75 16.90 -9.06
CA ARG A 284 -12.70 17.86 -8.85
C ARG A 284 -12.65 18.90 -9.94
N PRO A 285 -13.49 19.93 -9.79
CA PRO A 285 -13.58 21.04 -10.74
C PRO A 285 -12.26 21.83 -10.61
N ALA A 286 -12.00 22.70 -11.58
CA ALA A 286 -10.76 23.50 -11.60
C ALA A 286 -10.66 24.51 -10.46
N GLY A 287 -9.46 24.67 -9.90
CA GLY A 287 -9.28 25.62 -8.83
C GLY A 287 -9.84 25.17 -7.50
N LEU A 288 -10.06 23.86 -7.39
CA LEU A 288 -10.57 23.28 -6.17
C LEU A 288 -9.46 23.33 -5.14
N GLU A 289 -9.83 23.62 -3.91
CA GLU A 289 -8.86 23.71 -2.84
C GLU A 289 -9.53 23.19 -1.57
N VAL A 290 -8.86 22.29 -0.88
CA VAL A 290 -9.40 21.74 0.35
C VAL A 290 -8.62 22.43 1.44
N VAL A 291 -9.31 23.18 2.27
CA VAL A 291 -8.64 23.91 3.34
C VAL A 291 -8.55 23.01 4.56
N GLU A 292 -7.33 22.79 5.03
CA GLU A 292 -7.13 21.90 6.16
C GLU A 292 -7.24 22.54 7.52
N HIS A 293 -6.56 23.68 7.72
CA HIS A 293 -6.56 24.33 9.03
C HIS A 293 -7.24 25.70 9.16
N THR A 294 -7.56 26.01 10.41
CA THR A 294 -8.26 27.23 10.78
C THR A 294 -7.61 28.52 10.27
N GLU A 295 -6.30 28.56 10.30
CA GLU A 295 -5.58 29.75 9.87
C GLU A 295 -5.95 30.20 8.47
N ALA A 296 -5.87 29.27 7.52
CA ALA A 296 -6.20 29.53 6.13
C ALA A 296 -7.69 29.78 5.99
N SER A 297 -8.47 29.06 6.79
CA SER A 297 -9.91 29.20 6.76
C SER A 297 -10.33 30.60 7.17
N LYS A 298 -9.69 31.14 8.19
CA LYS A 298 -10.06 32.48 8.63
C LYS A 298 -9.54 33.57 7.70
N ALA A 299 -8.45 33.28 7.00
CA ALA A 299 -7.89 34.24 6.07
C ALA A 299 -8.90 34.43 4.95
N LEU A 300 -9.63 33.37 4.62
CA LEU A 300 -10.63 33.47 3.57
C LEU A 300 -11.73 34.47 3.94
N ASN A 301 -11.93 34.70 5.23
CA ASN A 301 -12.97 35.62 5.68
C ASN A 301 -12.67 37.01 5.13
N ARG A 302 -11.40 37.40 5.25
CA ARG A 302 -10.93 38.73 4.83
C ARG A 302 -10.33 38.78 3.42
N ALA A 303 -10.51 37.72 2.64
CA ALA A 303 -9.97 37.67 1.29
C ALA A 303 -11.01 38.14 0.29
N PRO A 304 -10.66 39.15 -0.51
CA PRO A 304 -11.62 39.65 -1.48
C PRO A 304 -12.08 38.53 -2.42
N GLY A 305 -13.34 38.59 -2.85
CA GLY A 305 -13.84 37.59 -3.77
C GLY A 305 -13.18 37.86 -5.11
N PRO A 306 -13.58 37.17 -6.19
CA PRO A 306 -14.62 36.15 -6.19
C PRO A 306 -14.10 34.80 -5.78
N MET A 307 -14.97 34.04 -5.14
CA MET A 307 -14.65 32.70 -4.69
C MET A 307 -15.93 31.98 -4.30
N VAL A 308 -15.90 30.67 -4.44
CA VAL A 308 -17.02 29.83 -4.04
C VAL A 308 -16.49 29.10 -2.81
N VAL A 309 -17.27 29.13 -1.73
CA VAL A 309 -16.86 28.46 -0.50
C VAL A 309 -17.89 27.45 -0.01
N LEU A 310 -17.39 26.30 0.42
CA LEU A 310 -18.26 25.25 0.96
C LEU A 310 -17.75 24.90 2.34
N ALA A 311 -18.66 24.79 3.30
CA ALA A 311 -18.27 24.43 4.67
C ALA A 311 -19.48 23.96 5.49
N GLY A 312 -19.20 23.30 6.60
CA GLY A 312 -20.27 22.84 7.46
C GLY A 312 -20.17 23.67 8.72
N SER A 313 -21.04 23.47 9.70
CA SER A 313 -22.11 22.48 9.68
C SER A 313 -23.08 22.87 8.58
N GLY A 314 -23.75 21.87 8.00
CA GLY A 314 -24.72 22.13 6.95
C GLY A 314 -26.03 22.72 7.47
N MET A 315 -26.28 22.59 8.77
CA MET A 315 -27.48 23.12 9.43
C MET A 315 -27.11 24.43 10.09
N LEU A 316 -25.84 24.80 9.98
CA LEU A 316 -25.32 26.04 10.58
C LEU A 316 -25.31 25.96 12.11
N ALA A 317 -25.29 24.74 12.61
CA ALA A 317 -25.26 24.46 14.04
C ALA A 317 -23.88 24.78 14.62
N GLY A 318 -22.95 25.12 13.74
CA GLY A 318 -21.60 25.44 14.15
C GLY A 318 -20.64 25.19 13.00
N GLY A 319 -19.35 25.37 13.23
CA GLY A 319 -18.41 25.13 12.15
C GLY A 319 -17.80 26.39 11.53
N ARG A 320 -16.93 26.17 10.56
CA ARG A 320 -16.26 27.26 9.88
C ARG A 320 -17.24 28.14 9.13
N ILE A 321 -18.30 27.55 8.58
CA ILE A 321 -19.29 28.31 7.84
C ILE A 321 -19.80 29.54 8.60
N LEU A 322 -19.90 29.44 9.94
CA LEU A 322 -20.36 30.59 10.72
C LEU A 322 -19.41 31.77 10.54
N HIS A 323 -18.12 31.47 10.62
CA HIS A 323 -17.10 32.49 10.45
C HIS A 323 -17.19 33.10 9.05
N HIS A 324 -17.54 32.29 8.06
CA HIS A 324 -17.66 32.81 6.72
C HIS A 324 -18.86 33.75 6.65
N LEU A 325 -19.95 33.37 7.32
CA LEU A 325 -21.15 34.20 7.34
C LEU A 325 -20.95 35.48 8.14
N LYS A 326 -20.31 35.35 9.28
CA LYS A 326 -20.07 36.51 10.12
C LYS A 326 -19.33 37.62 9.38
N HIS A 327 -18.53 37.28 8.38
CA HIS A 327 -17.78 38.30 7.65
C HIS A 327 -18.18 38.46 6.20
N GLY A 328 -19.11 37.64 5.72
CA GLY A 328 -19.49 37.77 4.32
C GLY A 328 -20.93 38.13 4.08
N LEU A 329 -21.72 38.25 5.14
CA LEU A 329 -23.15 38.54 5.02
C LEU A 329 -23.54 40.02 4.85
N SER A 330 -22.68 40.93 5.29
CA SER A 330 -23.00 42.37 5.20
C SER A 330 -22.66 43.02 3.87
N ASP A 331 -22.07 42.27 2.95
CA ASP A 331 -21.74 42.81 1.64
C ASP A 331 -22.81 42.33 0.66
N PRO A 332 -23.61 43.26 0.14
CA PRO A 332 -24.68 42.91 -0.81
C PRO A 332 -24.21 42.14 -2.04
N ARG A 333 -22.94 42.25 -2.40
CA ARG A 333 -22.42 41.57 -3.58
C ARG A 333 -22.20 40.05 -3.40
N ASN A 334 -22.21 39.59 -2.14
CA ASN A 334 -22.06 38.18 -1.84
C ASN A 334 -23.40 37.46 -1.82
N ALA A 335 -23.36 36.14 -1.96
CA ALA A 335 -24.56 35.33 -1.97
C ALA A 335 -24.45 34.10 -1.08
N LEU A 336 -25.48 33.88 -0.25
CA LEU A 336 -25.54 32.71 0.62
C LEU A 336 -26.46 31.80 -0.18
N VAL A 337 -26.06 30.55 -0.39
CA VAL A 337 -26.88 29.61 -1.15
C VAL A 337 -27.07 28.33 -0.35
N PHE A 338 -28.28 28.12 0.16
CA PHE A 338 -28.61 26.93 0.93
C PHE A 338 -28.87 25.77 -0.01
N VAL A 339 -28.12 24.69 0.14
CA VAL A 339 -28.30 23.53 -0.73
C VAL A 339 -28.87 22.34 0.03
N GLY A 340 -29.02 22.54 1.34
CA GLY A 340 -29.55 21.50 2.20
C GLY A 340 -30.73 22.01 2.99
N TYR A 341 -31.52 21.07 3.53
CA TYR A 341 -32.69 21.41 4.33
C TYR A 341 -32.25 22.18 5.57
N GLN A 342 -33.05 23.18 5.94
CA GLN A 342 -32.77 23.96 7.14
C GLN A 342 -33.88 23.75 8.18
N PRO A 343 -33.53 23.16 9.33
CA PRO A 343 -34.54 22.94 10.37
C PRO A 343 -35.16 24.26 10.79
N GLN A 344 -36.40 24.22 11.24
CA GLN A 344 -37.03 25.46 11.66
C GLN A 344 -36.47 25.83 13.03
N GLY A 345 -36.52 27.11 13.36
CA GLY A 345 -36.03 27.54 14.65
C GLY A 345 -34.53 27.60 14.69
N GLY A 346 -33.91 27.54 13.52
CA GLY A 346 -32.47 27.61 13.43
C GLY A 346 -32.02 28.87 12.72
N LEU A 347 -30.72 29.15 12.77
CA LEU A 347 -30.14 30.32 12.12
C LEU A 347 -30.52 30.32 10.64
N GLY A 348 -30.57 29.13 10.05
CA GLY A 348 -30.93 29.01 8.65
C GLY A 348 -32.27 29.66 8.37
N ALA A 349 -33.32 29.12 8.98
CA ALA A 349 -34.67 29.65 8.81
C ALA A 349 -34.67 31.12 9.20
N GLU A 350 -33.97 31.42 10.29
CA GLU A 350 -33.85 32.77 10.80
C GLU A 350 -33.34 33.72 9.73
N ILE A 351 -32.30 33.30 9.01
CA ILE A 351 -31.72 34.10 7.95
C ILE A 351 -32.68 34.23 6.78
N ILE A 352 -33.37 33.15 6.47
CA ILE A 352 -34.32 33.18 5.37
C ILE A 352 -35.47 34.11 5.70
N ALA A 353 -35.64 34.40 6.99
CA ALA A 353 -36.69 35.29 7.46
C ALA A 353 -36.39 36.68 6.89
N ARG A 354 -35.09 36.99 6.82
CA ARG A 354 -34.61 38.25 6.26
C ARG A 354 -34.68 39.46 7.17
N PRO A 355 -34.36 39.29 8.45
CA PRO A 355 -34.43 40.45 9.34
C PRO A 355 -33.40 41.47 8.86
N PRO A 356 -33.34 42.63 9.51
CA PRO A 356 -32.38 43.66 9.09
C PRO A 356 -30.94 43.24 9.40
N ALA A 357 -30.80 42.42 10.43
CA ALA A 357 -29.50 41.92 10.86
C ALA A 357 -29.71 40.59 11.59
N VAL A 358 -28.63 39.82 11.74
CA VAL A 358 -28.70 38.53 12.41
C VAL A 358 -27.55 38.32 13.39
N ARG A 359 -27.81 37.52 14.41
CA ARG A 359 -26.80 37.23 15.41
C ARG A 359 -26.00 36.00 15.01
N ILE A 360 -24.68 36.14 14.99
CA ILE A 360 -23.77 35.06 14.64
C ILE A 360 -22.50 35.22 15.45
N LEU A 361 -22.05 34.15 16.09
CA LEU A 361 -20.84 34.20 16.90
C LEU A 361 -20.83 35.47 17.75
N GLY A 362 -21.94 35.68 18.47
CA GLY A 362 -22.10 36.84 19.34
C GLY A 362 -21.81 38.17 18.68
N GLU A 363 -22.63 38.54 17.70
CA GLU A 363 -22.40 39.79 16.99
C GLU A 363 -23.52 39.96 15.97
N GLU A 364 -24.31 41.02 16.11
CA GLU A 364 -25.38 41.26 15.16
C GLU A 364 -24.75 41.79 13.89
N VAL A 365 -24.88 41.03 12.82
CA VAL A 365 -24.30 41.41 11.54
C VAL A 365 -25.39 41.78 10.55
N PRO A 366 -25.19 42.92 9.86
CA PRO A 366 -26.17 43.38 8.87
C PRO A 366 -26.29 42.30 7.80
N LEU A 367 -27.52 41.99 7.38
CA LEU A 367 -27.74 40.99 6.35
C LEU A 367 -28.02 41.62 5.01
N ARG A 368 -26.98 41.81 4.21
CA ARG A 368 -27.15 42.40 2.90
C ARG A 368 -26.93 41.37 1.81
N ALA A 369 -26.00 40.46 2.03
CA ALA A 369 -25.70 39.43 1.05
C ALA A 369 -27.05 38.85 0.66
N SER A 370 -27.23 38.50 -0.62
CA SER A 370 -28.48 37.92 -1.04
C SER A 370 -28.56 36.48 -0.55
N VAL A 371 -29.76 36.00 -0.29
CA VAL A 371 -29.93 34.65 0.19
C VAL A 371 -30.71 33.82 -0.82
N HIS A 372 -30.41 32.53 -0.89
CA HIS A 372 -31.10 31.67 -1.82
C HIS A 372 -31.35 30.33 -1.16
N THR A 373 -32.32 29.61 -1.70
CA THR A 373 -32.70 28.31 -1.16
C THR A 373 -32.99 27.37 -2.31
N LEU A 374 -32.04 26.50 -2.60
CA LEU A 374 -32.21 25.56 -3.68
C LEU A 374 -32.53 24.20 -3.10
N GLY A 375 -33.83 23.93 -2.93
CA GLY A 375 -34.26 22.68 -2.34
C GLY A 375 -34.18 21.53 -3.33
N GLY A 376 -34.02 21.87 -4.61
CA GLY A 376 -33.93 20.85 -5.62
C GLY A 376 -32.73 19.95 -5.36
N PHE A 377 -31.86 20.36 -4.45
CA PHE A 377 -30.66 19.59 -4.13
C PHE A 377 -30.85 18.58 -2.99
N SER A 378 -32.09 18.29 -2.64
CA SER A 378 -32.37 17.36 -1.55
C SER A 378 -32.04 15.93 -1.93
N GLY A 379 -31.42 15.22 -0.99
CA GLY A 379 -31.07 13.83 -1.20
C GLY A 379 -32.17 12.86 -0.81
N HIS A 380 -33.32 13.38 -0.41
CA HIS A 380 -34.45 12.54 -0.03
C HIS A 380 -35.52 12.52 -1.12
N ALA A 381 -36.17 11.38 -1.31
CA ALA A 381 -37.22 11.29 -2.33
C ALA A 381 -38.38 12.18 -1.87
N GLY A 382 -38.87 13.03 -2.77
CA GLY A 382 -39.98 13.91 -2.42
C GLY A 382 -41.31 13.16 -2.44
N GLN A 383 -42.35 13.79 -1.91
CA GLN A 383 -43.67 13.19 -1.87
C GLN A 383 -44.13 12.55 -3.16
N ASP A 384 -43.90 13.18 -4.30
CA ASP A 384 -44.33 12.55 -5.55
C ASP A 384 -43.55 11.26 -5.79
N GLU A 385 -42.26 11.30 -5.48
CA GLU A 385 -41.40 10.14 -5.65
C GLU A 385 -41.79 9.06 -4.63
N LEU A 386 -42.09 9.50 -3.40
CA LEU A 386 -42.53 8.57 -2.34
C LEU A 386 -43.76 7.80 -2.84
N LEU A 387 -44.79 8.53 -3.28
CA LEU A 387 -45.99 7.89 -3.80
C LEU A 387 -45.66 6.92 -4.93
N ASP A 388 -44.64 7.22 -5.70
CA ASP A 388 -44.31 6.33 -6.80
C ASP A 388 -43.70 5.04 -6.31
N TRP A 389 -42.70 5.17 -5.44
CA TRP A 389 -42.01 4.01 -4.91
C TRP A 389 -43.02 3.07 -4.25
N LEU A 390 -43.87 3.64 -3.41
CA LEU A 390 -44.90 2.93 -2.66
C LEU A 390 -46.10 2.42 -3.47
N GLN A 391 -46.18 2.80 -4.74
CA GLN A 391 -47.31 2.37 -5.56
C GLN A 391 -47.45 0.85 -5.65
N GLY A 392 -48.68 0.38 -5.48
CA GLY A 392 -48.98 -1.03 -5.58
C GLY A 392 -48.85 -1.83 -4.31
N GLU A 393 -48.05 -1.33 -3.37
CA GLU A 393 -47.85 -2.02 -2.11
C GLU A 393 -49.13 -1.95 -1.25
N PRO A 394 -49.67 -3.12 -0.88
CA PRO A 394 -50.88 -3.29 -0.07
C PRO A 394 -50.84 -2.71 1.34
N ARG A 395 -49.71 -2.87 2.03
CA ARG A 395 -49.59 -2.36 3.39
C ARG A 395 -48.30 -1.59 3.62
N VAL A 396 -48.41 -0.42 4.23
CA VAL A 396 -47.27 0.44 4.49
C VAL A 396 -47.24 0.98 5.92
N VAL A 397 -46.09 0.87 6.58
CA VAL A 397 -45.94 1.41 7.93
C VAL A 397 -44.93 2.53 7.78
N LEU A 398 -45.27 3.72 8.27
CA LEU A 398 -44.42 4.91 8.15
C LEU A 398 -43.49 5.26 9.31
N VAL A 399 -42.23 5.57 8.95
CA VAL A 399 -41.18 5.96 9.90
C VAL A 399 -40.44 7.13 9.29
N VAL A 400 -39.53 7.69 10.08
CA VAL A 400 -38.70 8.84 9.67
C VAL A 400 -39.49 10.03 9.12
N GLY A 401 -39.70 11.02 9.98
CA GLY A 401 -40.45 12.20 9.60
C GLY A 401 -41.30 12.66 10.76
N GLU A 402 -41.86 13.86 10.64
CA GLU A 402 -42.70 14.43 11.67
C GLU A 402 -44.13 13.93 11.47
N GLU A 403 -44.83 13.73 12.57
CA GLU A 403 -46.21 13.24 12.55
C GLU A 403 -46.97 13.78 11.34
N GLU A 404 -47.02 15.11 11.23
CA GLU A 404 -47.73 15.78 10.15
C GLU A 404 -47.37 15.26 8.75
N LYS A 405 -46.08 15.31 8.42
CA LYS A 405 -45.61 14.84 7.11
C LYS A 405 -46.11 13.42 6.87
N LEU A 406 -45.83 12.55 7.84
CA LEU A 406 -46.23 11.15 7.77
C LEU A 406 -47.75 11.01 7.57
N LEU A 407 -48.52 11.84 8.26
CA LEU A 407 -49.96 11.81 8.12
C LEU A 407 -50.38 12.24 6.72
N ALA A 408 -49.71 13.28 6.21
CA ALA A 408 -50.01 13.78 4.87
C ALA A 408 -49.78 12.68 3.85
N LEU A 409 -48.66 11.98 4.01
CA LEU A 409 -48.32 10.89 3.11
C LEU A 409 -49.36 9.79 3.32
N GLY A 410 -49.66 9.53 4.59
CA GLY A 410 -50.63 8.50 4.94
C GLY A 410 -51.96 8.70 4.26
N LYS A 411 -52.52 9.91 4.43
CA LYS A 411 -53.79 10.27 3.84
C LYS A 411 -53.82 9.95 2.35
N LEU A 412 -52.78 10.36 1.64
CA LEU A 412 -52.70 10.10 0.21
C LEU A 412 -52.67 8.60 -0.07
N LEU A 413 -51.90 7.86 0.73
CA LEU A 413 -51.80 6.42 0.55
C LEU A 413 -53.16 5.76 0.77
N ALA A 414 -53.80 6.14 1.88
CA ALA A 414 -55.11 5.62 2.23
C ALA A 414 -56.09 5.87 1.08
N LEU A 415 -56.33 7.13 0.73
CA LEU A 415 -57.26 7.40 -0.36
C LEU A 415 -56.90 6.60 -1.61
N ARG A 416 -55.66 6.14 -1.68
CA ARG A 416 -55.25 5.36 -2.83
C ARG A 416 -55.73 3.91 -2.68
N GLY A 417 -56.11 3.55 -1.46
CA GLY A 417 -56.59 2.21 -1.20
C GLY A 417 -55.57 1.37 -0.45
N GLN A 418 -54.46 1.98 -0.08
CA GLN A 418 -53.43 1.24 0.64
C GLN A 418 -53.70 1.27 2.13
N GLU A 419 -53.15 0.30 2.85
CA GLU A 419 -53.29 0.22 4.30
C GLU A 419 -52.09 0.97 4.83
N VAL A 420 -52.25 1.65 5.94
CA VAL A 420 -51.11 2.39 6.46
C VAL A 420 -51.24 2.71 7.92
N SER A 421 -50.09 3.00 8.53
CA SER A 421 -50.02 3.37 9.93
C SER A 421 -48.66 3.98 10.20
N LEU A 422 -48.61 4.85 11.20
CA LEU A 422 -47.36 5.45 11.60
C LEU A 422 -46.81 4.52 12.67
N ALA A 423 -45.58 4.07 12.50
CA ALA A 423 -44.95 3.17 13.45
C ALA A 423 -44.90 3.77 14.84
N ARG A 424 -44.88 2.91 15.85
CA ARG A 424 -44.79 3.36 17.23
C ARG A 424 -43.60 2.68 17.85
N PHE A 425 -42.91 3.38 18.72
CA PHE A 425 -41.75 2.82 19.38
C PHE A 425 -42.17 1.60 20.21
N GLY A 426 -41.53 0.47 19.95
CA GLY A 426 -41.84 -0.75 20.68
C GLY A 426 -42.92 -1.62 20.06
N GLU A 427 -44.04 -1.01 19.75
CA GLU A 427 -45.16 -1.72 19.16
C GLU A 427 -44.81 -2.33 17.80
N GLY A 428 -44.57 -3.64 17.79
CA GLY A 428 -44.23 -4.32 16.55
C GLY A 428 -45.39 -4.43 15.58
N VAL A 429 -45.10 -4.70 14.31
CA VAL A 429 -46.14 -4.84 13.30
C VAL A 429 -45.96 -6.18 12.60
N PRO A 430 -47.06 -6.92 12.40
CA PRO A 430 -46.97 -8.22 11.74
C PRO A 430 -46.74 -8.12 10.24
N VAL A 431 -45.71 -8.81 9.77
CA VAL A 431 -45.37 -8.81 8.35
C VAL A 431 -46.41 -9.62 7.59
N MET B 1 42.46 1.72 -14.29
CA MET B 1 41.21 2.37 -13.77
C MET B 1 41.20 3.86 -14.05
N ARG B 2 40.29 4.29 -14.92
CA ARG B 2 40.18 5.71 -15.22
C ARG B 2 38.76 6.22 -15.12
N ILE B 3 38.63 7.51 -14.83
CA ILE B 3 37.32 8.11 -14.71
C ILE B 3 37.13 9.06 -15.88
N VAL B 4 35.99 8.96 -16.55
CA VAL B 4 35.72 9.83 -17.69
C VAL B 4 34.53 10.77 -17.44
N PRO B 5 34.81 12.10 -17.38
CA PRO B 5 33.83 13.17 -17.16
C PRO B 5 32.94 13.40 -18.38
N PHE B 6 31.69 12.94 -18.31
CA PHE B 6 30.76 13.12 -19.42
C PHE B 6 29.66 14.16 -19.12
N GLY B 7 30.03 15.20 -18.38
CA GLY B 7 29.09 16.25 -18.03
C GLY B 7 29.62 17.09 -16.89
N ALA B 8 28.91 18.17 -16.56
CA ALA B 8 29.31 19.04 -15.46
C ALA B 8 30.77 19.47 -15.55
N ALA B 9 31.39 19.21 -16.69
CA ALA B 9 32.79 19.59 -16.89
C ALA B 9 32.86 21.05 -17.33
N ARG B 10 33.45 21.89 -16.48
CA ARG B 10 33.57 23.31 -16.74
C ARG B 10 32.25 24.09 -16.63
N GLU B 11 31.16 23.37 -16.37
CA GLU B 11 29.85 23.99 -16.19
C GLU B 11 29.31 23.38 -14.89
N VAL B 12 28.00 23.51 -14.62
CA VAL B 12 27.46 22.95 -13.37
C VAL B 12 26.40 21.88 -13.52
N THR B 13 25.87 21.69 -14.73
CA THR B 13 24.83 20.68 -14.91
C THR B 13 25.27 19.50 -15.77
N GLY B 14 24.37 18.53 -15.94
CA GLY B 14 24.68 17.35 -16.72
C GLY B 14 25.67 16.36 -16.11
N SER B 15 25.75 16.33 -14.79
CA SER B 15 26.66 15.44 -14.08
C SER B 15 26.52 13.99 -14.51
N ALA B 16 27.58 13.46 -15.12
CA ALA B 16 27.60 12.07 -15.56
C ALA B 16 29.09 11.77 -15.77
N HIS B 17 29.56 10.69 -15.15
CA HIS B 17 30.96 10.32 -15.22
C HIS B 17 31.08 8.81 -15.37
N LEU B 18 31.83 8.39 -16.39
CA LEU B 18 31.98 6.97 -16.65
C LEU B 18 33.22 6.41 -15.98
N LEU B 19 33.03 5.54 -14.99
CA LEU B 19 34.16 4.92 -14.31
C LEU B 19 34.49 3.62 -15.02
N LEU B 20 35.76 3.49 -15.41
CA LEU B 20 36.23 2.29 -16.09
C LEU B 20 37.26 1.54 -15.23
N ALA B 21 36.87 0.37 -14.75
CA ALA B 21 37.75 -0.44 -13.90
C ALA B 21 37.25 -1.87 -13.72
N GLY B 22 38.15 -2.73 -13.23
CA GLY B 22 37.84 -4.12 -12.97
C GLY B 22 37.05 -4.89 -14.01
N GLY B 23 37.22 -4.53 -15.28
CA GLY B 23 36.51 -5.20 -16.35
C GLY B 23 35.06 -4.77 -16.46
N ARG B 24 34.75 -3.59 -15.96
CA ARG B 24 33.38 -3.09 -15.98
C ARG B 24 33.27 -1.60 -16.33
N ARG B 25 32.09 -1.21 -16.79
CA ARG B 25 31.86 0.19 -17.14
C ARG B 25 30.69 0.67 -16.30
N VAL B 26 31.01 1.36 -15.21
CA VAL B 26 29.99 1.89 -14.30
C VAL B 26 29.81 3.40 -14.47
N LEU B 27 28.56 3.83 -14.60
CA LEU B 27 28.22 5.24 -14.80
C LEU B 27 27.83 5.87 -13.46
N LEU B 28 28.59 6.89 -13.07
CA LEU B 28 28.35 7.61 -11.81
C LEU B 28 27.47 8.85 -12.05
N ASP B 29 26.20 8.77 -11.65
CA ASP B 29 25.27 9.88 -11.86
C ASP B 29 24.90 10.00 -13.33
N CYS B 30 23.72 10.53 -13.61
CA CYS B 30 23.26 10.67 -15.00
C CYS B 30 22.41 11.94 -15.06
N GLY B 31 23.03 13.07 -14.78
CA GLY B 31 22.30 14.33 -14.76
C GLY B 31 22.00 15.05 -16.06
N MET B 32 20.92 15.81 -16.07
CA MET B 32 20.56 16.56 -17.28
C MET B 32 21.14 17.96 -17.21
N PHE B 33 21.44 18.50 -18.39
CA PHE B 33 21.99 19.85 -18.49
C PHE B 33 20.83 20.80 -18.25
N GLN B 34 21.13 21.96 -17.68
CA GLN B 34 20.07 22.91 -17.40
C GLN B 34 20.46 24.36 -17.63
N GLY B 35 19.48 25.15 -18.04
CA GLY B 35 19.70 26.55 -18.29
C GLY B 35 20.52 26.76 -19.54
N LYS B 36 21.64 27.44 -19.37
CA LYS B 36 22.56 27.74 -20.45
C LYS B 36 22.74 26.58 -21.41
N GLU B 37 22.91 25.37 -20.86
CA GLU B 37 23.14 24.19 -21.69
C GLU B 37 21.87 23.53 -22.22
N GLU B 38 20.83 23.51 -21.39
CA GLU B 38 19.54 22.92 -21.73
C GLU B 38 19.49 22.03 -22.97
N ALA B 39 19.74 22.60 -24.14
CA ALA B 39 19.69 21.85 -25.39
C ALA B 39 20.68 20.69 -25.47
N ARG B 40 21.59 20.61 -24.50
CA ARG B 40 22.58 19.54 -24.48
C ARG B 40 21.97 18.16 -24.24
N ASN B 41 20.87 18.12 -23.51
CA ASN B 41 20.20 16.86 -23.20
C ASN B 41 19.77 16.11 -24.47
N HIS B 42 20.00 16.72 -25.63
CA HIS B 42 19.63 16.11 -26.91
C HIS B 42 20.83 15.49 -27.61
N ALA B 43 22.02 16.01 -27.29
CA ALA B 43 23.27 15.52 -27.88
C ALA B 43 23.57 14.09 -27.49
N PRO B 44 24.46 13.42 -28.24
CA PRO B 44 24.80 12.04 -27.91
C PRO B 44 25.58 12.00 -26.60
N PHE B 45 25.36 10.95 -25.82
CA PHE B 45 26.02 10.81 -24.53
C PHE B 45 27.54 10.99 -24.58
N GLY B 46 28.17 10.40 -25.60
CA GLY B 46 29.61 10.48 -25.74
C GLY B 46 30.13 9.08 -25.53
N PHE B 47 29.21 8.18 -25.22
CA PHE B 47 29.51 6.79 -24.98
C PHE B 47 28.27 5.97 -25.27
N ASP B 48 28.46 4.68 -25.52
CA ASP B 48 27.35 3.78 -25.82
C ASP B 48 26.62 3.31 -24.57
N PRO B 49 25.42 3.85 -24.33
CA PRO B 49 24.65 3.44 -23.15
C PRO B 49 24.43 1.93 -23.05
N LYS B 50 24.68 1.22 -24.14
CA LYS B 50 24.48 -0.22 -24.13
C LYS B 50 25.67 -1.00 -23.57
N GLU B 51 26.80 -0.32 -23.42
CA GLU B 51 28.01 -0.93 -22.90
C GLU B 51 28.23 -0.73 -21.41
N VAL B 52 27.37 0.07 -20.79
CA VAL B 52 27.47 0.35 -19.36
C VAL B 52 26.98 -0.84 -18.56
N ASP B 53 27.73 -1.23 -17.53
CA ASP B 53 27.33 -2.38 -16.71
C ASP B 53 26.45 -1.98 -15.54
N ALA B 54 26.60 -0.75 -15.09
CA ALA B 54 25.82 -0.24 -13.97
C ALA B 54 25.89 1.28 -13.81
N VAL B 55 24.92 1.81 -13.08
CA VAL B 55 24.88 3.24 -12.82
C VAL B 55 24.47 3.44 -11.37
N LEU B 56 25.23 4.30 -10.69
CA LEU B 56 24.96 4.62 -9.30
C LEU B 56 24.55 6.10 -9.25
N LEU B 57 23.46 6.41 -8.56
CA LEU B 57 23.01 7.79 -8.46
C LEU B 57 23.30 8.36 -7.08
N THR B 58 23.94 9.53 -7.03
CA THR B 58 24.27 10.15 -5.74
C THR B 58 23.09 10.77 -5.00
N HIS B 59 22.13 11.34 -5.74
CA HIS B 59 20.96 11.94 -5.12
C HIS B 59 19.89 12.32 -6.15
N ALA B 60 18.63 12.35 -5.72
CA ALA B 60 17.50 12.65 -6.59
C ALA B 60 17.44 13.99 -7.31
N HIS B 61 18.48 14.81 -7.24
CA HIS B 61 18.42 16.07 -7.96
C HIS B 61 18.47 15.86 -9.48
N LEU B 62 17.61 16.59 -10.18
CA LEU B 62 17.49 16.51 -11.63
C LEU B 62 18.81 16.73 -12.39
N ASP B 63 19.68 17.56 -11.82
CA ASP B 63 20.95 17.85 -12.44
C ASP B 63 21.97 16.71 -12.30
N HIS B 64 21.53 15.60 -11.72
CA HIS B 64 22.40 14.43 -11.54
C HIS B 64 21.67 13.16 -11.91
N VAL B 65 20.36 13.26 -12.15
CA VAL B 65 19.54 12.10 -12.49
C VAL B 65 18.65 12.35 -13.72
N GLY B 66 18.41 13.62 -14.03
CA GLY B 66 17.55 13.98 -15.15
C GLY B 66 17.70 13.20 -16.44
N ARG B 67 18.94 12.89 -16.80
CA ARG B 67 19.17 12.14 -18.04
C ARG B 67 19.07 10.63 -17.89
N LEU B 68 18.73 10.14 -16.71
CA LEU B 68 18.63 8.69 -16.51
C LEU B 68 17.61 8.04 -17.44
N PRO B 69 16.41 8.65 -17.59
CA PRO B 69 15.42 8.06 -18.48
C PRO B 69 15.93 7.99 -19.93
N LYS B 70 16.78 8.93 -20.31
CA LYS B 70 17.35 8.93 -21.65
C LYS B 70 18.36 7.78 -21.79
N LEU B 71 18.87 7.32 -20.65
CA LEU B 71 19.84 6.25 -20.67
C LEU B 71 19.14 4.98 -21.14
N PHE B 72 17.96 4.72 -20.57
CA PHE B 72 17.21 3.55 -20.97
C PHE B 72 16.66 3.76 -22.37
N ARG B 73 16.18 4.97 -22.63
CA ARG B 73 15.64 5.34 -23.93
C ARG B 73 16.55 4.86 -25.06
N GLU B 74 17.85 4.90 -24.84
CA GLU B 74 18.81 4.51 -25.85
C GLU B 74 19.34 3.08 -25.77
N GLY B 75 18.67 2.23 -25.00
CA GLY B 75 19.12 0.85 -24.93
C GLY B 75 19.67 0.26 -23.65
N TYR B 76 19.98 1.06 -22.65
CA TYR B 76 20.51 0.52 -21.40
C TYR B 76 19.44 -0.25 -20.65
N ARG B 77 19.76 -1.47 -20.27
CA ARG B 77 18.82 -2.31 -19.53
C ARG B 77 19.51 -2.98 -18.34
N GLY B 78 20.22 -2.20 -17.54
CA GLY B 78 20.91 -2.75 -16.39
C GLY B 78 20.39 -2.19 -15.08
N PRO B 79 21.12 -2.38 -13.97
CA PRO B 79 20.64 -1.87 -12.69
C PRO B 79 21.04 -0.42 -12.46
N VAL B 80 20.36 0.23 -11.52
CA VAL B 80 20.63 1.61 -11.17
C VAL B 80 20.63 1.69 -9.64
N TYR B 81 21.82 1.79 -9.07
CA TYR B 81 21.94 1.83 -7.62
C TYR B 81 21.90 3.21 -6.98
N ALA B 82 21.12 3.31 -5.91
CA ALA B 82 20.96 4.55 -5.14
C ALA B 82 20.25 4.18 -3.85
N THR B 83 20.37 5.04 -2.84
CA THR B 83 19.73 4.79 -1.55
C THR B 83 18.21 4.83 -1.69
N ARG B 84 17.52 4.21 -0.73
CA ARG B 84 16.06 4.14 -0.73
C ARG B 84 15.44 5.51 -0.91
N ALA B 85 15.91 6.47 -0.11
CA ALA B 85 15.42 7.83 -0.19
C ALA B 85 15.52 8.33 -1.64
N THR B 86 16.73 8.31 -2.20
CA THR B 86 16.95 8.73 -3.57
C THR B 86 15.96 8.04 -4.51
N VAL B 87 15.73 6.75 -4.28
CA VAL B 87 14.81 5.99 -5.12
C VAL B 87 13.36 6.46 -5.02
N LEU B 88 12.92 6.79 -3.81
CA LEU B 88 11.56 7.27 -3.65
C LEU B 88 11.46 8.68 -4.21
N LEU B 89 12.44 9.52 -3.89
CA LEU B 89 12.44 10.91 -4.36
C LEU B 89 12.51 11.01 -5.88
N MET B 90 13.30 10.14 -6.50
CA MET B 90 13.49 10.16 -7.93
C MET B 90 12.19 10.01 -8.73
N GLU B 91 11.28 9.19 -8.20
CA GLU B 91 10.01 8.96 -8.84
C GLU B 91 9.28 10.29 -8.99
N ILE B 92 9.20 11.04 -7.89
CA ILE B 92 8.54 12.34 -7.91
C ILE B 92 9.22 13.26 -8.91
N VAL B 93 10.51 13.50 -8.68
CA VAL B 93 11.30 14.39 -9.52
C VAL B 93 11.28 14.06 -11.01
N LEU B 94 11.38 12.79 -11.35
CA LEU B 94 11.40 12.39 -12.75
C LEU B 94 10.03 12.46 -13.42
N GLU B 95 8.97 12.32 -12.63
CA GLU B 95 7.63 12.41 -13.19
C GLU B 95 7.29 13.86 -13.42
N ASP B 96 7.74 14.72 -12.51
CA ASP B 96 7.50 16.14 -12.63
C ASP B 96 8.22 16.64 -13.87
N ALA B 97 9.47 16.20 -14.04
CA ALA B 97 10.29 16.57 -15.18
C ALA B 97 9.50 16.34 -16.46
N LEU B 98 8.96 15.15 -16.60
CA LEU B 98 8.16 14.79 -17.76
C LEU B 98 7.13 15.86 -18.01
N LYS B 99 6.24 15.97 -17.04
CA LYS B 99 5.14 16.92 -17.07
C LYS B 99 5.58 18.33 -17.53
N VAL B 100 6.48 18.94 -16.78
CA VAL B 100 6.95 20.29 -17.06
C VAL B 100 8.14 20.38 -17.99
N MET B 101 8.00 19.85 -19.20
CA MET B 101 9.11 19.93 -20.15
C MET B 101 8.71 20.01 -21.62
N ASP B 102 8.98 21.17 -22.21
CA ASP B 102 8.70 21.44 -23.60
C ASP B 102 9.07 20.28 -24.52
N GLU B 103 10.35 20.21 -24.92
CA GLU B 103 10.86 19.16 -25.80
C GLU B 103 11.29 17.93 -25.04
N PRO B 104 10.47 16.87 -25.07
CA PRO B 104 10.81 15.64 -24.36
C PRO B 104 11.95 14.89 -25.00
N PHE B 105 13.11 14.84 -24.34
CA PHE B 105 14.22 14.08 -24.89
C PHE B 105 14.10 12.63 -24.42
N PHE B 106 12.95 12.33 -23.82
CA PHE B 106 12.60 10.98 -23.33
C PHE B 106 11.09 11.00 -23.04
N GLY B 107 10.43 9.86 -23.22
CA GLY B 107 9.00 9.81 -22.97
C GLY B 107 8.62 9.11 -21.68
N PRO B 108 7.33 9.09 -21.32
CA PRO B 108 6.90 8.43 -20.08
C PRO B 108 7.27 6.96 -20.07
N GLU B 109 7.44 6.41 -21.27
CA GLU B 109 7.82 5.01 -21.43
C GLU B 109 9.24 4.83 -20.89
N ASP B 110 10.06 5.87 -21.05
CA ASP B 110 11.44 5.86 -20.59
C ASP B 110 11.49 5.99 -19.07
N VAL B 111 10.72 6.93 -18.55
CA VAL B 111 10.67 7.17 -17.11
C VAL B 111 10.26 5.93 -16.33
N GLU B 112 9.42 5.11 -16.94
CA GLU B 112 8.98 3.92 -16.25
C GLU B 112 10.06 2.85 -16.32
N GLU B 113 10.77 2.80 -17.44
CA GLU B 113 11.85 1.84 -17.62
C GLU B 113 12.96 2.11 -16.61
N ALA B 114 13.35 3.37 -16.51
CA ALA B 114 14.40 3.76 -15.59
C ALA B 114 14.00 3.39 -14.17
N LEU B 115 12.89 3.95 -13.71
CA LEU B 115 12.39 3.70 -12.36
C LEU B 115 12.34 2.21 -12.00
N GLY B 116 11.93 1.39 -12.96
CA GLY B 116 11.84 -0.03 -12.71
C GLY B 116 13.16 -0.73 -12.50
N HIS B 117 14.26 -0.12 -12.93
CA HIS B 117 15.58 -0.73 -12.77
C HIS B 117 16.37 -0.23 -11.55
N LEU B 118 15.71 0.48 -10.65
CA LEU B 118 16.38 0.99 -9.46
C LEU B 118 16.54 -0.10 -8.40
N ARG B 119 17.71 -0.14 -7.76
CA ARG B 119 17.96 -1.11 -6.72
C ARG B 119 18.55 -0.38 -5.53
N PRO B 120 18.00 -0.59 -4.34
CA PRO B 120 18.51 0.08 -3.14
C PRO B 120 19.98 -0.20 -2.85
N LEU B 121 20.65 0.79 -2.27
CA LEU B 121 22.07 0.70 -1.92
C LEU B 121 22.32 1.78 -0.86
N GLU B 122 22.50 1.33 0.37
CA GLU B 122 22.68 2.24 1.49
C GLU B 122 24.11 2.59 1.87
N TYR B 123 24.24 3.64 2.66
CA TYR B 123 25.54 4.10 3.13
C TYR B 123 26.30 2.95 3.77
N GLY B 124 27.52 2.70 3.31
CA GLY B 124 28.33 1.65 3.92
C GLY B 124 28.18 0.27 3.35
N GLU B 125 27.23 0.07 2.44
CA GLU B 125 27.04 -1.23 1.83
C GLU B 125 27.97 -1.33 0.64
N TRP B 126 28.63 -2.48 0.49
CA TRP B 126 29.56 -2.68 -0.61
C TRP B 126 29.00 -3.50 -1.73
N LEU B 127 29.02 -2.93 -2.94
CA LEU B 127 28.53 -3.59 -4.13
C LEU B 127 29.76 -4.12 -4.85
N ARG B 128 29.66 -5.31 -5.44
CA ARG B 128 30.79 -5.91 -6.17
C ARG B 128 30.46 -6.16 -7.63
N LEU B 129 31.25 -5.58 -8.52
CA LEU B 129 31.03 -5.75 -9.95
C LEU B 129 32.37 -6.14 -10.53
N GLY B 130 32.42 -7.27 -11.23
CA GLY B 130 33.68 -7.71 -11.78
C GLY B 130 34.65 -7.78 -10.61
N ALA B 131 35.69 -6.96 -10.64
CA ALA B 131 36.68 -6.93 -9.56
C ALA B 131 36.70 -5.53 -8.94
N LEU B 132 35.61 -4.81 -9.17
CA LEU B 132 35.44 -3.46 -8.67
C LEU B 132 34.60 -3.47 -7.39
N SER B 133 34.92 -2.60 -6.45
CA SER B 133 34.17 -2.53 -5.22
C SER B 133 33.76 -1.09 -4.90
N LEU B 134 32.45 -0.84 -4.92
CA LEU B 134 31.92 0.50 -4.66
C LEU B 134 31.11 0.57 -3.37
N ALA B 135 31.04 1.77 -2.78
CA ALA B 135 30.29 1.98 -1.55
C ALA B 135 29.78 3.41 -1.52
N PHE B 136 28.85 3.74 -0.63
CA PHE B 136 28.34 5.10 -0.54
C PHE B 136 28.79 5.72 0.77
N GLY B 137 29.01 7.03 0.78
CA GLY B 137 29.42 7.71 1.98
C GLY B 137 28.43 8.84 2.21
N GLN B 138 28.21 9.24 3.45
CA GLN B 138 27.26 10.30 3.75
C GLN B 138 27.70 11.63 3.13
N ALA B 139 26.90 12.13 2.18
CA ALA B 139 27.21 13.37 1.48
C ALA B 139 26.53 14.57 2.13
N GLY B 140 25.43 14.31 2.84
CA GLY B 140 24.67 15.33 3.54
C GLY B 140 24.10 16.50 2.74
N HIS B 141 23.65 16.22 1.52
CA HIS B 141 23.11 17.26 0.64
C HIS B 141 21.60 17.16 0.51
N LEU B 142 21.08 15.94 0.62
CA LEU B 142 19.66 15.68 0.51
C LEU B 142 19.31 14.35 1.13
N PRO B 143 18.03 14.15 1.50
CA PRO B 143 17.70 12.86 2.07
C PRO B 143 18.23 11.81 1.08
N GLY B 144 19.21 11.02 1.52
CA GLY B 144 19.78 9.99 0.67
C GLY B 144 20.96 10.39 -0.20
N SER B 145 21.50 11.59 -0.01
CA SER B 145 22.64 12.04 -0.81
C SER B 145 23.92 11.30 -0.42
N ALA B 146 24.78 11.04 -1.38
CA ALA B 146 25.98 10.32 -1.07
C ALA B 146 27.12 10.49 -2.04
N PHE B 147 28.32 10.19 -1.55
CA PHE B 147 29.45 10.23 -2.44
C PHE B 147 29.80 8.77 -2.71
N VAL B 148 30.60 8.54 -3.73
CA VAL B 148 30.97 7.20 -4.09
C VAL B 148 32.42 6.94 -3.81
N VAL B 149 32.72 5.71 -3.42
CA VAL B 149 34.07 5.28 -3.15
C VAL B 149 34.20 4.03 -4.01
N ALA B 150 35.14 4.07 -4.95
CA ALA B 150 35.37 2.94 -5.84
C ALA B 150 36.77 2.43 -5.56
N GLN B 151 36.88 1.14 -5.32
CA GLN B 151 38.18 0.56 -5.01
C GLN B 151 38.43 -0.63 -5.92
N GLY B 152 39.59 -0.63 -6.56
CA GLY B 152 39.95 -1.70 -7.48
C GLY B 152 41.31 -1.49 -8.11
N GLU B 153 41.88 -2.59 -8.60
CA GLU B 153 43.19 -2.59 -9.24
C GLU B 153 44.18 -1.89 -8.35
N GLY B 154 44.09 -2.16 -7.05
CA GLY B 154 44.99 -1.54 -6.10
C GLY B 154 44.86 -0.03 -6.01
N ARG B 155 43.72 0.50 -6.43
CA ARG B 155 43.54 1.96 -6.38
C ARG B 155 42.16 2.37 -5.85
N THR B 156 42.12 3.55 -5.26
CA THR B 156 40.89 4.07 -4.70
C THR B 156 40.51 5.42 -5.29
N LEU B 157 39.30 5.52 -5.80
CA LEU B 157 38.80 6.76 -6.35
C LEU B 157 37.61 7.19 -5.52
N VAL B 158 37.53 8.49 -5.25
CA VAL B 158 36.42 9.06 -4.50
C VAL B 158 35.70 10.11 -5.36
N TYR B 159 34.41 9.89 -5.59
CA TYR B 159 33.58 10.83 -6.36
C TYR B 159 32.67 11.53 -5.35
N SER B 160 32.92 12.81 -5.11
CA SER B 160 32.15 13.57 -4.14
C SER B 160 30.66 13.73 -4.32
N GLY B 161 30.20 13.85 -5.56
CA GLY B 161 28.78 14.09 -5.77
C GLY B 161 28.56 15.46 -5.14
N ASP B 162 27.35 15.80 -4.75
CA ASP B 162 27.11 17.10 -4.14
C ASP B 162 27.30 17.07 -2.62
N LEU B 163 28.27 17.84 -2.12
CA LEU B 163 28.53 17.89 -0.69
C LEU B 163 27.59 18.92 -0.10
N GLY B 164 26.88 18.54 0.96
CA GLY B 164 25.95 19.46 1.60
C GLY B 164 26.59 20.42 2.56
N ASN B 165 25.77 21.31 3.11
CA ASN B 165 26.21 22.31 4.07
C ASN B 165 26.12 21.76 5.49
N ARG B 166 27.28 21.36 6.01
CA ARG B 166 27.44 20.78 7.33
C ARG B 166 26.82 21.54 8.50
N GLU B 167 26.80 22.87 8.43
CA GLU B 167 26.28 23.69 9.52
C GLU B 167 24.78 23.68 9.81
N LYS B 168 24.01 23.00 8.98
CA LYS B 168 22.55 22.98 9.14
C LYS B 168 22.00 21.97 10.15
N ASP B 169 20.69 21.75 10.12
CA ASP B 169 20.07 20.87 11.10
C ASP B 169 19.30 19.66 10.59
N VAL B 170 18.65 19.80 9.45
CA VAL B 170 17.84 18.70 8.95
C VAL B 170 18.61 17.46 8.56
N LEU B 171 19.67 17.63 7.76
CA LEU B 171 20.42 16.46 7.33
C LEU B 171 21.61 16.13 8.21
N PRO B 172 22.10 14.91 8.10
CA PRO B 172 23.26 14.53 8.91
C PRO B 172 24.51 15.12 8.26
N ASP B 173 25.52 15.45 9.06
CA ASP B 173 26.76 15.99 8.51
C ASP B 173 27.41 15.04 7.51
N PRO B 174 28.17 15.59 6.57
CA PRO B 174 28.84 14.76 5.59
C PRO B 174 29.94 13.93 6.27
N SER B 175 30.14 12.73 5.76
CA SER B 175 31.18 11.85 6.28
C SER B 175 32.45 12.21 5.48
N LEU B 176 33.60 12.26 6.15
CA LEU B 176 34.87 12.51 5.46
C LEU B 176 35.12 11.35 4.53
N PRO B 177 35.93 11.56 3.49
CA PRO B 177 36.18 10.46 2.56
C PRO B 177 37.46 9.71 2.87
N PRO B 178 37.58 8.46 2.41
CA PRO B 178 38.83 7.78 2.69
C PRO B 178 39.93 8.46 1.85
N LEU B 179 41.19 8.24 2.23
CA LEU B 179 42.33 8.77 1.48
C LEU B 179 42.22 8.15 0.10
N ALA B 180 42.33 8.97 -0.95
CA ALA B 180 42.19 8.50 -2.32
C ALA B 180 43.37 8.77 -3.26
N ASP B 181 43.34 8.11 -4.41
CA ASP B 181 44.38 8.28 -5.41
C ASP B 181 43.92 9.44 -6.29
N LEU B 182 42.61 9.63 -6.33
CA LEU B 182 42.00 10.70 -7.10
C LEU B 182 40.60 11.01 -6.57
N VAL B 183 40.31 12.29 -6.41
CA VAL B 183 39.00 12.71 -5.94
C VAL B 183 38.31 13.58 -6.97
N LEU B 184 37.29 13.03 -7.61
CA LEU B 184 36.50 13.79 -8.56
C LEU B 184 35.50 14.57 -7.67
N ALA B 185 35.86 15.80 -7.31
CA ALA B 185 35.04 16.67 -6.44
C ALA B 185 34.30 17.80 -7.15
N GLU B 186 33.14 18.19 -6.59
CA GLU B 186 32.32 19.28 -7.12
C GLU B 186 32.78 20.61 -6.49
N GLY B 187 32.66 21.69 -7.24
CA GLY B 187 33.11 22.96 -6.71
C GLY B 187 32.11 24.10 -6.68
N THR B 188 30.83 23.77 -6.75
CA THR B 188 29.75 24.76 -6.74
C THR B 188 30.10 26.10 -6.06
N TYR B 189 30.60 26.06 -4.83
CA TYR B 189 30.96 27.28 -4.13
C TYR B 189 32.43 27.33 -3.77
N GLY B 190 33.29 27.20 -4.78
CA GLY B 190 34.72 27.22 -4.54
C GLY B 190 35.35 28.57 -4.26
N ASP B 191 34.65 29.65 -4.58
CA ASP B 191 35.22 30.99 -4.34
C ASP B 191 34.98 31.52 -2.94
N ARG B 192 33.79 31.30 -2.41
CA ARG B 192 33.45 31.78 -1.07
C ARG B 192 32.75 30.80 -0.13
N PRO B 193 32.87 31.04 1.19
CA PRO B 193 32.25 30.23 2.23
C PRO B 193 30.89 30.87 2.52
N HIS B 194 30.08 30.21 3.35
CA HIS B 194 28.76 30.73 3.66
C HIS B 194 28.70 31.52 4.98
N ARG B 195 27.58 32.17 5.23
CA ARG B 195 27.40 32.93 6.46
C ARG B 195 26.86 31.95 7.50
N PRO B 196 27.52 31.83 8.65
CA PRO B 196 27.13 30.94 9.75
C PRO B 196 25.62 30.66 9.82
N TYR B 197 25.24 29.38 9.78
CA TYR B 197 23.83 29.03 9.81
C TYR B 197 23.08 29.45 11.07
N ARG B 198 23.79 29.49 12.20
CA ARG B 198 23.15 29.87 13.44
C ARG B 198 22.66 31.32 13.42
N GLU B 199 23.40 32.19 12.75
CA GLU B 199 23.01 33.60 12.66
C GLU B 199 21.94 33.80 11.58
N THR B 200 22.07 33.08 10.48
CA THR B 200 21.11 33.18 9.39
C THR B 200 19.70 32.91 9.92
N VAL B 201 19.57 31.87 10.74
CA VAL B 201 18.30 31.49 11.33
C VAL B 201 17.71 32.55 12.24
N ARG B 202 18.58 33.26 12.94
CA ARG B 202 18.13 34.32 13.85
C ARG B 202 17.64 35.54 13.09
N GLU B 203 18.33 35.91 12.02
CA GLU B 203 17.91 37.06 11.23
C GLU B 203 16.64 36.64 10.52
N PHE B 204 16.59 35.39 10.09
CA PHE B 204 15.42 34.87 9.40
C PHE B 204 14.16 34.99 10.26
N LEU B 205 14.23 34.52 11.50
CA LEU B 205 13.09 34.59 12.40
C LEU B 205 12.81 36.04 12.72
N GLU B 206 13.87 36.83 12.82
CA GLU B 206 13.73 38.24 13.12
C GLU B 206 12.88 38.92 12.05
N ILE B 207 13.20 38.63 10.79
CA ILE B 207 12.45 39.20 9.67
C ILE B 207 11.00 38.77 9.74
N LEU B 208 10.76 37.47 9.77
CA LEU B 208 9.40 36.96 9.85
C LEU B 208 8.64 37.56 11.02
N GLU B 209 9.35 37.86 12.10
CA GLU B 209 8.76 38.41 13.32
C GLU B 209 8.27 39.84 13.14
N LYS B 210 9.04 40.63 12.40
CA LYS B 210 8.70 42.03 12.12
C LYS B 210 7.59 42.15 11.10
N THR B 211 7.83 41.64 9.89
CA THR B 211 6.84 41.75 8.84
C THR B 211 5.54 41.06 9.23
N LEU B 212 5.61 39.88 9.81
CA LEU B 212 4.38 39.20 10.19
C LEU B 212 3.58 40.10 11.15
N SER B 213 4.24 40.64 12.17
CA SER B 213 3.56 41.49 13.13
C SER B 213 2.90 42.73 12.55
N GLN B 214 3.42 43.25 11.44
CA GLN B 214 2.79 44.43 10.86
C GLN B 214 1.81 44.03 9.77
N GLY B 215 1.26 42.83 9.91
CA GLY B 215 0.29 42.32 8.95
C GLY B 215 0.80 42.26 7.53
N GLY B 216 2.12 42.10 7.36
CA GLY B 216 2.70 42.02 6.04
C GLY B 216 2.89 40.60 5.56
N LYS B 217 3.29 40.42 4.31
CA LYS B 217 3.49 39.09 3.76
C LYS B 217 4.97 38.73 3.60
N VAL B 218 5.35 37.50 3.95
CA VAL B 218 6.74 37.10 3.77
C VAL B 218 6.81 36.24 2.53
N LEU B 219 7.57 36.71 1.55
CA LEU B 219 7.70 36.00 0.30
C LEU B 219 9.02 35.24 0.22
N ILE B 220 8.93 33.92 0.08
CA ILE B 220 10.10 33.07 0.03
C ILE B 220 10.16 32.18 -1.17
N PRO B 221 10.97 32.55 -2.17
CA PRO B 221 11.03 31.66 -3.33
C PRO B 221 11.86 30.44 -2.86
N THR B 222 11.42 29.26 -3.27
CA THR B 222 12.07 28.04 -2.83
C THR B 222 12.11 26.95 -3.87
N PHE B 223 13.09 26.06 -3.74
CA PHE B 223 13.19 24.93 -4.62
C PHE B 223 12.24 23.92 -3.96
N ALA B 224 11.50 23.19 -4.76
CA ALA B 224 10.53 22.24 -4.24
C ALA B 224 11.09 21.03 -3.51
N VAL B 225 12.28 20.59 -3.89
CA VAL B 225 12.83 19.38 -3.30
C VAL B 225 13.29 19.39 -1.84
N GLU B 226 14.15 20.32 -1.43
CA GLU B 226 14.54 20.25 -0.02
C GLU B 226 14.45 21.54 0.78
N ARG B 227 14.78 22.66 0.14
CA ARG B 227 14.76 23.94 0.84
C ARG B 227 13.36 24.26 1.35
N ALA B 228 12.37 23.97 0.53
CA ALA B 228 10.98 24.22 0.88
C ALA B 228 10.68 23.64 2.23
N GLN B 229 10.82 22.32 2.33
CA GLN B 229 10.57 21.63 3.59
C GLN B 229 11.52 22.05 4.68
N GLU B 230 12.73 22.43 4.33
CA GLU B 230 13.66 22.84 5.36
C GLU B 230 13.16 24.11 6.05
N ILE B 231 12.56 25.01 5.30
CA ILE B 231 12.02 26.23 5.89
C ILE B 231 10.90 25.82 6.84
N LEU B 232 9.99 25.00 6.35
CA LEU B 232 8.88 24.50 7.14
C LEU B 232 9.39 23.94 8.47
N TYR B 233 10.56 23.30 8.42
CA TYR B 233 11.14 22.72 9.62
C TYR B 233 11.56 23.81 10.59
N VAL B 234 12.19 24.86 10.08
CA VAL B 234 12.62 25.95 10.93
C VAL B 234 11.39 26.63 11.51
N LEU B 235 10.29 26.67 10.75
CA LEU B 235 9.07 27.28 11.23
C LEU B 235 8.41 26.46 12.34
N TYR B 236 8.54 25.14 12.23
CA TYR B 236 7.97 24.21 13.21
C TYR B 236 8.71 24.27 14.53
N THR B 237 10.04 24.29 14.44
CA THR B 237 10.86 24.31 15.63
C THR B 237 10.95 25.68 16.28
N HIS B 238 10.31 26.68 15.67
CA HIS B 238 10.31 28.04 16.21
C HIS B 238 8.91 28.67 16.22
N GLY B 239 7.90 27.84 16.00
CA GLY B 239 6.52 28.33 15.97
C GLY B 239 6.11 29.11 17.21
N HIS B 240 6.65 28.74 18.36
CA HIS B 240 6.33 29.41 19.61
C HIS B 240 6.42 30.93 19.52
N ARG B 241 7.58 31.45 19.16
CA ARG B 241 7.79 32.89 19.06
C ARG B 241 7.11 33.57 17.87
N LEU B 242 6.85 32.83 16.80
CA LEU B 242 6.22 33.44 15.63
C LEU B 242 4.72 33.69 15.72
N PRO B 243 4.28 34.91 15.36
CA PRO B 243 2.86 35.25 15.40
C PRO B 243 2.07 34.39 14.41
N ARG B 244 0.94 33.85 14.84
CA ARG B 244 0.14 33.00 13.98
C ARG B 244 -0.24 33.69 12.70
N ALA B 245 -0.23 32.91 11.63
CA ALA B 245 -0.56 33.38 10.31
C ALA B 245 -0.55 32.12 9.46
N PRO B 246 -1.31 32.12 8.37
CA PRO B 246 -1.27 30.89 7.59
C PRO B 246 0.08 30.84 6.88
N ILE B 247 0.54 29.63 6.58
CA ILE B 247 1.79 29.42 5.89
C ILE B 247 1.45 28.60 4.68
N TYR B 248 1.45 29.23 3.51
CA TYR B 248 1.09 28.48 2.32
C TYR B 248 2.30 27.94 1.57
N LEU B 249 2.27 26.64 1.32
CA LEU B 249 3.33 26.00 0.56
C LEU B 249 2.66 25.99 -0.79
N ASP B 250 2.86 27.07 -1.53
CA ASP B 250 2.27 27.20 -2.85
C ASP B 250 3.07 26.52 -3.96
N SER B 251 3.24 25.21 -3.79
CA SER B 251 3.99 24.39 -4.74
C SER B 251 3.48 22.95 -4.64
N PRO B 252 2.70 22.49 -5.63
CA PRO B 252 2.18 21.12 -5.61
C PRO B 252 3.29 20.09 -5.44
N MET B 253 4.43 20.35 -6.07
CA MET B 253 5.52 19.40 -5.95
C MET B 253 6.08 19.43 -4.53
N ALA B 254 6.35 20.63 -4.02
CA ALA B 254 6.88 20.77 -2.67
C ALA B 254 6.03 19.91 -1.73
N GLY B 255 4.73 19.90 -1.99
CA GLY B 255 3.81 19.12 -1.17
C GLY B 255 4.03 17.63 -1.32
N ARG B 256 4.11 17.16 -2.57
CA ARG B 256 4.33 15.74 -2.82
C ARG B 256 5.62 15.28 -2.15
N VAL B 257 6.64 16.11 -2.15
CA VAL B 257 7.88 15.77 -1.50
C VAL B 257 7.62 15.75 0.01
N LEU B 258 6.83 16.71 0.48
CA LEU B 258 6.50 16.80 1.89
C LEU B 258 5.86 15.50 2.35
N SER B 259 4.87 15.03 1.60
CA SER B 259 4.18 13.78 1.94
C SER B 259 5.12 12.60 2.08
N LEU B 260 6.16 12.58 1.26
CA LEU B 260 7.13 11.48 1.25
C LEU B 260 8.11 11.49 2.44
N TYR B 261 8.40 12.68 2.96
CA TYR B 261 9.36 12.82 4.04
C TYR B 261 9.18 11.92 5.25
N PRO B 262 7.94 11.73 5.70
CA PRO B 262 7.79 10.87 6.87
C PRO B 262 8.37 9.48 6.66
N ARG B 263 8.31 8.96 5.43
CA ARG B 263 8.86 7.64 5.12
C ARG B 263 10.37 7.65 4.94
N LEU B 264 11.00 8.79 5.14
CA LEU B 264 12.44 8.90 4.95
C LEU B 264 13.13 9.26 6.23
N VAL B 265 12.40 9.14 7.33
CA VAL B 265 12.93 9.48 8.64
C VAL B 265 14.36 9.01 8.94
N ARG B 266 14.70 7.79 8.52
CA ARG B 266 16.04 7.28 8.80
C ARG B 266 17.14 8.01 8.03
N TYR B 267 16.75 8.93 7.16
CA TYR B 267 17.71 9.68 6.37
C TYR B 267 17.98 11.08 6.89
N PHE B 268 17.23 11.51 7.91
CA PHE B 268 17.41 12.84 8.48
C PHE B 268 18.39 12.81 9.65
N SER B 269 18.61 13.96 10.28
CA SER B 269 19.52 14.04 11.41
C SER B 269 18.91 13.37 12.64
N GLU B 270 19.74 13.21 13.67
CA GLU B 270 19.27 12.60 14.90
C GLU B 270 18.25 13.55 15.48
N GLU B 271 18.52 14.85 15.34
CA GLU B 271 17.61 15.89 15.84
C GLU B 271 16.23 15.74 15.19
N VAL B 272 16.20 15.54 13.88
CA VAL B 272 14.94 15.38 13.19
C VAL B 272 14.21 14.12 13.62
N GLN B 273 14.91 12.99 13.57
CA GLN B 273 14.31 11.70 13.94
C GLN B 273 13.77 11.72 15.37
N ALA B 274 14.42 12.48 16.23
CA ALA B 274 13.98 12.61 17.61
C ALA B 274 12.53 13.09 17.63
N HIS B 275 12.19 14.09 16.82
CA HIS B 275 10.81 14.58 16.77
C HIS B 275 9.90 13.43 16.32
N PHE B 276 10.28 12.77 15.23
CA PHE B 276 9.49 11.65 14.71
C PHE B 276 9.22 10.60 15.77
N LEU B 277 10.21 10.35 16.64
CA LEU B 277 10.05 9.37 17.70
C LEU B 277 9.02 9.85 18.72
N GLN B 278 9.07 11.11 19.11
CA GLN B 278 8.10 11.65 20.07
C GLN B 278 6.72 11.67 19.39
N GLY B 279 6.60 11.03 18.23
CA GLY B 279 5.33 10.97 17.51
C GLY B 279 4.87 12.20 16.72
N LYS B 280 5.77 13.14 16.44
CA LYS B 280 5.42 14.36 15.69
C LYS B 280 6.13 14.53 14.34
N ASN B 281 5.52 15.31 13.44
CA ASN B 281 6.09 15.57 12.11
C ASN B 281 6.60 17.01 12.12
N PRO B 282 7.89 17.22 12.42
CA PRO B 282 8.56 18.52 12.50
C PRO B 282 8.58 19.34 11.21
N PHE B 283 8.03 18.76 10.14
CA PHE B 283 8.00 19.44 8.85
C PHE B 283 6.63 20.04 8.55
N ARG B 284 5.75 20.04 9.53
CA ARG B 284 4.41 20.60 9.35
C ARG B 284 4.02 21.57 10.45
N PRO B 285 4.47 22.83 10.34
CA PRO B 285 4.16 23.85 11.34
C PRO B 285 2.67 24.18 11.39
N ALA B 286 2.30 24.94 12.41
CA ALA B 286 0.91 25.33 12.61
C ALA B 286 0.33 26.14 11.45
N GLY B 287 -0.83 25.75 10.94
CA GLY B 287 -1.42 26.51 9.86
C GLY B 287 -0.82 26.30 8.49
N LEU B 288 -0.09 25.20 8.32
CA LEU B 288 0.52 24.89 7.03
C LEU B 288 -0.57 24.54 6.03
N GLU B 289 -0.41 24.97 4.80
CA GLU B 289 -1.42 24.69 3.80
C GLU B 289 -0.71 24.46 2.46
N VAL B 290 -1.09 23.41 1.74
CA VAL B 290 -0.48 23.12 0.46
C VAL B 290 -1.43 23.55 -0.64
N VAL B 291 -1.09 24.65 -1.32
CA VAL B 291 -1.92 25.19 -2.39
C VAL B 291 -1.81 24.35 -3.64
N GLU B 292 -2.87 23.65 -4.00
CA GLU B 292 -2.80 22.79 -5.19
C GLU B 292 -2.84 23.46 -6.56
N HIS B 293 -3.76 24.40 -6.77
CA HIS B 293 -3.87 25.00 -8.09
C HIS B 293 -3.61 26.52 -8.27
N THR B 294 -3.83 27.00 -9.49
CA THR B 294 -3.58 28.39 -9.84
C THR B 294 -4.54 29.39 -9.22
N GLU B 295 -5.84 29.12 -9.33
CA GLU B 295 -6.84 30.01 -8.80
C GLU B 295 -6.51 30.38 -7.36
N ALA B 296 -6.37 29.38 -6.48
CA ALA B 296 -6.06 29.67 -5.09
C ALA B 296 -4.75 30.40 -4.97
N SER B 297 -3.77 29.98 -5.76
CA SER B 297 -2.46 30.60 -5.73
C SER B 297 -2.52 32.07 -6.10
N LYS B 298 -3.32 32.43 -7.11
CA LYS B 298 -3.42 33.83 -7.47
C LYS B 298 -4.21 34.63 -6.44
N ALA B 299 -5.31 34.03 -5.97
CA ALA B 299 -6.13 34.67 -4.97
C ALA B 299 -5.27 35.16 -3.80
N LEU B 300 -4.17 34.46 -3.55
CA LEU B 300 -3.29 34.83 -2.46
C LEU B 300 -2.68 36.21 -2.67
N ASN B 301 -2.41 36.55 -3.93
CA ASN B 301 -1.83 37.85 -4.24
C ASN B 301 -2.70 38.97 -3.71
N ARG B 302 -4.02 38.73 -3.77
CA ARG B 302 -5.02 39.70 -3.35
C ARG B 302 -5.37 39.72 -1.86
N ALA B 303 -5.50 38.55 -1.24
CA ALA B 303 -5.83 38.52 0.19
C ALA B 303 -4.76 39.25 0.97
N PRO B 304 -5.14 39.94 2.05
CA PRO B 304 -4.20 40.68 2.88
C PRO B 304 -3.38 39.77 3.78
N GLY B 305 -2.34 40.32 4.38
CA GLY B 305 -1.51 39.54 5.28
C GLY B 305 -2.19 39.43 6.64
N PRO B 306 -1.52 38.89 7.66
CA PRO B 306 -0.14 38.38 7.55
C PRO B 306 -0.18 36.94 7.06
N MET B 307 0.78 36.59 6.22
CA MET B 307 0.86 35.25 5.70
C MET B 307 2.33 34.92 5.43
N VAL B 308 2.61 33.66 5.13
CA VAL B 308 3.96 33.23 4.81
C VAL B 308 3.83 32.41 3.55
N VAL B 309 4.49 32.85 2.49
CA VAL B 309 4.38 32.11 1.26
C VAL B 309 5.71 31.54 0.79
N LEU B 310 5.64 30.32 0.30
CA LEU B 310 6.81 29.62 -0.21
C LEU B 310 6.42 29.16 -1.58
N ALA B 311 7.23 29.49 -2.57
CA ALA B 311 6.91 29.07 -3.90
C ALA B 311 8.11 29.13 -4.81
N GLY B 312 8.03 28.38 -5.89
CA GLY B 312 9.10 28.35 -6.88
C GLY B 312 8.55 29.06 -8.10
N SER B 313 9.33 29.14 -9.19
CA SER B 313 10.67 28.58 -9.30
C SER B 313 11.58 29.12 -8.18
N GLY B 314 12.55 28.31 -7.79
CA GLY B 314 13.48 28.69 -6.75
C GLY B 314 14.32 29.91 -7.09
N MET B 315 14.54 30.14 -8.38
CA MET B 315 15.34 31.28 -8.81
C MET B 315 14.58 32.30 -9.65
N LEU B 316 13.30 32.47 -9.35
CA LEU B 316 12.47 33.43 -10.05
C LEU B 316 12.50 33.30 -11.56
N ALA B 317 12.79 32.11 -12.06
CA ALA B 317 12.84 31.87 -13.50
C ALA B 317 11.43 31.85 -14.09
N GLY B 318 10.44 31.60 -13.21
CA GLY B 318 9.06 31.55 -13.63
C GLY B 318 8.23 30.99 -12.50
N GLY B 319 7.03 30.54 -12.82
CA GLY B 319 6.17 29.97 -11.79
C GLY B 319 5.49 30.95 -10.84
N ARG B 320 4.67 30.36 -9.97
CA ARG B 320 3.88 31.08 -8.99
C ARG B 320 4.55 32.20 -8.17
N ILE B 321 5.81 32.00 -7.77
CA ILE B 321 6.52 33.02 -7.00
C ILE B 321 6.56 34.39 -7.71
N LEU B 322 6.48 34.38 -9.05
CA LEU B 322 6.52 35.64 -9.81
C LEU B 322 5.23 36.42 -9.60
N HIS B 323 4.10 35.71 -9.63
CA HIS B 323 2.83 36.38 -9.37
C HIS B 323 2.92 36.98 -7.97
N HIS B 324 3.22 36.18 -6.96
CA HIS B 324 3.33 36.70 -5.60
C HIS B 324 4.24 37.93 -5.57
N LEU B 325 5.29 37.88 -6.37
CA LEU B 325 6.26 38.96 -6.45
C LEU B 325 5.64 40.23 -7.01
N LYS B 326 5.07 40.11 -8.20
CA LYS B 326 4.40 41.20 -8.89
C LYS B 326 3.48 41.99 -7.95
N HIS B 327 2.66 41.28 -7.20
CA HIS B 327 1.73 41.96 -6.30
C HIS B 327 2.23 42.13 -4.86
N GLY B 328 3.45 41.70 -4.58
CA GLY B 328 3.94 41.83 -3.22
C GLY B 328 5.12 42.75 -2.98
N LEU B 329 5.87 43.04 -4.04
CA LEU B 329 7.04 43.90 -3.95
C LEU B 329 6.70 45.39 -3.81
N SER B 330 5.47 45.77 -4.16
CA SER B 330 5.08 47.18 -4.09
C SER B 330 4.61 47.71 -2.73
N ASP B 331 4.48 46.83 -1.75
CA ASP B 331 4.07 47.25 -0.41
C ASP B 331 5.27 47.13 0.52
N PRO B 332 5.70 48.26 1.11
CA PRO B 332 6.84 48.22 2.01
C PRO B 332 6.62 47.42 3.29
N ARG B 333 5.40 46.93 3.49
CA ARG B 333 5.11 46.15 4.69
C ARG B 333 5.55 44.70 4.52
N ASN B 334 5.72 44.30 3.26
CA ASN B 334 6.15 42.95 2.95
C ASN B 334 7.65 42.83 2.94
N ALA B 335 8.13 41.60 2.78
CA ALA B 335 9.55 41.32 2.74
C ALA B 335 9.82 40.15 1.82
N LEU B 336 10.76 40.34 0.89
CA LEU B 336 11.14 39.26 0.00
C LEU B 336 12.30 38.66 0.74
N VAL B 337 12.30 37.34 0.89
CA VAL B 337 13.39 36.67 1.60
C VAL B 337 13.99 35.52 0.78
N PHE B 338 15.21 35.74 0.28
CA PHE B 338 15.92 34.73 -0.50
C PHE B 338 16.67 33.76 0.40
N VAL B 339 16.37 32.48 0.26
CA VAL B 339 17.03 31.46 1.08
C VAL B 339 17.85 30.57 0.15
N GLY B 340 18.08 31.08 -1.05
CA GLY B 340 18.84 30.33 -2.02
C GLY B 340 19.83 31.21 -2.75
N TYR B 341 20.53 30.62 -3.71
CA TYR B 341 21.50 31.35 -4.51
C TYR B 341 20.73 31.94 -5.69
N GLN B 342 20.94 33.21 -5.95
CA GLN B 342 20.28 33.83 -7.10
C GLN B 342 21.35 34.01 -8.17
N PRO B 343 21.15 33.39 -9.33
CA PRO B 343 22.16 33.53 -10.37
C PRO B 343 22.41 34.99 -10.73
N GLN B 344 23.44 35.22 -11.53
CA GLN B 344 23.78 36.56 -11.96
C GLN B 344 22.96 36.92 -13.21
N GLY B 345 22.51 38.17 -13.28
CA GLY B 345 21.72 38.59 -14.43
C GLY B 345 20.32 38.00 -14.50
N GLY B 346 19.60 38.06 -13.39
CA GLY B 346 18.26 37.53 -13.35
C GLY B 346 17.39 38.44 -12.51
N LEU B 347 16.09 38.17 -12.52
CA LEU B 347 15.18 38.97 -11.73
C LEU B 347 15.66 38.95 -10.28
N GLY B 348 16.33 37.85 -9.92
CA GLY B 348 16.84 37.73 -8.57
C GLY B 348 17.82 38.86 -8.30
N ALA B 349 18.90 38.88 -9.05
CA ALA B 349 19.93 39.91 -8.89
C ALA B 349 19.33 41.30 -9.07
N GLU B 350 18.61 41.48 -10.17
CA GLU B 350 17.97 42.75 -10.47
C GLU B 350 17.31 43.36 -9.23
N ILE B 351 16.38 42.63 -8.62
CA ILE B 351 15.72 43.13 -7.42
C ILE B 351 16.77 43.46 -6.36
N ILE B 352 17.76 42.60 -6.23
CA ILE B 352 18.81 42.79 -5.23
C ILE B 352 19.56 44.10 -5.41
N ALA B 353 19.70 44.56 -6.66
CA ALA B 353 20.37 45.82 -6.93
C ALA B 353 19.46 46.92 -6.39
N ARG B 354 18.18 46.59 -6.28
CA ARG B 354 17.14 47.47 -5.77
C ARG B 354 16.84 48.74 -6.56
N PRO B 355 16.55 48.59 -7.86
CA PRO B 355 16.23 49.73 -8.71
C PRO B 355 14.89 50.26 -8.20
N PRO B 356 14.41 51.37 -8.75
CA PRO B 356 13.12 51.91 -8.29
C PRO B 356 11.93 50.99 -8.59
N ALA B 357 12.06 50.16 -9.63
CA ALA B 357 11.00 49.23 -10.00
C ALA B 357 11.51 48.12 -10.91
N VAL B 358 10.86 46.97 -10.88
CA VAL B 358 11.29 45.84 -11.70
C VAL B 358 10.15 45.42 -12.60
N ARG B 359 10.45 44.92 -13.78
CA ARG B 359 9.36 44.50 -14.64
C ARG B 359 9.09 43.01 -14.41
N ILE B 360 7.85 42.69 -14.07
CA ILE B 360 7.46 41.31 -13.84
C ILE B 360 6.18 41.01 -14.63
N LEU B 361 6.19 39.90 -15.35
CA LEU B 361 5.02 39.50 -16.15
C LEU B 361 4.44 40.72 -16.88
N GLY B 362 5.27 41.33 -17.73
CA GLY B 362 4.87 42.50 -18.52
C GLY B 362 4.19 43.65 -17.80
N GLU B 363 4.76 44.08 -16.68
CA GLU B 363 4.19 45.16 -15.89
C GLU B 363 5.29 45.75 -15.02
N GLU B 364 5.48 47.06 -15.11
CA GLU B 364 6.50 47.72 -14.31
C GLU B 364 5.93 47.74 -12.90
N VAL B 365 6.67 47.20 -11.92
CA VAL B 365 6.19 47.18 -10.56
C VAL B 365 7.16 47.82 -9.59
N PRO B 366 6.71 48.89 -8.91
CA PRO B 366 7.49 49.66 -7.93
C PRO B 366 8.00 48.71 -6.87
N LEU B 367 9.27 48.88 -6.49
CA LEU B 367 9.89 48.03 -5.47
C LEU B 367 10.03 48.72 -4.11
N ARG B 368 9.10 48.44 -3.21
CA ARG B 368 9.12 49.05 -1.88
C ARG B 368 9.32 48.00 -0.80
N ALA B 369 8.97 46.74 -1.09
CA ALA B 369 9.13 45.67 -0.11
C ALA B 369 10.58 45.59 0.33
N SER B 370 10.81 45.09 1.53
CA SER B 370 12.19 44.96 1.98
C SER B 370 12.68 43.64 1.43
N VAL B 371 13.94 43.59 1.01
CA VAL B 371 14.49 42.36 0.47
C VAL B 371 15.65 41.89 1.34
N HIS B 372 15.76 40.56 1.50
CA HIS B 372 16.81 39.97 2.31
C HIS B 372 17.37 38.76 1.60
N THR B 373 18.65 38.49 1.86
CA THR B 373 19.34 37.36 1.27
C THR B 373 19.98 36.53 2.38
N LEU B 374 19.60 35.26 2.48
CA LEU B 374 20.18 34.42 3.52
C LEU B 374 20.82 33.21 2.86
N GLY B 375 22.07 33.38 2.44
CA GLY B 375 22.79 32.29 1.81
C GLY B 375 23.01 31.20 2.83
N GLY B 376 22.86 31.55 4.11
CA GLY B 376 23.03 30.60 5.17
C GLY B 376 22.33 29.27 4.89
N PHE B 377 21.19 29.33 4.21
CA PHE B 377 20.45 28.12 3.91
C PHE B 377 20.95 27.37 2.68
N SER B 378 22.20 27.59 2.29
CA SER B 378 22.69 26.90 1.10
C SER B 378 22.88 25.41 1.36
N GLY B 379 22.42 24.59 0.43
CA GLY B 379 22.55 23.15 0.57
C GLY B 379 23.85 22.61 0.00
N HIS B 380 24.77 23.52 -0.33
CA HIS B 380 26.06 23.13 -0.89
C HIS B 380 27.14 23.60 0.05
N ALA B 381 28.11 22.74 0.31
CA ALA B 381 29.20 23.08 1.21
C ALA B 381 29.85 24.40 0.80
N GLY B 382 30.27 25.18 1.79
CA GLY B 382 30.94 26.43 1.49
C GLY B 382 32.30 26.12 0.89
N GLN B 383 33.23 27.06 0.95
CA GLN B 383 34.56 26.81 0.39
C GLN B 383 35.42 26.14 1.44
N ASP B 384 35.35 26.68 2.64
CA ASP B 384 36.09 26.19 3.78
C ASP B 384 35.70 24.72 4.03
N GLU B 385 34.39 24.47 4.03
CA GLU B 385 33.90 23.13 4.27
C GLU B 385 34.39 22.20 3.19
N LEU B 386 34.39 22.73 1.96
CA LEU B 386 34.81 21.99 0.78
C LEU B 386 36.29 21.66 0.85
N LEU B 387 37.07 22.57 1.42
CA LEU B 387 38.50 22.28 1.55
C LEU B 387 38.63 21.19 2.60
N ASP B 388 38.02 21.39 3.77
CA ASP B 388 38.07 20.42 4.85
C ASP B 388 37.84 18.99 4.35
N TRP B 389 36.77 18.77 3.59
CA TRP B 389 36.46 17.45 3.06
C TRP B 389 37.60 16.92 2.19
N LEU B 390 38.27 17.82 1.47
CA LEU B 390 39.34 17.47 0.55
C LEU B 390 40.70 17.43 1.25
N GLN B 391 40.76 17.97 2.46
CA GLN B 391 42.01 18.00 3.21
C GLN B 391 42.69 16.64 3.16
N GLY B 392 43.99 16.67 2.86
CA GLY B 392 44.76 15.44 2.81
C GLY B 392 44.80 14.64 1.51
N GLU B 393 43.83 14.80 0.63
CA GLU B 393 43.81 14.06 -0.63
C GLU B 393 44.88 14.62 -1.57
N PRO B 394 45.72 13.75 -2.15
CA PRO B 394 46.77 14.25 -3.05
C PRO B 394 46.30 14.77 -4.42
N ARG B 395 45.25 14.16 -4.99
CA ARG B 395 44.79 14.62 -6.31
C ARG B 395 43.29 14.93 -6.40
N VAL B 396 42.97 16.16 -6.73
CA VAL B 396 41.58 16.53 -6.88
C VAL B 396 41.29 16.99 -8.32
N VAL B 397 40.26 16.41 -8.93
CA VAL B 397 39.82 16.77 -10.28
C VAL B 397 38.45 17.47 -10.13
N LEU B 398 38.46 18.80 -10.29
CA LEU B 398 37.26 19.62 -10.14
C LEU B 398 36.19 19.56 -11.22
N VAL B 399 34.94 19.58 -10.80
CA VAL B 399 33.80 19.56 -11.70
C VAL B 399 32.64 20.35 -11.09
N VAL B 400 31.48 20.31 -11.75
CA VAL B 400 30.28 21.02 -11.29
C VAL B 400 30.58 22.44 -10.84
N GLY B 401 30.93 23.29 -11.80
CA GLY B 401 31.23 24.66 -11.45
C GLY B 401 31.68 25.47 -12.65
N GLU B 402 31.94 26.74 -12.40
CA GLU B 402 32.39 27.67 -13.42
C GLU B 402 33.90 27.80 -13.27
N GLU B 403 34.61 27.79 -14.39
CA GLU B 403 36.06 27.92 -14.35
C GLU B 403 36.55 28.87 -13.27
N GLU B 404 36.09 30.12 -13.30
CA GLU B 404 36.53 31.09 -12.31
C GLU B 404 36.38 30.51 -10.91
N LYS B 405 35.25 29.86 -10.65
CA LYS B 405 34.97 29.23 -9.35
C LYS B 405 35.93 28.08 -9.09
N LEU B 406 35.97 27.13 -10.01
CA LEU B 406 36.87 25.98 -9.90
C LEU B 406 38.33 26.39 -9.70
N LEU B 407 38.78 27.38 -10.48
CA LEU B 407 40.17 27.87 -10.37
C LEU B 407 40.36 28.53 -9.00
N ALA B 408 39.31 29.19 -8.50
CA ALA B 408 39.38 29.83 -7.20
C ALA B 408 39.70 28.76 -6.14
N LEU B 409 39.02 27.61 -6.24
CA LEU B 409 39.22 26.52 -5.31
C LEU B 409 40.60 25.98 -5.61
N GLY B 410 40.78 25.61 -6.87
CA GLY B 410 42.04 25.05 -7.34
C GLY B 410 43.26 25.76 -6.82
N LYS B 411 43.20 27.08 -6.77
CA LYS B 411 44.33 27.86 -6.29
C LYS B 411 44.65 27.43 -4.87
N LEU B 412 43.63 27.50 -4.02
CA LEU B 412 43.76 27.14 -2.62
C LEU B 412 44.29 25.73 -2.46
N LEU B 413 43.73 24.82 -3.24
CA LEU B 413 44.16 23.43 -3.18
C LEU B 413 45.63 23.35 -3.57
N ALA B 414 45.97 23.88 -4.75
CA ALA B 414 47.34 23.84 -5.22
C ALA B 414 48.29 24.43 -4.18
N LEU B 415 47.88 25.53 -3.57
CA LEU B 415 48.70 26.15 -2.54
C LEU B 415 48.86 25.20 -1.38
N ARG B 416 47.82 24.43 -1.11
CA ARG B 416 47.86 23.50 -0.01
C ARG B 416 48.77 22.31 -0.30
N GLY B 417 49.17 22.15 -1.55
CA GLY B 417 50.06 21.06 -1.90
C GLY B 417 49.41 19.98 -2.74
N GLN B 418 48.10 20.10 -2.89
CA GLN B 418 47.35 19.11 -3.64
C GLN B 418 47.38 19.38 -5.14
N GLU B 419 47.48 18.31 -5.93
CA GLU B 419 47.48 18.47 -7.38
C GLU B 419 46.04 18.58 -7.81
N VAL B 420 45.68 19.73 -8.37
CA VAL B 420 44.32 19.95 -8.83
C VAL B 420 44.25 20.14 -10.33
N SER B 421 43.09 19.84 -10.89
CA SER B 421 42.88 19.98 -12.30
C SER B 421 41.40 20.19 -12.54
N LEU B 422 41.04 20.55 -13.77
CA LEU B 422 39.66 20.74 -14.14
C LEU B 422 39.34 19.73 -15.22
N ALA B 423 38.33 18.91 -14.97
CA ALA B 423 37.92 17.88 -15.91
C ALA B 423 37.51 18.47 -17.25
N ARG B 424 37.50 17.62 -18.28
CA ARG B 424 37.11 18.00 -19.62
C ARG B 424 36.28 16.89 -20.23
N PHE B 425 35.13 17.27 -20.79
CA PHE B 425 34.20 16.32 -21.39
C PHE B 425 34.90 15.30 -22.27
N GLY B 426 34.61 14.03 -22.01
CA GLY B 426 35.19 12.93 -22.77
C GLY B 426 36.65 12.62 -22.47
N GLU B 427 37.38 13.57 -21.89
CA GLU B 427 38.79 13.39 -21.56
C GLU B 427 39.02 12.56 -20.29
N GLY B 428 39.40 11.30 -20.49
CA GLY B 428 39.64 10.38 -19.39
C GLY B 428 40.75 10.81 -18.44
N VAL B 429 40.67 10.31 -17.20
CA VAL B 429 41.66 10.61 -16.17
C VAL B 429 42.00 9.30 -15.46
N PRO B 430 43.30 8.97 -15.38
CA PRO B 430 43.75 7.74 -14.73
C PRO B 430 43.75 7.89 -13.21
N VAL B 431 43.17 6.90 -12.54
CA VAL B 431 43.13 6.90 -11.08
C VAL B 431 44.48 6.36 -10.57
N MET C 1 51.79 -3.67 4.48
CA MET C 1 50.60 -3.88 5.34
C MET C 1 50.47 -5.34 5.76
N ARG C 2 50.47 -5.58 7.07
CA ARG C 2 50.29 -6.93 7.56
C ARG C 2 49.50 -6.96 8.84
N ILE C 3 48.81 -8.08 9.05
CA ILE C 3 47.99 -8.30 10.24
C ILE C 3 48.59 -9.40 11.12
N VAL C 4 48.74 -9.10 12.42
CA VAL C 4 49.30 -10.05 13.38
C VAL C 4 48.33 -10.48 14.48
N PRO C 5 47.91 -11.77 14.46
CA PRO C 5 46.97 -12.31 15.45
C PRO C 5 47.57 -12.42 16.86
N PHE C 6 46.80 -12.02 17.87
CA PHE C 6 47.25 -12.10 19.25
C PHE C 6 46.06 -12.58 20.07
N GLY C 7 45.20 -13.33 19.39
CA GLY C 7 44.01 -13.88 20.00
C GLY C 7 43.35 -14.75 18.96
N ALA C 8 42.24 -15.38 19.35
CA ALA C 8 41.46 -16.27 18.47
C ALA C 8 42.22 -17.15 17.48
N ALA C 9 43.51 -17.37 17.70
CA ALA C 9 44.31 -18.19 16.80
C ALA C 9 44.03 -19.68 17.01
N ARG C 10 43.24 -20.25 16.10
CA ARG C 10 42.87 -21.67 16.15
C ARG C 10 41.89 -22.01 17.28
N GLU C 11 41.81 -21.10 18.25
CA GLU C 11 40.92 -21.23 19.40
C GLU C 11 39.67 -20.37 19.14
N VAL C 12 38.84 -20.18 20.16
CA VAL C 12 37.62 -19.41 19.93
C VAL C 12 37.54 -18.04 20.60
N THR C 13 38.23 -17.85 21.72
CA THR C 13 38.15 -16.55 22.36
C THR C 13 39.46 -15.78 22.34
N GLY C 14 39.41 -14.54 22.84
CA GLY C 14 40.58 -13.69 22.90
C GLY C 14 40.96 -12.88 21.66
N SER C 15 40.04 -12.76 20.70
CA SER C 15 40.27 -12.01 19.47
C SER C 15 40.98 -10.67 19.66
N ALA C 16 42.09 -10.49 18.96
CA ALA C 16 42.87 -9.25 19.03
C ALA C 16 43.91 -9.28 17.91
N HIS C 17 43.80 -8.33 16.97
CA HIS C 17 44.71 -8.32 15.84
C HIS C 17 45.35 -6.97 15.54
N LEU C 18 46.67 -6.93 15.59
CA LEU C 18 47.43 -5.72 15.35
C LEU C 18 47.64 -5.52 13.86
N LEU C 19 47.06 -4.44 13.34
CA LEU C 19 47.20 -4.12 11.91
C LEU C 19 48.34 -3.13 11.74
N LEU C 20 49.41 -3.59 11.10
CA LEU C 20 50.57 -2.73 10.88
C LEU C 20 50.49 -2.22 9.44
N ALA C 21 50.25 -0.92 9.31
CA ALA C 21 50.10 -0.29 7.99
C ALA C 21 50.01 1.22 8.07
N GLY C 22 50.26 1.87 6.92
CA GLY C 22 50.20 3.32 6.80
C GLY C 22 51.00 4.16 7.78
N GLY C 23 52.03 3.56 8.39
CA GLY C 23 52.81 4.30 9.36
C GLY C 23 52.07 4.30 10.69
N ARG C 24 51.14 3.37 10.82
CA ARG C 24 50.34 3.25 12.02
C ARG C 24 50.26 1.82 12.54
N ARG C 25 49.77 1.68 13.76
CA ARG C 25 49.62 0.36 14.38
C ARG C 25 48.24 0.38 15.02
N VAL C 26 47.30 -0.28 14.35
CA VAL C 26 45.91 -0.33 14.83
C VAL C 26 45.52 -1.71 15.32
N LEU C 27 45.00 -1.76 16.55
CA LEU C 27 44.56 -3.01 17.17
C LEU C 27 43.11 -3.25 16.80
N LEU C 28 42.82 -4.38 16.19
CA LEU C 28 41.45 -4.73 15.82
C LEU C 28 40.88 -5.67 16.88
N ASP C 29 40.00 -5.13 17.73
CA ASP C 29 39.40 -5.89 18.83
C ASP C 29 40.45 -6.16 19.89
N CYS C 30 40.01 -6.22 21.14
CA CYS C 30 40.91 -6.49 22.26
C CYS C 30 40.15 -7.40 23.22
N GLY C 31 39.98 -8.65 22.81
CA GLY C 31 39.22 -9.60 23.61
C GLY C 31 39.93 -10.38 24.71
N MET C 32 39.13 -10.82 25.68
CA MET C 32 39.66 -11.61 26.79
C MET C 32 39.48 -13.08 26.42
N PHE C 33 40.40 -13.91 26.91
CA PHE C 33 40.31 -15.34 26.67
C PHE C 33 39.28 -15.84 27.67
N GLN C 34 38.63 -16.94 27.34
CA GLN C 34 37.63 -17.48 28.24
C GLN C 34 37.63 -19.00 28.31
N GLY C 35 37.07 -19.50 29.40
CA GLY C 35 36.97 -20.93 29.62
C GLY C 35 38.30 -21.63 29.70
N LYS C 36 38.54 -22.49 28.72
CA LYS C 36 39.76 -23.28 28.63
C LYS C 36 41.03 -22.43 28.63
N GLU C 37 40.95 -21.20 28.12
CA GLU C 37 42.13 -20.34 28.01
C GLU C 37 42.20 -19.10 28.88
N GLU C 38 41.10 -18.78 29.56
CA GLU C 38 41.03 -17.60 30.43
C GLU C 38 42.34 -17.20 31.12
N ALA C 39 43.11 -18.19 31.57
CA ALA C 39 44.37 -17.92 32.25
C ALA C 39 45.27 -16.94 31.49
N ARG C 40 45.19 -16.96 30.16
CA ARG C 40 46.00 -16.09 29.33
C ARG C 40 45.74 -14.59 29.55
N ASN C 41 44.54 -14.24 30.00
CA ASN C 41 44.20 -12.83 30.26
C ASN C 41 45.15 -12.25 31.30
N HIS C 42 45.98 -13.11 31.88
CA HIS C 42 46.93 -12.69 32.91
C HIS C 42 48.36 -12.67 32.38
N ALA C 43 48.51 -12.98 31.10
CA ALA C 43 49.80 -13.00 30.43
C ALA C 43 49.94 -11.80 29.51
N PRO C 44 51.17 -11.47 29.10
CA PRO C 44 51.42 -10.33 28.22
C PRO C 44 50.64 -10.40 26.88
N PHE C 45 50.45 -9.25 26.24
CA PHE C 45 49.72 -9.16 24.97
C PHE C 45 50.50 -9.73 23.81
N GLY C 46 51.80 -9.45 23.81
CA GLY C 46 52.66 -9.92 22.74
C GLY C 46 53.06 -8.68 21.96
N PHE C 47 52.66 -7.52 22.47
CA PHE C 47 52.98 -6.24 21.85
C PHE C 47 52.88 -5.08 22.85
N ASP C 48 53.74 -4.08 22.69
CA ASP C 48 53.72 -2.95 23.58
C ASP C 48 52.45 -2.11 23.36
N PRO C 49 51.46 -2.24 24.24
CA PRO C 49 50.22 -1.46 24.06
C PRO C 49 50.46 0.06 23.99
N LYS C 50 51.64 0.52 24.41
CA LYS C 50 52.00 1.94 24.37
C LYS C 50 52.39 2.34 22.93
N GLU C 51 52.43 1.38 22.03
CA GLU C 51 52.81 1.64 20.65
C GLU C 51 51.59 1.63 19.75
N VAL C 52 50.46 1.17 20.28
CA VAL C 52 49.23 1.14 19.50
C VAL C 52 48.77 2.60 19.29
N ASP C 53 48.27 2.89 18.08
CA ASP C 53 47.81 4.25 17.74
C ASP C 53 46.33 4.38 17.94
N ALA C 54 45.62 3.29 17.71
CA ALA C 54 44.17 3.27 17.87
C ALA C 54 43.72 1.85 17.77
N VAL C 55 42.55 1.58 18.32
CA VAL C 55 41.98 0.24 18.27
C VAL C 55 40.53 0.38 17.80
N LEU C 56 40.02 -0.62 17.08
CA LEU C 56 38.64 -0.62 16.63
C LEU C 56 37.92 -1.83 17.22
N LEU C 57 36.69 -1.63 17.71
CA LEU C 57 35.92 -2.72 18.32
C LEU C 57 34.71 -3.12 17.49
N THR C 58 34.71 -4.38 17.04
CA THR C 58 33.62 -4.91 16.22
C THR C 58 32.25 -4.92 16.91
N HIS C 59 32.22 -5.24 18.19
CA HIS C 59 30.98 -5.28 18.97
C HIS C 59 31.31 -5.47 20.44
N ALA C 60 30.33 -5.25 21.31
CA ALA C 60 30.56 -5.32 22.75
C ALA C 60 30.69 -6.67 23.48
N HIS C 61 31.03 -7.75 22.78
CA HIS C 61 31.20 -9.04 23.47
C HIS C 61 32.55 -9.16 24.19
N LEU C 62 32.51 -9.65 25.42
CA LEU C 62 33.72 -9.83 26.23
C LEU C 62 34.87 -10.48 25.48
N ASP C 63 34.58 -11.51 24.67
CA ASP C 63 35.63 -12.19 23.94
C ASP C 63 36.20 -11.40 22.76
N HIS C 64 35.87 -10.12 22.70
CA HIS C 64 36.36 -9.22 21.64
C HIS C 64 36.74 -7.87 22.24
N VAL C 65 36.31 -7.63 23.48
CA VAL C 65 36.57 -6.38 24.18
C VAL C 65 37.23 -6.61 25.55
N GLY C 66 37.04 -7.80 26.09
CA GLY C 66 37.57 -8.19 27.39
C GLY C 66 38.86 -7.58 27.91
N ARG C 67 39.94 -7.70 27.15
CA ARG C 67 41.24 -7.18 27.58
C ARG C 67 41.46 -5.69 27.38
N LEU C 68 40.47 -4.99 26.84
CA LEU C 68 40.62 -3.55 26.60
C LEU C 68 41.05 -2.82 27.86
N PRO C 69 40.37 -3.06 29.00
CA PRO C 69 40.81 -2.34 30.21
C PRO C 69 42.25 -2.71 30.59
N LYS C 70 42.65 -3.94 30.31
CA LYS C 70 44.02 -4.35 30.59
C LYS C 70 44.91 -3.41 29.80
N LEU C 71 44.58 -3.27 28.51
CA LEU C 71 45.30 -2.42 27.57
C LEU C 71 45.59 -1.05 28.11
N PHE C 72 44.61 -0.46 28.81
CA PHE C 72 44.81 0.86 29.37
C PHE C 72 45.72 0.75 30.58
N ARG C 73 45.58 -0.33 31.31
CA ARG C 73 46.38 -0.58 32.49
C ARG C 73 47.88 -0.52 32.13
N GLU C 74 48.23 -1.01 30.95
CA GLU C 74 49.63 -1.01 30.56
C GLU C 74 50.14 0.17 29.74
N GLY C 75 49.59 1.36 29.98
CA GLY C 75 50.08 2.53 29.27
C GLY C 75 49.24 3.16 28.17
N TYR C 76 48.62 2.34 27.33
CA TYR C 76 47.82 2.89 26.26
C TYR C 76 46.93 4.04 26.71
N ARG C 77 46.92 5.12 25.93
CA ARG C 77 46.09 6.28 26.23
C ARG C 77 45.50 6.85 24.96
N GLY C 78 45.37 6.00 23.94
CA GLY C 78 44.83 6.41 22.66
C GLY C 78 43.33 6.23 22.49
N PRO C 79 42.81 6.56 21.30
CA PRO C 79 41.37 6.42 21.07
C PRO C 79 40.96 4.97 20.86
N VAL C 80 39.66 4.73 21.02
CA VAL C 80 39.07 3.42 20.80
C VAL C 80 37.80 3.70 20.02
N TYR C 81 37.77 3.21 18.79
CA TYR C 81 36.64 3.42 17.90
C TYR C 81 35.69 2.24 17.89
N ALA C 82 34.40 2.53 17.77
CA ALA C 82 33.34 1.53 17.74
C ALA C 82 32.01 2.26 17.58
N THR C 83 30.97 1.55 17.17
CA THR C 83 29.66 2.19 17.01
C THR C 83 29.10 2.70 18.32
N ARG C 84 28.19 3.68 18.24
CA ARG C 84 27.59 4.27 19.42
C ARG C 84 26.93 3.20 20.26
N ALA C 85 26.28 2.26 19.59
CA ALA C 85 25.61 1.16 20.28
C ALA C 85 26.65 0.44 21.13
N THR C 86 27.60 -0.19 20.46
CA THR C 86 28.69 -0.89 21.13
C THR C 86 29.18 -0.07 22.34
N VAL C 87 29.42 1.22 22.12
CA VAL C 87 29.91 2.10 23.17
C VAL C 87 29.04 2.10 24.40
N LEU C 88 27.75 1.94 24.19
CA LEU C 88 26.80 1.93 25.30
C LEU C 88 26.67 0.54 25.92
N LEU C 89 26.70 -0.49 25.08
CA LEU C 89 26.62 -1.86 25.54
C LEU C 89 27.85 -2.19 26.36
N MET C 90 29.00 -1.64 25.93
CA MET C 90 30.26 -1.87 26.63
C MET C 90 30.30 -1.39 28.07
N GLU C 91 29.49 -0.39 28.41
CA GLU C 91 29.49 0.12 29.77
C GLU C 91 28.90 -0.94 30.68
N ILE C 92 27.82 -1.57 30.22
CA ILE C 92 27.18 -2.63 30.98
C ILE C 92 28.15 -3.82 31.04
N VAL C 93 28.43 -4.40 29.88
CA VAL C 93 29.33 -5.54 29.74
C VAL C 93 30.61 -5.47 30.57
N LEU C 94 31.23 -4.31 30.65
CA LEU C 94 32.47 -4.18 31.40
C LEU C 94 32.31 -4.09 32.90
N GLU C 95 31.71 -2.99 33.38
CA GLU C 95 31.51 -2.82 34.81
C GLU C 95 30.92 -4.08 35.44
N ASP C 96 30.32 -4.93 34.60
CA ASP C 96 29.75 -6.18 35.07
C ASP C 96 30.87 -7.20 35.15
N ALA C 97 31.49 -7.49 34.00
CA ALA C 97 32.58 -8.45 33.96
C ALA C 97 33.64 -8.08 34.98
N LEU C 98 33.57 -6.85 35.48
CA LEU C 98 34.50 -6.35 36.48
C LEU C 98 34.07 -6.95 37.82
N LYS C 99 32.79 -6.82 38.11
CA LYS C 99 32.19 -7.33 39.34
C LYS C 99 32.17 -8.85 39.36
N VAL C 100 31.66 -9.45 38.28
CA VAL C 100 31.55 -10.90 38.15
C VAL C 100 32.78 -11.54 37.48
N MET C 101 33.96 -11.29 38.04
CA MET C 101 35.19 -11.87 37.49
C MET C 101 35.95 -12.70 38.51
N ASP C 102 35.99 -14.01 38.29
CA ASP C 102 36.69 -14.92 39.20
C ASP C 102 38.11 -14.42 39.48
N GLU C 103 38.97 -14.42 38.47
CA GLU C 103 40.34 -13.95 38.68
C GLU C 103 40.63 -12.71 37.84
N PRO C 104 40.44 -11.53 38.45
CA PRO C 104 40.65 -10.20 37.84
C PRO C 104 42.07 -9.90 37.40
N PHE C 105 42.18 -9.14 36.32
CA PHE C 105 43.47 -8.74 35.81
C PHE C 105 43.54 -7.23 35.58
N PHE C 106 42.45 -6.55 35.92
CA PHE C 106 42.37 -5.10 35.80
C PHE C 106 41.41 -4.52 36.84
N GLY C 107 41.76 -3.38 37.41
CA GLY C 107 40.92 -2.76 38.41
C GLY C 107 39.90 -1.82 37.78
N PRO C 108 38.85 -1.45 38.53
CA PRO C 108 37.84 -0.55 37.97
C PRO C 108 38.45 0.72 37.39
N GLU C 109 39.61 1.12 37.90
CA GLU C 109 40.28 2.31 37.41
C GLU C 109 40.68 2.11 35.96
N ASP C 110 40.96 0.87 35.58
CA ASP C 110 41.34 0.56 34.22
C ASP C 110 40.09 0.49 33.36
N VAL C 111 38.93 0.48 34.02
CA VAL C 111 37.66 0.42 33.30
C VAL C 111 37.17 1.80 32.88
N GLU C 112 37.04 2.71 33.84
CA GLU C 112 36.57 4.05 33.52
C GLU C 112 37.49 4.67 32.47
N GLU C 113 38.79 4.42 32.60
CA GLU C 113 39.77 4.94 31.65
C GLU C 113 39.37 4.49 30.26
N ALA C 114 39.33 3.17 30.06
CA ALA C 114 38.97 2.58 28.77
C ALA C 114 37.70 3.23 28.20
N LEU C 115 36.63 3.23 28.97
CA LEU C 115 35.36 3.82 28.52
C LEU C 115 35.58 5.27 28.10
N GLY C 116 36.38 5.99 28.88
CA GLY C 116 36.68 7.39 28.61
C GLY C 116 37.39 7.65 27.29
N HIS C 117 37.95 6.61 26.69
CA HIS C 117 38.64 6.78 25.42
C HIS C 117 37.80 6.25 24.28
N LEU C 118 36.55 5.94 24.56
CA LEU C 118 35.67 5.44 23.52
C LEU C 118 35.18 6.57 22.64
N ARG C 119 35.33 6.38 21.34
CA ARG C 119 34.87 7.35 20.37
C ARG C 119 34.01 6.65 19.34
N PRO C 120 32.84 7.21 19.01
CA PRO C 120 31.94 6.59 18.03
C PRO C 120 32.46 6.65 16.60
N LEU C 121 32.11 5.65 15.81
CA LEU C 121 32.49 5.57 14.41
C LEU C 121 31.37 4.72 13.85
N GLU C 122 30.56 5.27 12.96
CA GLU C 122 29.43 4.51 12.44
C GLU C 122 29.71 3.73 11.18
N TYR C 123 28.72 2.98 10.73
CA TYR C 123 28.87 2.19 9.52
C TYR C 123 29.05 3.17 8.37
N GLY C 124 29.92 2.84 7.43
CA GLY C 124 30.12 3.72 6.29
C GLY C 124 31.02 4.93 6.50
N GLU C 125 31.27 5.31 7.75
CA GLU C 125 32.14 6.45 8.04
C GLU C 125 33.59 6.02 7.84
N TRP C 126 34.44 6.93 7.36
CA TRP C 126 35.85 6.60 7.15
C TRP C 126 36.78 7.29 8.13
N LEU C 127 37.61 6.46 8.77
CA LEU C 127 38.58 6.94 9.73
C LEU C 127 39.91 7.01 9.00
N ARG C 128 40.75 7.95 9.42
CA ARG C 128 42.06 8.10 8.78
C ARG C 128 43.19 8.36 9.75
N LEU C 129 44.10 7.41 9.81
CA LEU C 129 45.29 7.52 10.66
C LEU C 129 46.40 7.41 9.63
N GLY C 130 47.42 8.25 9.75
CA GLY C 130 48.51 8.19 8.80
C GLY C 130 47.96 8.05 7.40
N ALA C 131 48.39 7.01 6.68
CA ALA C 131 47.94 6.79 5.32
C ALA C 131 47.02 5.60 5.22
N LEU C 132 46.25 5.37 6.28
CA LEU C 132 45.34 4.23 6.35
C LEU C 132 43.88 4.66 6.38
N SER C 133 43.01 3.87 5.78
CA SER C 133 41.60 4.21 5.75
C SER C 133 40.74 3.06 6.23
N LEU C 134 40.04 3.29 7.33
CA LEU C 134 39.20 2.25 7.92
C LEU C 134 37.73 2.59 7.85
N ALA C 135 36.92 1.55 7.67
CA ALA C 135 35.48 1.72 7.61
C ALA C 135 34.77 0.50 8.17
N PHE C 136 33.66 0.71 8.86
CA PHE C 136 32.86 -0.37 9.45
C PHE C 136 31.79 -0.85 8.50
N GLY C 137 31.65 -2.17 8.38
CA GLY C 137 30.61 -2.75 7.55
C GLY C 137 29.60 -3.46 8.46
N GLN C 138 28.33 -3.48 8.07
CA GLN C 138 27.28 -4.10 8.87
C GLN C 138 27.49 -5.61 9.08
N ALA C 139 27.63 -6.03 10.34
CA ALA C 139 27.85 -7.45 10.66
C ALA C 139 26.59 -8.22 11.10
N GLY C 140 25.57 -7.48 11.56
CA GLY C 140 24.33 -8.11 11.98
C GLY C 140 24.48 -9.27 12.93
N HIS C 141 25.27 -9.07 13.98
CA HIS C 141 25.51 -10.11 15.00
C HIS C 141 25.12 -9.55 16.38
N LEU C 142 24.99 -8.24 16.44
CA LEU C 142 24.66 -7.57 17.68
C LEU C 142 24.40 -6.11 17.34
N PRO C 143 23.55 -5.44 18.12
CA PRO C 143 23.30 -4.04 17.83
C PRO C 143 24.64 -3.30 17.74
N GLY C 144 25.07 -3.00 16.52
CA GLY C 144 26.32 -2.30 16.36
C GLY C 144 27.49 -3.23 16.08
N SER C 145 27.18 -4.45 15.66
CA SER C 145 28.23 -5.40 15.33
C SER C 145 28.72 -4.99 13.97
N ALA C 146 30.04 -4.94 13.79
CA ALA C 146 30.57 -4.54 12.51
C ALA C 146 31.82 -5.28 12.08
N PHE C 147 32.00 -5.39 10.77
CA PHE C 147 33.22 -6.00 10.28
C PHE C 147 34.07 -4.81 9.78
N VAL C 148 35.38 -4.91 9.94
CA VAL C 148 36.27 -3.81 9.55
C VAL C 148 36.83 -3.91 8.14
N VAL C 149 36.83 -2.79 7.44
CA VAL C 149 37.42 -2.72 6.10
C VAL C 149 38.60 -1.76 6.24
N ALA C 150 39.77 -2.22 5.83
CA ALA C 150 40.99 -1.43 5.90
C ALA C 150 41.60 -1.29 4.52
N GLN C 151 42.07 -0.09 4.22
CA GLN C 151 42.65 0.16 2.92
C GLN C 151 43.84 1.08 3.11
N GLY C 152 44.93 0.72 2.45
CA GLY C 152 46.14 1.51 2.55
C GLY C 152 47.29 0.90 1.77
N GLU C 153 48.17 1.74 1.28
CA GLU C 153 49.33 1.28 0.52
C GLU C 153 48.93 0.40 -0.64
N GLY C 154 47.81 0.70 -1.28
CA GLY C 154 47.38 -0.10 -2.41
C GLY C 154 46.84 -1.46 -2.04
N ARG C 155 46.70 -1.73 -0.75
CA ARG C 155 46.19 -3.02 -0.32
C ARG C 155 44.90 -2.88 0.47
N THR C 156 44.12 -3.96 0.50
CA THR C 156 42.86 -3.95 1.22
C THR C 156 42.66 -5.17 2.09
N LEU C 157 42.32 -4.91 3.35
CA LEU C 157 42.05 -5.97 4.30
C LEU C 157 40.63 -5.90 4.85
N VAL C 158 39.96 -7.05 4.89
CA VAL C 158 38.62 -7.10 5.48
C VAL C 158 38.74 -8.03 6.69
N TYR C 159 38.17 -7.61 7.82
CA TYR C 159 38.19 -8.39 9.06
C TYR C 159 36.74 -8.63 9.54
N SER C 160 36.27 -9.86 9.34
CA SER C 160 34.91 -10.26 9.69
C SER C 160 34.45 -10.00 11.11
N GLY C 161 35.24 -10.43 12.08
CA GLY C 161 34.81 -10.28 13.45
C GLY C 161 33.70 -11.30 13.61
N ASP C 162 32.69 -11.00 14.41
CA ASP C 162 31.60 -11.96 14.57
C ASP C 162 30.39 -11.62 13.71
N LEU C 163 30.14 -12.44 12.69
CA LEU C 163 28.99 -12.24 11.82
C LEU C 163 27.79 -12.80 12.56
N GLY C 164 26.60 -12.34 12.17
CA GLY C 164 25.40 -12.81 12.82
C GLY C 164 24.62 -13.78 11.98
N ASN C 165 23.45 -14.16 12.48
CA ASN C 165 22.57 -15.10 11.80
C ASN C 165 21.60 -14.30 10.91
N ARG C 166 21.90 -14.24 9.61
CA ARG C 166 21.08 -13.47 8.67
C ARG C 166 19.61 -13.86 8.61
N GLU C 167 19.15 -14.70 9.54
CA GLU C 167 17.76 -15.14 9.56
C GLU C 167 16.85 -14.49 10.60
N LYS C 168 17.37 -14.32 11.81
CA LYS C 168 16.61 -13.71 12.90
C LYS C 168 15.98 -12.39 12.44
N ASP C 169 15.37 -11.63 13.34
CA ASP C 169 14.73 -10.38 12.91
C ASP C 169 15.10 -9.10 13.64
N VAL C 170 15.57 -9.22 14.88
CA VAL C 170 15.92 -8.03 15.65
C VAL C 170 17.02 -7.17 15.01
N LEU C 171 18.06 -7.83 14.50
CA LEU C 171 19.18 -7.14 13.88
C LEU C 171 19.04 -7.19 12.37
N PRO C 172 19.67 -6.24 11.66
CA PRO C 172 19.61 -6.20 10.19
C PRO C 172 20.56 -7.22 9.57
N ASP C 173 20.32 -7.55 8.31
CA ASP C 173 21.17 -8.50 7.61
C ASP C 173 22.60 -8.02 7.47
N PRO C 174 23.57 -8.95 7.49
CA PRO C 174 24.98 -8.59 7.35
C PRO C 174 25.28 -8.20 5.90
N SER C 175 26.07 -7.14 5.73
CA SER C 175 26.45 -6.66 4.41
C SER C 175 27.63 -7.45 3.88
N LEU C 176 27.62 -7.73 2.58
CA LEU C 176 28.71 -8.45 1.96
C LEU C 176 29.95 -7.56 1.98
N PRO C 177 31.15 -8.17 2.07
CA PRO C 177 32.34 -7.32 2.10
C PRO C 177 32.81 -6.97 0.69
N PRO C 178 33.75 -6.02 0.59
CA PRO C 178 34.27 -5.62 -0.72
C PRO C 178 35.31 -6.66 -1.10
N LEU C 179 35.81 -6.58 -2.33
CA LEU C 179 36.84 -7.51 -2.77
C LEU C 179 38.08 -7.09 -1.98
N ALA C 180 38.74 -8.05 -1.36
CA ALA C 180 39.92 -7.71 -0.57
C ALA C 180 41.11 -8.62 -0.87
N ASP C 181 42.30 -8.11 -0.56
CA ASP C 181 43.52 -8.87 -0.77
C ASP C 181 43.60 -9.95 0.29
N LEU C 182 43.11 -9.65 1.48
CA LEU C 182 43.12 -10.60 2.57
C LEU C 182 41.92 -10.42 3.48
N VAL C 183 41.25 -11.52 3.79
CA VAL C 183 40.08 -11.53 4.68
C VAL C 183 40.38 -12.36 5.94
N LEU C 184 40.41 -11.71 7.10
CA LEU C 184 40.62 -12.41 8.34
C LEU C 184 39.20 -12.77 8.82
N ALA C 185 38.76 -14.00 8.55
CA ALA C 185 37.41 -14.45 8.92
C ALA C 185 37.30 -15.41 10.10
N GLU C 186 36.12 -15.43 10.72
CA GLU C 186 35.82 -16.29 11.86
C GLU C 186 35.26 -17.61 11.35
N GLY C 187 35.29 -18.63 12.19
CA GLY C 187 34.77 -19.93 11.78
C GLY C 187 33.96 -20.60 12.88
N THR C 188 33.48 -19.81 13.84
CA THR C 188 32.70 -20.31 14.96
C THR C 188 31.76 -21.45 14.56
N TYR C 189 31.30 -21.43 13.32
CA TYR C 189 30.42 -22.48 12.82
C TYR C 189 30.73 -22.81 11.38
N GLY C 190 31.89 -23.42 11.15
CA GLY C 190 32.27 -23.79 9.80
C GLY C 190 31.94 -25.26 9.53
N ASP C 191 31.50 -25.95 10.57
CA ASP C 191 31.13 -27.37 10.49
C ASP C 191 29.76 -27.62 9.87
N ARG C 192 28.74 -26.90 10.32
CA ARG C 192 27.38 -27.09 9.78
C ARG C 192 26.51 -25.83 9.93
N PRO C 193 25.37 -25.79 9.21
CA PRO C 193 24.44 -24.66 9.29
C PRO C 193 23.40 -24.94 10.40
N HIS C 194 22.92 -23.90 11.05
CA HIS C 194 21.92 -24.08 12.11
C HIS C 194 20.62 -24.57 11.51
N ARG C 195 19.55 -24.50 12.30
CA ARG C 195 18.23 -24.89 11.82
C ARG C 195 17.55 -23.58 11.44
N PRO C 196 16.70 -23.60 10.40
CA PRO C 196 16.00 -22.40 9.96
C PRO C 196 15.30 -21.65 11.10
N TYR C 197 15.46 -20.34 11.12
CA TYR C 197 14.85 -19.50 12.14
C TYR C 197 13.33 -19.61 12.09
N ARG C 198 12.79 -19.56 10.88
CA ARG C 198 11.35 -19.65 10.66
C ARG C 198 10.71 -20.70 11.57
N GLU C 199 10.97 -21.96 11.23
CA GLU C 199 10.45 -23.11 11.97
C GLU C 199 10.90 -23.13 13.43
N THR C 200 12.07 -22.57 13.71
CA THR C 200 12.59 -22.55 15.07
C THR C 200 11.68 -21.76 16.03
N VAL C 201 11.04 -20.71 15.52
CA VAL C 201 10.13 -19.92 16.33
C VAL C 201 8.85 -20.71 16.57
N ARG C 202 8.47 -21.52 15.59
CA ARG C 202 7.28 -22.35 15.67
C ARG C 202 7.45 -23.38 16.79
N GLU C 203 8.54 -24.13 16.73
CA GLU C 203 8.81 -25.13 17.75
C GLU C 203 9.01 -24.47 19.11
N PHE C 204 9.00 -23.14 19.13
CA PHE C 204 9.17 -22.37 20.36
C PHE C 204 7.81 -21.93 20.87
N LEU C 205 6.99 -21.37 19.97
CA LEU C 205 5.65 -20.93 20.34
C LEU C 205 4.86 -22.19 20.66
N GLU C 206 5.29 -23.30 20.09
CA GLU C 206 4.68 -24.60 20.28
C GLU C 206 4.96 -25.16 21.67
N ILE C 207 6.21 -25.04 22.12
CA ILE C 207 6.60 -25.52 23.43
C ILE C 207 5.89 -24.74 24.53
N LEU C 208 5.78 -23.43 24.34
CA LEU C 208 5.12 -22.56 25.31
C LEU C 208 3.62 -22.85 25.39
N GLU C 209 3.04 -23.29 24.27
CA GLU C 209 1.62 -23.62 24.23
C GLU C 209 1.39 -24.83 25.14
N LYS C 210 2.17 -25.88 24.91
CA LYS C 210 2.07 -27.11 25.71
C LYS C 210 2.34 -26.82 27.18
N THR C 211 3.56 -26.36 27.48
CA THR C 211 3.95 -26.08 28.84
C THR C 211 3.05 -25.10 29.62
N LEU C 212 2.91 -23.89 29.12
CA LEU C 212 2.11 -22.87 29.80
C LEU C 212 0.63 -23.22 29.98
N SER C 213 0.07 -24.00 29.05
CA SER C 213 -1.34 -24.38 29.16
C SER C 213 -1.56 -25.36 30.30
N GLN C 214 -0.75 -26.42 30.32
CA GLN C 214 -0.86 -27.42 31.37
C GLN C 214 -0.37 -26.86 32.70
N GLY C 215 -0.21 -25.55 32.76
CA GLY C 215 0.23 -24.88 33.98
C GLY C 215 1.71 -24.97 34.30
N GLY C 216 2.51 -25.43 33.34
CA GLY C 216 3.94 -25.55 33.56
C GLY C 216 4.77 -24.29 33.40
N LYS C 217 5.91 -24.28 34.07
CA LYS C 217 6.84 -23.15 34.02
C LYS C 217 7.83 -23.29 32.87
N VAL C 218 8.13 -22.16 32.21
CA VAL C 218 9.07 -22.15 31.10
C VAL C 218 10.33 -21.42 31.55
N LEU C 219 11.40 -22.18 31.77
CA LEU C 219 12.66 -21.62 32.22
C LEU C 219 13.63 -21.48 31.04
N ILE C 220 13.70 -20.27 30.50
CA ILE C 220 14.57 -20.00 29.35
C ILE C 220 15.89 -19.35 29.77
N PRO C 221 16.94 -20.16 29.92
CA PRO C 221 18.22 -19.55 30.31
C PRO C 221 18.71 -18.71 29.12
N THR C 222 18.99 -17.44 29.36
CA THR C 222 19.45 -16.55 28.31
C THR C 222 20.60 -15.66 28.75
N PHE C 223 21.22 -14.97 27.80
CA PHE C 223 22.31 -14.06 28.12
C PHE C 223 21.70 -12.69 28.27
N ALA C 224 22.23 -11.90 29.20
CA ALA C 224 21.70 -10.56 29.40
C ALA C 224 22.08 -9.66 28.24
N VAL C 225 23.14 -10.07 27.54
CA VAL C 225 23.67 -9.33 26.40
C VAL C 225 22.66 -9.08 25.28
N GLU C 226 22.20 -10.13 24.61
CA GLU C 226 21.25 -9.91 23.53
C GLU C 226 20.16 -10.97 23.36
N ARG C 227 20.45 -12.21 23.71
CA ARG C 227 19.44 -13.26 23.55
C ARG C 227 18.16 -12.91 24.30
N ALA C 228 18.34 -12.55 25.57
CA ALA C 228 17.24 -12.19 26.45
C ALA C 228 16.23 -11.23 25.83
N GLN C 229 16.68 -10.02 25.49
CA GLN C 229 15.77 -9.05 24.91
C GLN C 229 15.29 -9.46 23.53
N GLU C 230 15.86 -10.53 22.98
CA GLU C 230 15.42 -11.02 21.68
C GLU C 230 14.17 -11.86 21.89
N ILE C 231 14.22 -12.70 22.92
CA ILE C 231 13.10 -13.57 23.27
C ILE C 231 11.91 -12.68 23.63
N LEU C 232 12.17 -11.64 24.43
CA LEU C 232 11.12 -10.72 24.81
C LEU C 232 10.53 -10.17 23.54
N TYR C 233 11.37 -10.02 22.52
CA TYR C 233 10.87 -9.54 21.23
C TYR C 233 9.96 -10.62 20.67
N VAL C 234 10.55 -11.81 20.48
CA VAL C 234 9.84 -12.96 19.93
C VAL C 234 8.41 -13.08 20.46
N LEU C 235 8.24 -12.87 21.76
CA LEU C 235 6.93 -12.96 22.38
C LEU C 235 6.01 -11.81 21.98
N TYR C 236 6.48 -10.57 22.14
CA TYR C 236 5.70 -9.40 21.80
C TYR C 236 4.99 -9.54 20.46
N THR C 237 5.63 -10.25 19.54
CA THR C 237 5.06 -10.43 18.21
C THR C 237 4.50 -11.83 18.06
N HIS C 238 4.12 -12.45 19.18
CA HIS C 238 3.56 -13.79 19.17
C HIS C 238 2.78 -14.08 20.45
N GLY C 239 2.35 -13.04 21.14
CA GLY C 239 1.61 -13.20 22.38
C GLY C 239 0.12 -13.43 22.14
N HIS C 240 -0.36 -12.90 21.01
CA HIS C 240 -1.77 -13.02 20.61
C HIS C 240 -2.28 -14.46 20.67
N ARG C 241 -1.35 -15.42 20.59
CA ARG C 241 -1.68 -16.84 20.57
C ARG C 241 -1.23 -17.60 21.81
N LEU C 242 -0.38 -16.98 22.63
CA LEU C 242 0.12 -17.64 23.82
C LEU C 242 -0.79 -17.44 25.03
N PRO C 243 -0.99 -18.50 25.83
CA PRO C 243 -1.82 -18.45 27.03
C PRO C 243 -1.26 -17.45 28.04
N ARG C 244 -1.96 -16.33 28.19
CA ARG C 244 -1.54 -15.27 29.10
C ARG C 244 -0.90 -15.75 30.40
N ALA C 245 0.43 -15.68 30.43
CA ALA C 245 1.23 -16.07 31.58
C ALA C 245 2.13 -14.90 31.97
N PRO C 246 2.72 -14.96 33.17
CA PRO C 246 3.60 -13.87 33.59
C PRO C 246 5.05 -14.03 33.11
N ILE C 247 5.45 -13.22 32.14
CA ILE C 247 6.81 -13.27 31.59
C ILE C 247 7.77 -12.57 32.56
N TYR C 248 8.68 -13.33 33.13
CA TYR C 248 9.64 -12.78 34.07
C TYR C 248 11.06 -12.76 33.52
N LEU C 249 11.72 -11.62 33.65
CA LEU C 249 13.09 -11.47 33.19
C LEU C 249 13.90 -11.31 34.48
N ASP C 250 14.35 -12.45 35.01
CA ASP C 250 15.12 -12.47 36.24
C ASP C 250 16.61 -12.26 36.01
N SER C 251 16.99 -11.00 35.82
CA SER C 251 18.39 -10.63 35.59
C SER C 251 18.56 -9.12 35.66
N PRO C 252 19.31 -8.63 36.66
CA PRO C 252 19.55 -7.19 36.81
C PRO C 252 20.21 -6.64 35.56
N MET C 253 21.01 -7.47 34.90
CA MET C 253 21.71 -7.07 33.69
C MET C 253 20.83 -7.13 32.45
N ALA C 254 20.21 -8.28 32.21
CA ALA C 254 19.33 -8.43 31.06
C ALA C 254 18.31 -7.31 31.12
N GLY C 255 18.08 -6.80 32.33
CA GLY C 255 17.13 -5.72 32.52
C GLY C 255 17.64 -4.37 32.07
N ARG C 256 18.89 -4.04 32.43
CA ARG C 256 19.50 -2.77 32.04
C ARG C 256 19.64 -2.63 30.53
N VAL C 257 20.01 -3.73 29.87
CA VAL C 257 20.15 -3.74 28.43
C VAL C 257 18.81 -3.43 27.77
N LEU C 258 17.73 -3.89 28.40
CA LEU C 258 16.40 -3.65 27.86
C LEU C 258 16.10 -2.16 27.99
N SER C 259 16.55 -1.55 29.09
CA SER C 259 16.33 -0.13 29.32
C SER C 259 17.05 0.64 28.23
N LEU C 260 18.15 0.05 27.74
CA LEU C 260 18.97 0.69 26.73
C LEU C 260 18.45 0.52 25.30
N TYR C 261 18.00 -0.69 24.96
CA TYR C 261 17.52 -0.96 23.61
C TYR C 261 16.82 0.15 22.84
N PRO C 262 15.95 0.94 23.51
CA PRO C 262 15.26 2.02 22.78
C PRO C 262 16.19 3.13 22.30
N ARG C 263 17.29 3.38 23.01
CA ARG C 263 18.23 4.43 22.61
C ARG C 263 19.08 3.91 21.44
N LEU C 264 18.84 2.65 21.06
CA LEU C 264 19.57 2.00 19.98
C LEU C 264 18.62 1.63 18.86
N VAL C 265 17.56 2.41 18.70
CA VAL C 265 16.57 2.12 17.68
C VAL C 265 17.10 1.95 16.24
N ARG C 266 17.87 2.91 15.74
CA ARG C 266 18.38 2.81 14.36
C ARG C 266 19.32 1.64 14.09
N TYR C 267 19.82 1.03 15.16
CA TYR C 267 20.73 -0.10 15.03
C TYR C 267 20.03 -1.42 14.77
N PHE C 268 18.73 -1.48 14.97
CA PHE C 268 17.99 -2.72 14.76
C PHE C 268 17.49 -2.81 13.32
N SER C 269 16.75 -3.87 13.00
CA SER C 269 16.23 -4.05 11.65
C SER C 269 15.03 -3.15 11.39
N GLU C 270 14.65 -3.03 10.12
CA GLU C 270 13.52 -2.20 9.72
C GLU C 270 12.25 -2.62 10.45
N GLU C 271 11.91 -3.90 10.35
CA GLU C 271 10.75 -4.45 11.02
C GLU C 271 10.65 -3.91 12.44
N VAL C 272 11.74 -4.07 13.20
CA VAL C 272 11.80 -3.62 14.58
C VAL C 272 11.69 -2.10 14.73
N GLN C 273 12.33 -1.35 13.82
CA GLN C 273 12.29 0.11 13.90
C GLN C 273 10.85 0.60 13.68
N ALA C 274 10.16 -0.05 12.76
CA ALA C 274 8.78 0.30 12.44
C ALA C 274 7.93 0.41 13.70
N HIS C 275 8.09 -0.56 14.60
CA HIS C 275 7.34 -0.57 15.85
C HIS C 275 7.62 0.68 16.65
N PHE C 276 8.89 0.97 16.89
CA PHE C 276 9.27 2.17 17.63
C PHE C 276 8.65 3.41 17.01
N LEU C 277 8.37 3.32 15.70
CA LEU C 277 7.77 4.42 14.96
C LEU C 277 6.30 4.53 15.32
N GLN C 278 5.66 3.38 15.51
CA GLN C 278 4.25 3.30 15.88
C GLN C 278 4.08 3.83 17.30
N GLY C 279 5.19 3.99 18.00
CA GLY C 279 5.15 4.48 19.37
C GLY C 279 5.18 3.35 20.39
N LYS C 280 5.54 2.15 19.95
CA LYS C 280 5.58 0.98 20.81
C LYS C 280 7.00 0.44 21.02
N ASN C 281 7.16 -0.47 21.98
CA ASN C 281 8.45 -1.08 22.29
C ASN C 281 8.32 -2.61 22.20
N PRO C 282 8.60 -3.19 21.03
CA PRO C 282 8.49 -4.64 20.85
C PRO C 282 9.30 -5.49 21.81
N PHE C 283 10.14 -4.86 22.62
CA PHE C 283 10.96 -5.61 23.57
C PHE C 283 10.37 -5.67 24.97
N ARG C 284 9.11 -5.26 25.08
CA ARG C 284 8.39 -5.27 26.34
C ARG C 284 6.99 -5.85 26.18
N PRO C 285 6.88 -7.18 26.00
CA PRO C 285 5.58 -7.84 25.82
C PRO C 285 4.75 -7.73 27.09
N ALA C 286 3.47 -8.08 26.98
CA ALA C 286 2.56 -8.01 28.12
C ALA C 286 2.89 -9.01 29.22
N GLY C 287 2.66 -8.61 30.46
CA GLY C 287 2.93 -9.48 31.59
C GLY C 287 4.37 -9.41 32.03
N LEU C 288 5.24 -9.08 31.08
CA LEU C 288 6.67 -8.97 31.36
C LEU C 288 6.96 -8.18 32.62
N GLU C 289 7.90 -8.68 33.42
CA GLU C 289 8.30 -8.00 34.64
C GLU C 289 9.75 -8.35 34.98
N VAL C 290 10.57 -7.33 35.21
CA VAL C 290 11.98 -7.50 35.52
C VAL C 290 12.29 -7.63 37.00
N VAL C 291 12.92 -8.74 37.38
CA VAL C 291 13.28 -9.01 38.77
C VAL C 291 14.61 -8.38 39.18
N GLU C 292 14.56 -7.49 40.16
CA GLU C 292 15.75 -6.79 40.61
C GLU C 292 16.38 -7.32 41.90
N HIS C 293 15.59 -7.95 42.75
CA HIS C 293 16.14 -8.47 44.00
C HIS C 293 16.14 -9.99 44.10
N THR C 294 17.20 -10.53 44.69
CA THR C 294 17.35 -11.97 44.85
C THR C 294 16.19 -12.57 45.65
N GLU C 295 15.49 -11.72 46.41
CA GLU C 295 14.36 -12.16 47.22
C GLU C 295 13.15 -12.56 46.37
N ALA C 296 12.96 -11.88 45.24
CA ALA C 296 11.85 -12.18 44.34
C ALA C 296 12.33 -13.29 43.42
N SER C 297 13.65 -13.46 43.36
CA SER C 297 14.27 -14.49 42.55
C SER C 297 13.99 -15.84 43.18
N LYS C 298 14.01 -15.87 44.51
CA LYS C 298 13.77 -17.10 45.25
C LYS C 298 12.28 -17.26 45.55
N ALA C 299 11.51 -16.22 45.26
CA ALA C 299 10.07 -16.26 45.48
C ALA C 299 9.46 -17.04 44.32
N LEU C 300 9.87 -16.68 43.10
CA LEU C 300 9.37 -17.34 41.91
C LEU C 300 9.80 -18.81 41.86
N ASN C 301 10.65 -19.20 42.81
CA ASN C 301 11.14 -20.58 42.89
C ASN C 301 10.04 -21.53 43.36
N ARG C 302 9.15 -21.01 44.20
CA ARG C 302 8.05 -21.81 44.71
C ARG C 302 6.75 -21.36 44.06
N ALA C 303 6.77 -20.16 43.48
CA ALA C 303 5.58 -19.63 42.82
C ALA C 303 5.09 -20.65 41.79
N PRO C 304 3.80 -21.01 41.84
CA PRO C 304 3.24 -21.98 40.90
C PRO C 304 3.15 -21.43 39.49
N GLY C 305 3.31 -22.31 38.51
CA GLY C 305 3.22 -21.90 37.12
C GLY C 305 1.77 -21.69 36.75
N PRO C 306 1.46 -21.39 35.48
CA PRO C 306 2.42 -21.24 34.38
C PRO C 306 3.20 -19.93 34.49
N MET C 307 4.30 -19.85 33.77
CA MET C 307 5.13 -18.65 33.79
C MET C 307 6.35 -18.79 32.89
N VAL C 308 6.62 -17.74 32.13
CA VAL C 308 7.79 -17.72 31.24
C VAL C 308 8.92 -17.03 32.00
N VAL C 309 9.90 -17.82 32.45
CA VAL C 309 11.03 -17.29 33.22
C VAL C 309 12.34 -17.23 32.44
N LEU C 310 12.94 -16.04 32.41
CA LEU C 310 14.21 -15.83 31.71
C LEU C 310 15.26 -15.45 32.73
N ALA C 311 16.40 -16.13 32.71
CA ALA C 311 17.47 -15.83 33.66
C ALA C 311 18.83 -16.38 33.23
N GLY C 312 19.89 -15.75 33.72
CA GLY C 312 21.23 -16.20 33.39
C GLY C 312 21.80 -16.95 34.57
N SER C 313 22.97 -17.58 34.43
CA SER C 313 23.78 -17.59 33.21
C SER C 313 23.09 -18.33 32.07
N GLY C 314 23.40 -17.93 30.84
CA GLY C 314 22.81 -18.59 29.70
C GLY C 314 23.67 -19.82 29.44
N MET C 315 24.79 -19.88 30.14
CA MET C 315 25.75 -20.99 30.04
C MET C 315 25.52 -21.99 31.17
N LEU C 316 24.61 -21.63 32.07
CA LEU C 316 24.28 -22.46 33.22
C LEU C 316 25.51 -22.69 34.10
N ALA C 317 26.40 -21.71 34.12
CA ALA C 317 27.62 -21.79 34.91
C ALA C 317 27.41 -21.12 36.26
N GLY C 318 26.20 -20.66 36.51
CA GLY C 318 25.90 -20.00 37.77
C GLY C 318 24.71 -19.06 37.65
N GLY C 319 24.53 -18.20 38.66
CA GLY C 319 23.45 -17.24 38.66
C GLY C 319 22.09 -17.71 39.15
N ARG C 320 21.06 -16.98 38.72
CA ARG C 320 19.67 -17.29 39.10
C ARG C 320 19.05 -18.42 38.29
N ILE C 321 19.53 -18.64 37.07
CA ILE C 321 18.95 -19.70 36.26
C ILE C 321 18.99 -21.02 36.99
N LEU C 322 20.10 -21.28 37.68
CA LEU C 322 20.27 -22.52 38.43
C LEU C 322 19.10 -22.85 39.36
N HIS C 323 18.87 -22.00 40.35
CA HIS C 323 17.78 -22.23 41.29
C HIS C 323 16.48 -22.55 40.56
N HIS C 324 16.15 -21.73 39.56
CA HIS C 324 14.93 -21.94 38.80
C HIS C 324 14.78 -23.40 38.33
N LEU C 325 15.88 -24.02 37.90
CA LEU C 325 15.83 -25.41 37.45
C LEU C 325 15.69 -26.36 38.64
N LYS C 326 16.54 -26.17 39.63
CA LYS C 326 16.54 -26.97 40.85
C LYS C 326 15.09 -27.17 41.34
N HIS C 327 14.36 -26.06 41.47
CA HIS C 327 12.98 -26.08 41.95
C HIS C 327 11.95 -26.13 40.82
N GLY C 328 12.32 -26.75 39.71
CA GLY C 328 11.39 -26.84 38.59
C GLY C 328 11.70 -27.99 37.66
N LEU C 329 12.90 -28.55 37.78
CA LEU C 329 13.36 -29.66 36.95
C LEU C 329 12.69 -30.98 37.36
N SER C 330 12.08 -30.97 38.53
CA SER C 330 11.41 -32.15 39.08
C SER C 330 9.89 -32.06 38.93
N ASP C 331 9.44 -31.67 37.74
CA ASP C 331 8.02 -31.55 37.47
C ASP C 331 7.83 -31.70 35.97
N PRO C 332 7.23 -32.83 35.53
CA PRO C 332 6.99 -33.14 34.12
C PRO C 332 6.19 -32.11 33.33
N ARG C 333 5.53 -31.18 34.01
CA ARG C 333 4.75 -30.16 33.34
C ARG C 333 5.57 -28.95 32.91
N ASN C 334 6.73 -28.75 33.55
CA ASN C 334 7.60 -27.63 33.21
C ASN C 334 8.43 -27.96 31.97
N ALA C 335 8.77 -26.93 31.21
CA ALA C 335 9.56 -27.09 30.00
C ALA C 335 10.81 -26.21 30.04
N LEU C 336 11.98 -26.84 29.89
CA LEU C 336 13.25 -26.11 29.89
C LEU C 336 13.58 -25.87 28.42
N VAL C 337 13.85 -24.63 28.05
CA VAL C 337 14.17 -24.30 26.67
C VAL C 337 15.52 -23.61 26.51
N PHE C 338 16.38 -24.24 25.72
CA PHE C 338 17.71 -23.68 25.45
C PHE C 338 17.65 -22.80 24.21
N VAL C 339 17.96 -21.51 24.41
CA VAL C 339 17.94 -20.54 23.33
C VAL C 339 19.36 -20.20 22.88
N GLY C 340 20.30 -21.07 23.22
CA GLY C 340 21.68 -20.83 22.83
C GLY C 340 22.55 -22.07 22.95
N TYR C 341 23.56 -22.17 22.08
CA TYR C 341 24.45 -23.31 22.10
C TYR C 341 25.10 -23.50 23.46
N GLN C 342 24.90 -24.68 24.02
CA GLN C 342 25.47 -25.02 25.32
C GLN C 342 26.74 -25.83 25.15
N PRO C 343 27.86 -25.36 25.71
CA PRO C 343 29.14 -26.07 25.60
C PRO C 343 29.05 -27.42 26.29
N GLN C 344 29.53 -28.47 25.64
CA GLN C 344 29.47 -29.79 26.24
C GLN C 344 30.53 -29.91 27.33
N GLY C 345 30.30 -30.79 28.29
CA GLY C 345 31.21 -30.95 29.39
C GLY C 345 30.79 -30.03 30.51
N GLY C 346 29.51 -29.63 30.48
CA GLY C 346 28.96 -28.75 31.48
C GLY C 346 27.53 -29.13 31.85
N LEU C 347 26.90 -28.31 32.69
CA LEU C 347 25.54 -28.56 33.13
C LEU C 347 24.51 -28.49 31.99
N GLY C 348 24.93 -27.98 30.84
CA GLY C 348 24.03 -27.89 29.71
C GLY C 348 23.93 -29.21 28.99
N ALA C 349 25.09 -29.79 28.66
CA ALA C 349 25.14 -31.07 27.97
C ALA C 349 24.84 -32.21 28.93
N GLU C 350 25.15 -31.98 30.21
CA GLU C 350 24.91 -32.96 31.26
C GLU C 350 23.41 -33.14 31.49
N ILE C 351 22.66 -32.05 31.37
CA ILE C 351 21.21 -32.05 31.54
C ILE C 351 20.54 -32.56 30.26
N ILE C 352 21.23 -32.35 29.12
CA ILE C 352 20.72 -32.80 27.84
C ILE C 352 20.98 -34.30 27.72
N ALA C 353 21.96 -34.78 28.46
CA ALA C 353 22.32 -36.19 28.47
C ALA C 353 21.12 -37.03 28.88
N ARG C 354 20.21 -36.39 29.62
CA ARG C 354 18.98 -37.01 30.10
C ARG C 354 19.23 -38.13 31.12
N PRO C 355 20.22 -37.93 32.03
CA PRO C 355 20.46 -38.99 33.02
C PRO C 355 19.29 -39.02 33.98
N PRO C 356 19.34 -39.90 35.00
CA PRO C 356 18.22 -39.94 35.93
C PRO C 356 18.01 -38.59 36.62
N ALA C 357 19.06 -38.10 37.28
CA ALA C 357 19.01 -36.81 37.97
C ALA C 357 20.37 -36.12 37.88
N VAL C 358 20.34 -34.79 37.87
CA VAL C 358 21.55 -33.99 37.80
C VAL C 358 21.77 -33.25 39.13
N ARG C 359 23.02 -32.93 39.42
CA ARG C 359 23.37 -32.24 40.65
C ARG C 359 23.39 -30.73 40.42
N ILE C 360 22.69 -29.99 41.28
CA ILE C 360 22.63 -28.55 41.13
C ILE C 360 22.55 -27.85 42.48
N LEU C 361 23.55 -27.03 42.77
CA LEU C 361 23.59 -26.28 44.02
C LEU C 361 23.49 -27.16 45.25
N GLY C 362 24.41 -28.14 45.35
CA GLY C 362 24.41 -29.04 46.49
C GLY C 362 23.10 -29.77 46.67
N GLU C 363 22.44 -30.06 45.55
CA GLU C 363 21.16 -30.75 45.59
C GLU C 363 21.04 -31.65 44.36
N GLU C 364 20.70 -32.91 44.58
CA GLU C 364 20.54 -33.85 43.49
C GLU C 364 19.09 -33.69 43.05
N VAL C 365 18.85 -32.84 42.07
CA VAL C 365 17.49 -32.60 41.60
C VAL C 365 17.02 -33.64 40.60
N PRO C 366 15.74 -34.06 40.73
CA PRO C 366 15.17 -35.06 39.83
C PRO C 366 14.90 -34.44 38.46
N LEU C 367 15.30 -35.14 37.40
CA LEU C 367 15.11 -34.63 36.06
C LEU C 367 13.86 -35.19 35.38
N ARG C 368 12.71 -34.56 35.61
CA ARG C 368 11.45 -35.00 35.01
C ARG C 368 10.95 -33.96 34.03
N ALA C 369 11.41 -32.73 34.18
CA ALA C 369 11.02 -31.64 33.32
C ALA C 369 11.43 -31.94 31.88
N SER C 370 10.71 -31.39 30.92
CA SER C 370 11.03 -31.61 29.51
C SER C 370 12.08 -30.60 29.05
N VAL C 371 13.09 -31.07 28.33
CA VAL C 371 14.15 -30.20 27.84
C VAL C 371 14.14 -30.11 26.31
N HIS C 372 14.54 -28.94 25.81
CA HIS C 372 14.56 -28.70 24.37
C HIS C 372 15.72 -27.79 24.00
N THR C 373 16.37 -28.07 22.87
CA THR C 373 17.47 -27.24 22.41
C THR C 373 17.08 -26.61 21.08
N LEU C 374 17.01 -25.28 21.08
CA LEU C 374 16.64 -24.54 19.89
C LEU C 374 17.85 -23.78 19.34
N GLY C 375 18.67 -24.46 18.54
CA GLY C 375 19.85 -23.83 17.98
C GLY C 375 19.59 -22.76 16.94
N GLY C 376 18.32 -22.51 16.64
CA GLY C 376 17.97 -21.49 15.65
C GLY C 376 18.12 -20.06 16.14
N PHE C 377 18.29 -19.89 17.44
CA PHE C 377 18.44 -18.55 18.01
C PHE C 377 19.91 -18.14 18.10
N SER C 378 20.75 -18.80 17.31
CA SER C 378 22.18 -18.52 17.34
C SER C 378 22.49 -17.12 16.80
N GLY C 379 23.39 -16.41 17.49
CA GLY C 379 23.78 -15.08 17.07
C GLY C 379 24.91 -15.14 16.06
N HIS C 380 25.48 -16.32 15.88
CA HIS C 380 26.57 -16.54 14.93
C HIS C 380 26.03 -17.07 13.60
N ALA C 381 26.80 -16.89 12.55
CA ALA C 381 26.42 -17.36 11.22
C ALA C 381 26.76 -18.84 11.10
N GLY C 382 26.15 -19.51 10.13
CA GLY C 382 26.40 -20.93 9.92
C GLY C 382 27.30 -21.17 8.73
N GLN C 383 27.97 -22.33 8.70
CA GLN C 383 28.87 -22.69 7.62
C GLN C 383 28.42 -22.15 6.26
N ASP C 384 27.15 -22.35 5.93
CA ASP C 384 26.59 -21.87 4.67
C ASP C 384 26.70 -20.35 4.53
N GLU C 385 26.39 -19.64 5.60
CA GLU C 385 26.44 -18.18 5.61
C GLU C 385 27.87 -17.62 5.59
N LEU C 386 28.85 -18.45 5.87
CA LEU C 386 30.25 -18.02 5.85
C LEU C 386 30.82 -18.21 4.46
N LEU C 387 30.34 -19.25 3.77
CA LEU C 387 30.79 -19.55 2.42
C LEU C 387 30.14 -18.58 1.43
N ASP C 388 29.12 -17.86 1.90
CA ASP C 388 28.45 -16.89 1.07
C ASP C 388 29.06 -15.53 1.28
N TRP C 389 29.49 -15.26 2.52
CA TRP C 389 30.10 -13.98 2.84
C TRP C 389 31.47 -13.93 2.18
N LEU C 390 32.28 -14.94 2.45
CA LEU C 390 33.64 -15.07 1.90
C LEU C 390 33.63 -15.31 0.38
N GLN C 391 32.49 -15.74 -0.12
CA GLN C 391 32.33 -16.02 -1.54
C GLN C 391 33.06 -15.00 -2.40
N GLY C 392 33.96 -15.49 -3.25
CA GLY C 392 34.70 -14.63 -4.15
C GLY C 392 36.01 -14.03 -3.66
N GLU C 393 36.32 -14.15 -2.37
CA GLU C 393 37.57 -13.59 -1.86
C GLU C 393 38.73 -14.53 -2.17
N PRO C 394 39.79 -14.01 -2.81
CA PRO C 394 40.98 -14.80 -3.18
C PRO C 394 41.83 -15.42 -2.07
N ARG C 395 41.94 -14.76 -0.91
CA ARG C 395 42.77 -15.30 0.16
C ARG C 395 42.22 -15.09 1.57
N VAL C 396 41.77 -16.17 2.21
CA VAL C 396 41.20 -16.11 3.55
C VAL C 396 42.13 -16.65 4.65
N VAL C 397 42.13 -16.01 5.81
CA VAL C 397 42.94 -16.48 6.92
C VAL C 397 42.03 -16.65 8.15
N LEU C 398 41.77 -17.90 8.52
CA LEU C 398 40.87 -18.22 9.63
C LEU C 398 41.32 -17.95 11.05
N VAL C 399 40.33 -17.68 11.90
CA VAL C 399 40.50 -17.41 13.33
C VAL C 399 39.13 -17.61 13.97
N VAL C 400 39.07 -17.45 15.29
CA VAL C 400 37.81 -17.62 16.04
C VAL C 400 37.14 -18.95 15.71
N GLY C 401 37.58 -20.02 16.36
CA GLY C 401 37.00 -21.31 16.12
C GLY C 401 37.88 -22.44 16.59
N GLU C 402 37.37 -23.67 16.50
CA GLU C 402 38.11 -24.85 16.92
C GLU C 402 38.88 -25.34 15.70
N GLU C 403 40.18 -25.55 15.85
CA GLU C 403 40.99 -26.02 14.73
C GLU C 403 40.23 -26.97 13.83
N GLU C 404 39.50 -27.89 14.45
CA GLU C 404 38.71 -28.87 13.71
C GLU C 404 37.77 -28.13 12.78
N LYS C 405 36.87 -27.34 13.36
CA LYS C 405 35.90 -26.57 12.58
C LYS C 405 36.63 -25.77 11.50
N LEU C 406 37.67 -25.04 11.92
CA LEU C 406 38.46 -24.21 11.02
C LEU C 406 38.96 -24.99 9.82
N LEU C 407 39.67 -26.09 10.04
CA LEU C 407 40.17 -26.89 8.93
C LEU C 407 39.00 -27.38 8.09
N ALA C 408 37.88 -27.67 8.76
CA ALA C 408 36.68 -28.15 8.06
C ALA C 408 36.21 -27.10 7.07
N LEU C 409 36.00 -25.89 7.57
CA LEU C 409 35.56 -24.77 6.73
C LEU C 409 36.65 -24.57 5.67
N GLY C 410 37.91 -24.61 6.12
CA GLY C 410 39.03 -24.42 5.22
C GLY C 410 39.03 -25.34 4.02
N LYS C 411 38.70 -26.62 4.25
CA LYS C 411 38.68 -27.59 3.17
C LYS C 411 37.66 -27.16 2.12
N LEU C 412 36.50 -26.69 2.58
CA LEU C 412 35.41 -26.25 1.72
C LEU C 412 35.81 -25.08 0.82
N LEU C 413 36.41 -24.06 1.44
CA LEU C 413 36.84 -22.87 0.70
C LEU C 413 37.87 -23.25 -0.34
N ALA C 414 38.86 -24.02 0.08
CA ALA C 414 39.94 -24.47 -0.80
C ALA C 414 39.36 -25.03 -2.09
N LEU C 415 38.31 -25.85 -1.96
CA LEU C 415 37.66 -26.47 -3.11
C LEU C 415 37.07 -25.46 -4.08
N ARG C 416 36.76 -24.28 -3.57
CA ARG C 416 36.17 -23.21 -4.38
C ARG C 416 37.21 -22.34 -5.07
N GLY C 417 38.49 -22.64 -4.84
CA GLY C 417 39.55 -21.87 -5.45
C GLY C 417 40.13 -20.81 -4.53
N GLN C 418 39.49 -20.65 -3.37
CA GLN C 418 39.93 -19.67 -2.40
C GLN C 418 41.17 -20.15 -1.66
N GLU C 419 42.18 -19.28 -1.58
CA GLU C 419 43.43 -19.61 -0.91
C GLU C 419 43.28 -19.43 0.59
N VAL C 420 43.01 -20.54 1.29
CA VAL C 420 42.82 -20.53 2.73
C VAL C 420 44.08 -20.90 3.52
N SER C 421 44.04 -20.68 4.83
CA SER C 421 45.14 -20.97 5.73
C SER C 421 44.71 -20.50 7.10
N LEU C 422 45.11 -21.23 8.15
CA LEU C 422 44.70 -20.86 9.50
C LEU C 422 45.73 -20.04 10.27
N ALA C 423 45.28 -18.93 10.83
CA ALA C 423 46.13 -18.02 11.57
C ALA C 423 46.84 -18.65 12.76
N ARG C 424 48.08 -18.22 12.97
CA ARG C 424 48.92 -18.68 14.07
C ARG C 424 49.30 -17.54 15.00
N PHE C 425 49.02 -17.71 16.28
CA PHE C 425 49.35 -16.69 17.24
C PHE C 425 50.76 -16.16 17.03
N GLY C 426 50.89 -14.83 16.94
CA GLY C 426 52.20 -14.21 16.77
C GLY C 426 52.74 -14.10 15.35
N GLU C 427 52.22 -14.92 14.43
CA GLU C 427 52.69 -14.90 13.05
C GLU C 427 51.93 -13.87 12.23
N GLY C 428 52.64 -12.81 11.84
CA GLY C 428 51.99 -11.78 11.03
C GLY C 428 51.70 -12.32 9.65
N VAL C 429 50.79 -11.67 8.93
CA VAL C 429 50.45 -12.10 7.59
C VAL C 429 50.41 -10.85 6.72
N PRO C 430 51.13 -10.87 5.60
CA PRO C 430 51.11 -9.67 4.75
C PRO C 430 49.78 -9.60 4.03
N VAL C 431 49.25 -8.40 3.87
CA VAL C 431 47.97 -8.23 3.17
C VAL C 431 48.25 -8.10 1.69
N MET D 1 -48.28 -19.80 -10.36
CA MET D 1 -46.92 -19.56 -10.89
C MET D 1 -46.24 -20.86 -11.28
N ARG D 2 -45.96 -21.02 -12.57
CA ARG D 2 -45.33 -22.22 -13.08
C ARG D 2 -44.33 -21.91 -14.20
N ILE D 3 -43.20 -22.61 -14.19
CA ILE D 3 -42.17 -22.41 -15.20
C ILE D 3 -42.19 -23.58 -16.18
N VAL D 4 -42.02 -23.27 -17.46
CA VAL D 4 -42.04 -24.31 -18.49
C VAL D 4 -40.77 -24.37 -19.32
N PRO D 5 -40.02 -25.48 -19.26
CA PRO D 5 -38.81 -25.57 -20.06
C PRO D 5 -39.13 -25.38 -21.55
N PHE D 6 -38.08 -25.27 -22.36
CA PHE D 6 -38.20 -25.08 -23.79
C PHE D 6 -36.80 -25.20 -24.39
N GLY D 7 -35.89 -25.75 -23.59
CA GLY D 7 -34.52 -25.93 -24.00
C GLY D 7 -33.75 -26.54 -22.85
N ALA D 8 -32.48 -26.89 -23.08
CA ALA D 8 -31.64 -27.47 -22.04
C ALA D 8 -32.38 -28.55 -21.23
N ALA D 9 -33.09 -29.42 -21.96
CA ALA D 9 -33.83 -30.52 -21.33
C ALA D 9 -32.97 -31.77 -21.48
N ARG D 10 -32.40 -32.22 -20.36
CA ARG D 10 -31.54 -33.40 -20.35
C ARG D 10 -30.29 -33.18 -21.21
N GLU D 11 -30.06 -31.93 -21.58
CA GLU D 11 -28.92 -31.53 -22.40
C GLU D 11 -28.40 -30.16 -21.95
N VAL D 12 -27.40 -29.64 -22.64
CA VAL D 12 -26.81 -28.35 -22.27
C VAL D 12 -27.27 -27.15 -23.09
N THR D 13 -27.06 -27.19 -24.40
CA THR D 13 -27.41 -26.07 -25.26
C THR D 13 -28.92 -25.80 -25.34
N GLY D 14 -29.27 -24.59 -25.78
CA GLY D 14 -30.67 -24.24 -25.93
C GLY D 14 -31.38 -23.39 -24.89
N SER D 15 -31.10 -23.63 -23.62
CA SER D 15 -31.72 -22.89 -22.50
C SER D 15 -32.68 -21.77 -22.89
N ALA D 16 -33.97 -21.99 -22.58
CA ALA D 16 -35.05 -21.06 -22.84
C ALA D 16 -36.23 -21.54 -22.00
N HIS D 17 -36.46 -20.90 -20.85
CA HIS D 17 -37.52 -21.33 -19.98
C HIS D 17 -38.59 -20.27 -19.76
N LEU D 18 -39.82 -20.57 -20.16
CA LEU D 18 -40.93 -19.64 -20.04
C LEU D 18 -41.62 -19.69 -18.68
N LEU D 19 -41.62 -18.55 -18.00
CA LEU D 19 -42.26 -18.44 -16.69
C LEU D 19 -43.68 -17.90 -16.86
N LEU D 20 -44.66 -18.71 -16.49
CA LEU D 20 -46.07 -18.32 -16.58
C LEU D 20 -46.62 -18.07 -15.19
N ALA D 21 -46.85 -16.80 -14.87
CA ALA D 21 -47.37 -16.41 -13.56
C ALA D 21 -47.85 -14.97 -13.56
N GLY D 22 -48.54 -14.59 -12.49
CA GLY D 22 -49.05 -13.23 -12.34
C GLY D 22 -49.70 -12.62 -13.57
N GLY D 23 -50.23 -13.47 -14.45
CA GLY D 23 -50.86 -12.98 -15.67
C GLY D 23 -49.85 -12.48 -16.68
N ARG D 24 -48.61 -12.92 -16.53
CA ARG D 24 -47.53 -12.52 -17.43
C ARG D 24 -46.70 -13.70 -17.91
N ARG D 25 -45.98 -13.48 -19.00
CA ARG D 25 -45.13 -14.50 -19.56
C ARG D 25 -43.74 -13.91 -19.74
N VAL D 26 -42.83 -14.38 -18.90
CA VAL D 26 -41.44 -13.93 -18.92
C VAL D 26 -40.52 -15.05 -19.38
N LEU D 27 -39.75 -14.79 -20.44
CA LEU D 27 -38.83 -15.78 -20.95
C LEU D 27 -37.52 -15.69 -20.17
N LEU D 28 -37.00 -16.83 -19.73
CA LEU D 28 -35.75 -16.86 -18.98
C LEU D 28 -34.66 -17.47 -19.84
N ASP D 29 -33.92 -16.60 -20.53
CA ASP D 29 -32.84 -16.99 -21.42
C ASP D 29 -33.46 -17.49 -22.72
N CYS D 30 -32.81 -17.19 -23.83
CA CYS D 30 -33.30 -17.60 -25.15
C CYS D 30 -32.10 -18.09 -25.95
N GLY D 31 -31.33 -18.98 -25.34
CA GLY D 31 -30.14 -19.52 -26.00
C GLY D 31 -30.44 -20.46 -27.15
N MET D 32 -29.42 -20.75 -27.94
CA MET D 32 -29.60 -21.63 -29.08
C MET D 32 -29.03 -23.03 -28.84
N PHE D 33 -29.45 -23.96 -29.69
CA PHE D 33 -29.00 -25.33 -29.63
C PHE D 33 -27.70 -25.48 -30.42
N GLN D 34 -26.66 -26.01 -29.78
CA GLN D 34 -25.36 -26.19 -30.42
C GLN D 34 -25.03 -27.66 -30.59
N GLY D 35 -24.74 -28.05 -31.82
CA GLY D 35 -24.39 -29.45 -32.09
C GLY D 35 -25.59 -30.35 -32.32
N LYS D 36 -25.49 -31.58 -31.83
CA LYS D 36 -26.53 -32.59 -31.97
C LYS D 36 -27.89 -32.04 -32.41
N GLU D 37 -28.49 -31.21 -31.58
CA GLU D 37 -29.79 -30.62 -31.88
C GLU D 37 -29.68 -29.71 -33.08
N GLU D 38 -28.88 -28.65 -32.91
CA GLU D 38 -28.64 -27.64 -33.95
C GLU D 38 -29.88 -27.33 -34.78
N ALA D 39 -30.24 -28.25 -35.67
CA ALA D 39 -31.40 -28.08 -36.53
C ALA D 39 -32.59 -27.46 -35.80
N ARG D 40 -32.74 -27.77 -34.51
CA ARG D 40 -33.84 -27.24 -33.73
C ARG D 40 -34.04 -25.74 -33.96
N ASN D 41 -32.94 -25.02 -34.17
CA ASN D 41 -32.95 -23.58 -34.38
C ASN D 41 -33.82 -23.14 -35.56
N HIS D 42 -34.28 -24.09 -36.37
CA HIS D 42 -35.16 -23.77 -37.50
C HIS D 42 -36.59 -24.11 -37.08
N ALA D 43 -36.72 -24.99 -36.10
CA ALA D 43 -38.02 -25.42 -35.60
C ALA D 43 -38.60 -24.39 -34.63
N PRO D 44 -39.93 -24.17 -34.68
CA PRO D 44 -40.57 -23.20 -33.78
C PRO D 44 -40.21 -23.47 -32.32
N PHE D 45 -40.39 -22.46 -31.48
CA PHE D 45 -40.06 -22.56 -30.07
C PHE D 45 -40.91 -23.55 -29.29
N GLY D 46 -42.21 -23.52 -29.54
CA GLY D 46 -43.11 -24.40 -28.82
C GLY D 46 -44.11 -23.49 -28.15
N PHE D 47 -43.71 -22.24 -27.99
CA PHE D 47 -44.56 -21.22 -27.40
C PHE D 47 -44.62 -20.09 -28.43
N ASP D 48 -45.64 -19.25 -28.33
CA ASP D 48 -45.73 -18.14 -29.26
C ASP D 48 -45.04 -16.94 -28.65
N PRO D 49 -43.94 -16.47 -29.28
CA PRO D 49 -43.18 -15.32 -28.79
C PRO D 49 -44.02 -14.05 -28.65
N LYS D 50 -44.95 -13.84 -29.58
CA LYS D 50 -45.80 -12.66 -29.55
C LYS D 50 -46.58 -12.55 -28.24
N GLU D 51 -46.66 -13.65 -27.50
CA GLU D 51 -47.38 -13.67 -26.23
C GLU D 51 -46.43 -13.49 -25.05
N VAL D 52 -45.18 -13.19 -25.35
CA VAL D 52 -44.20 -12.97 -24.30
C VAL D 52 -44.26 -11.50 -23.92
N ASP D 53 -44.11 -11.21 -22.64
CA ASP D 53 -44.19 -9.84 -22.17
C ASP D 53 -42.82 -9.24 -21.92
N ALA D 54 -41.83 -10.10 -21.69
CA ALA D 54 -40.49 -9.65 -21.43
C ALA D 54 -39.60 -10.87 -21.29
N VAL D 55 -38.29 -10.66 -21.45
CA VAL D 55 -37.33 -11.75 -21.33
C VAL D 55 -36.09 -11.30 -20.57
N LEU D 56 -35.52 -12.22 -19.80
CA LEU D 56 -34.31 -11.95 -19.02
C LEU D 56 -33.18 -12.90 -19.43
N LEU D 57 -32.01 -12.34 -19.72
CA LEU D 57 -30.84 -13.12 -20.12
C LEU D 57 -29.84 -13.24 -18.98
N THR D 58 -29.48 -14.46 -18.61
CA THR D 58 -28.53 -14.67 -17.53
C THR D 58 -27.14 -14.20 -17.90
N HIS D 59 -26.71 -14.47 -19.13
CA HIS D 59 -25.39 -14.00 -19.55
C HIS D 59 -25.16 -14.04 -21.06
N ALA D 60 -24.02 -13.51 -21.48
CA ALA D 60 -23.67 -13.41 -22.90
C ALA D 60 -23.52 -14.69 -23.69
N HIS D 61 -23.23 -15.80 -23.03
CA HIS D 61 -23.06 -17.08 -23.73
C HIS D 61 -24.16 -17.39 -24.74
N LEU D 62 -23.74 -17.62 -25.98
CA LEU D 62 -24.66 -17.92 -27.09
C LEU D 62 -25.65 -19.05 -26.78
N ASP D 63 -25.25 -19.98 -25.91
CA ASP D 63 -26.12 -21.10 -25.54
C ASP D 63 -27.19 -20.64 -24.55
N HIS D 64 -27.31 -19.33 -24.38
CA HIS D 64 -28.29 -18.72 -23.48
C HIS D 64 -28.91 -17.47 -24.12
N VAL D 65 -28.32 -17.04 -25.23
CA VAL D 65 -28.80 -15.86 -25.93
C VAL D 65 -29.02 -16.20 -27.40
N GLY D 66 -28.42 -17.31 -27.82
CA GLY D 66 -28.50 -17.76 -29.19
C GLY D 66 -29.71 -17.38 -30.03
N ARG D 67 -30.87 -17.93 -29.67
CA ARG D 67 -32.11 -17.71 -30.40
C ARG D 67 -32.78 -16.34 -30.23
N LEU D 68 -32.23 -15.47 -29.40
CA LEU D 68 -32.84 -14.18 -29.17
C LEU D 68 -33.24 -13.44 -30.46
N PRO D 69 -32.32 -13.30 -31.42
CA PRO D 69 -32.68 -12.61 -32.66
C PRO D 69 -33.76 -13.33 -33.48
N LYS D 70 -34.10 -14.56 -33.08
CA LYS D 70 -35.13 -15.35 -33.77
C LYS D 70 -36.49 -14.98 -33.19
N LEU D 71 -36.50 -14.73 -31.89
CA LEU D 71 -37.72 -14.36 -31.18
C LEU D 71 -38.24 -13.08 -31.86
N PHE D 72 -37.35 -12.13 -32.08
CA PHE D 72 -37.75 -10.88 -32.72
C PHE D 72 -38.03 -11.11 -34.20
N ARG D 73 -37.44 -12.15 -34.75
CA ARG D 73 -37.64 -12.51 -36.15
C ARG D 73 -39.08 -12.98 -36.30
N GLU D 74 -39.58 -13.67 -35.28
CA GLU D 74 -40.94 -14.19 -35.28
C GLU D 74 -42.01 -13.33 -34.61
N GLY D 75 -41.83 -12.01 -34.64
CA GLY D 75 -42.83 -11.12 -34.07
C GLY D 75 -42.67 -10.49 -32.71
N TYR D 76 -41.79 -10.99 -31.85
CA TYR D 76 -41.61 -10.40 -30.53
C TYR D 76 -41.02 -9.01 -30.62
N ARG D 77 -41.62 -8.06 -29.91
CA ARG D 77 -41.15 -6.67 -29.89
C ARG D 77 -41.20 -6.18 -28.45
N GLY D 78 -40.83 -7.04 -27.52
CA GLY D 78 -40.83 -6.70 -26.11
C GLY D 78 -39.43 -6.39 -25.61
N PRO D 79 -39.29 -5.95 -24.36
CA PRO D 79 -37.98 -5.63 -23.81
C PRO D 79 -37.21 -6.86 -23.37
N VAL D 80 -35.88 -6.72 -23.36
CA VAL D 80 -34.98 -7.80 -22.96
C VAL D 80 -34.05 -7.28 -21.86
N TYR D 81 -34.18 -7.82 -20.65
CA TYR D 81 -33.36 -7.36 -19.54
C TYR D 81 -32.11 -8.19 -19.21
N ALA D 82 -31.01 -7.49 -18.98
CA ALA D 82 -29.72 -8.07 -18.63
C ALA D 82 -28.78 -6.97 -18.10
N THR D 83 -27.67 -7.36 -17.49
CA THR D 83 -26.72 -6.41 -16.96
C THR D 83 -26.08 -5.63 -18.09
N ARG D 84 -25.49 -4.47 -17.80
CA ARG D 84 -24.84 -3.66 -18.84
C ARG D 84 -23.80 -4.52 -19.54
N ALA D 85 -23.03 -5.24 -18.74
CA ALA D 85 -21.97 -6.14 -19.21
C ALA D 85 -22.50 -7.11 -20.26
N THR D 86 -23.53 -7.87 -19.89
CA THR D 86 -24.14 -8.82 -20.79
C THR D 86 -24.59 -8.10 -22.08
N VAL D 87 -25.17 -6.91 -21.93
CA VAL D 87 -25.63 -6.14 -23.08
C VAL D 87 -24.48 -5.81 -24.01
N LEU D 88 -23.37 -5.33 -23.44
CA LEU D 88 -22.21 -4.98 -24.25
C LEU D 88 -21.57 -6.23 -24.86
N LEU D 89 -21.44 -7.26 -24.04
CA LEU D 89 -20.84 -8.52 -24.47
C LEU D 89 -21.60 -9.17 -25.61
N MET D 90 -22.92 -9.17 -25.52
CA MET D 90 -23.76 -9.76 -26.55
C MET D 90 -23.48 -9.17 -27.91
N GLU D 91 -23.57 -7.85 -28.00
CA GLU D 91 -23.33 -7.14 -29.24
C GLU D 91 -22.25 -7.86 -30.04
N ILE D 92 -21.15 -8.21 -29.38
CA ILE D 92 -20.06 -8.93 -30.03
C ILE D 92 -20.45 -10.36 -30.33
N VAL D 93 -20.72 -11.11 -29.26
CA VAL D 93 -21.11 -12.51 -29.36
C VAL D 93 -22.13 -12.76 -30.47
N LEU D 94 -23.18 -11.94 -30.53
CA LEU D 94 -24.21 -12.09 -31.54
C LEU D 94 -23.75 -11.68 -32.94
N GLU D 95 -23.22 -10.46 -33.08
CA GLU D 95 -22.73 -9.97 -34.37
C GLU D 95 -21.82 -11.02 -34.99
N ASP D 96 -21.02 -11.65 -34.13
CA ASP D 96 -20.08 -12.69 -34.55
C ASP D 96 -20.79 -13.96 -35.01
N ALA D 97 -21.63 -14.53 -34.14
CA ALA D 97 -22.36 -15.75 -34.47
C ALA D 97 -23.12 -15.54 -35.77
N LEU D 98 -23.32 -14.28 -36.15
CA LEU D 98 -24.02 -13.95 -37.38
C LEU D 98 -23.15 -14.32 -38.59
N LYS D 99 -22.06 -13.58 -38.77
CA LYS D 99 -21.12 -13.83 -39.88
C LYS D 99 -20.63 -15.28 -39.93
N VAL D 100 -19.94 -15.70 -38.86
CA VAL D 100 -19.41 -17.06 -38.81
C VAL D 100 -20.54 -18.07 -38.57
N MET D 101 -21.62 -17.93 -39.35
CA MET D 101 -22.76 -18.82 -39.24
C MET D 101 -23.14 -19.49 -40.54
N ASP D 102 -22.91 -20.80 -40.60
CA ASP D 102 -23.22 -21.62 -41.76
C ASP D 102 -24.70 -21.54 -42.17
N GLU D 103 -25.54 -22.34 -41.53
CA GLU D 103 -26.96 -22.35 -41.80
C GLU D 103 -27.67 -21.46 -40.79
N PRO D 104 -27.85 -20.18 -41.14
CA PRO D 104 -28.49 -19.20 -40.27
C PRO D 104 -30.01 -19.31 -40.27
N PHE D 105 -30.61 -18.82 -39.19
CA PHE D 105 -32.06 -18.81 -39.06
C PHE D 105 -32.53 -17.40 -38.71
N PHE D 106 -31.57 -16.48 -38.68
CA PHE D 106 -31.86 -15.09 -38.41
C PHE D 106 -30.83 -14.21 -39.11
N GLY D 107 -31.32 -13.17 -39.79
CA GLY D 107 -30.41 -12.28 -40.49
C GLY D 107 -30.06 -11.11 -39.61
N PRO D 108 -29.17 -10.22 -40.05
CA PRO D 108 -28.78 -9.05 -39.25
C PRO D 108 -29.96 -8.14 -38.93
N GLU D 109 -30.94 -8.08 -39.81
CA GLU D 109 -32.12 -7.24 -39.60
C GLU D 109 -32.73 -7.51 -38.22
N ASP D 110 -32.73 -8.78 -37.83
CA ASP D 110 -33.28 -9.18 -36.54
C ASP D 110 -32.25 -9.05 -35.43
N VAL D 111 -31.03 -9.55 -35.68
CA VAL D 111 -29.94 -9.51 -34.71
C VAL D 111 -29.87 -8.19 -33.94
N GLU D 112 -30.13 -7.09 -34.65
CA GLU D 112 -30.08 -5.79 -34.01
C GLU D 112 -31.41 -5.42 -33.38
N GLU D 113 -32.51 -5.79 -34.03
CA GLU D 113 -33.83 -5.50 -33.48
C GLU D 113 -33.81 -5.99 -32.03
N ALA D 114 -33.03 -7.04 -31.78
CA ALA D 114 -32.90 -7.58 -30.43
C ALA D 114 -32.09 -6.58 -29.64
N LEU D 115 -30.85 -6.34 -30.07
CA LEU D 115 -29.97 -5.40 -29.39
C LEU D 115 -30.68 -4.09 -29.08
N GLY D 116 -31.46 -3.59 -30.04
CA GLY D 116 -32.16 -2.34 -29.85
C GLY D 116 -33.33 -2.45 -28.88
N HIS D 117 -33.46 -3.63 -28.26
CA HIS D 117 -34.52 -3.89 -27.29
C HIS D 117 -33.88 -4.28 -25.97
N LEU D 118 -32.57 -4.13 -25.89
CA LEU D 118 -31.87 -4.49 -24.68
C LEU D 118 -32.05 -3.38 -23.65
N ARG D 119 -32.49 -3.76 -22.45
CA ARG D 119 -32.70 -2.82 -21.37
C ARG D 119 -31.87 -3.29 -20.16
N PRO D 120 -31.06 -2.39 -19.58
CA PRO D 120 -30.21 -2.69 -18.44
C PRO D 120 -30.96 -3.02 -17.15
N LEU D 121 -30.42 -3.97 -16.41
CA LEU D 121 -30.97 -4.40 -15.14
C LEU D 121 -29.82 -4.95 -14.31
N GLU D 122 -29.42 -4.23 -13.28
CA GLU D 122 -28.30 -4.68 -12.48
C GLU D 122 -28.72 -5.59 -11.32
N TYR D 123 -27.76 -5.95 -10.49
CA TYR D 123 -28.02 -6.79 -9.33
C TYR D 123 -28.72 -5.95 -8.27
N GLY D 124 -29.84 -6.44 -7.77
CA GLY D 124 -30.57 -5.70 -6.73
C GLY D 124 -31.54 -4.69 -7.27
N GLU D 125 -31.89 -4.84 -8.55
CA GLU D 125 -32.84 -3.96 -9.18
C GLU D 125 -34.08 -4.80 -9.44
N TRP D 126 -35.18 -4.39 -8.85
CA TRP D 126 -36.41 -5.16 -9.00
C TRP D 126 -37.28 -4.77 -10.18
N LEU D 127 -37.67 -5.77 -10.96
CA LEU D 127 -38.53 -5.56 -12.10
C LEU D 127 -39.96 -5.90 -11.66
N ARG D 128 -40.94 -5.15 -12.17
CA ARG D 128 -42.34 -5.40 -11.81
C ARG D 128 -43.23 -5.50 -13.04
N LEU D 129 -43.88 -6.65 -13.16
CA LEU D 129 -44.78 -6.93 -14.27
C LEU D 129 -46.04 -7.48 -13.63
N GLY D 130 -47.10 -6.69 -13.62
CA GLY D 130 -48.29 -7.18 -12.97
C GLY D 130 -47.90 -7.44 -11.52
N ALA D 131 -48.30 -8.58 -10.99
CA ALA D 131 -48.01 -8.91 -9.61
C ALA D 131 -46.70 -9.68 -9.47
N LEU D 132 -45.98 -9.79 -10.58
CA LEU D 132 -44.71 -10.51 -10.60
C LEU D 132 -43.50 -9.63 -10.24
N SER D 133 -42.56 -10.19 -9.49
CA SER D 133 -41.34 -9.47 -9.10
C SER D 133 -40.13 -10.24 -9.62
N LEU D 134 -39.10 -9.53 -10.08
CA LEU D 134 -37.93 -10.20 -10.63
C LEU D 134 -36.64 -9.46 -10.30
N ALA D 135 -35.58 -10.20 -9.95
CA ALA D 135 -34.29 -9.60 -9.64
C ALA D 135 -33.13 -10.53 -10.05
N PHE D 136 -31.94 -9.96 -10.20
CA PHE D 136 -30.77 -10.74 -10.57
C PHE D 136 -29.88 -11.01 -9.36
N GLY D 137 -29.32 -12.22 -9.30
CA GLY D 137 -28.43 -12.58 -8.20
C GLY D 137 -27.06 -12.87 -8.80
N GLN D 138 -25.99 -12.60 -8.05
CA GLN D 138 -24.65 -12.84 -8.57
C GLN D 138 -24.33 -14.30 -8.84
N ALA D 139 -24.09 -14.66 -10.10
CA ALA D 139 -23.78 -16.04 -10.46
C ALA D 139 -22.26 -16.26 -10.60
N GLY D 140 -21.52 -15.16 -10.70
CA GLY D 140 -20.07 -15.25 -10.83
C GLY D 140 -19.64 -16.30 -11.83
N HIS D 141 -20.25 -16.28 -13.02
CA HIS D 141 -19.97 -17.23 -14.09
C HIS D 141 -19.36 -16.46 -15.25
N LEU D 142 -19.72 -15.19 -15.35
CA LEU D 142 -19.22 -14.29 -16.38
C LEU D 142 -19.44 -12.84 -15.99
N PRO D 143 -18.77 -11.92 -16.68
CA PRO D 143 -19.00 -10.52 -16.30
C PRO D 143 -20.48 -10.26 -16.55
N GLY D 144 -21.19 -9.83 -15.51
CA GLY D 144 -22.61 -9.54 -15.65
C GLY D 144 -23.51 -10.76 -15.63
N SER D 145 -22.98 -11.87 -15.13
CA SER D 145 -23.77 -13.10 -15.06
C SER D 145 -24.65 -13.08 -13.81
N ALA D 146 -25.84 -13.68 -13.92
CA ALA D 146 -26.75 -13.69 -12.79
C ALA D 146 -27.77 -14.80 -12.87
N PHE D 147 -28.39 -15.09 -11.73
CA PHE D 147 -29.48 -16.06 -11.70
C PHE D 147 -30.73 -15.24 -11.45
N VAL D 148 -31.89 -15.84 -11.67
CA VAL D 148 -33.11 -15.08 -11.46
C VAL D 148 -33.87 -15.46 -10.21
N VAL D 149 -34.59 -14.48 -9.67
CA VAL D 149 -35.39 -14.69 -8.48
C VAL D 149 -36.76 -14.10 -8.76
N ALA D 150 -37.69 -14.97 -9.16
CA ALA D 150 -39.04 -14.51 -9.44
C ALA D 150 -39.90 -14.72 -8.18
N GLN D 151 -40.56 -13.66 -7.75
CA GLN D 151 -41.42 -13.72 -6.57
C GLN D 151 -42.82 -13.23 -6.96
N GLY D 152 -43.78 -14.14 -6.93
CA GLY D 152 -45.14 -13.77 -7.27
C GLY D 152 -46.16 -14.76 -6.74
N GLU D 153 -47.39 -14.29 -6.52
CA GLU D 153 -48.43 -15.17 -6.02
C GLU D 153 -47.92 -15.92 -4.82
N GLY D 154 -47.46 -15.17 -3.82
CA GLY D 154 -46.95 -15.77 -2.60
C GLY D 154 -45.91 -16.88 -2.72
N ARG D 155 -45.29 -17.05 -3.88
CA ARG D 155 -44.27 -18.09 -4.02
C ARG D 155 -43.00 -17.61 -4.74
N THR D 156 -41.88 -18.26 -4.45
CA THR D 156 -40.61 -17.86 -5.04
C THR D 156 -39.88 -18.89 -5.89
N LEU D 157 -39.67 -18.54 -7.16
CA LEU D 157 -38.94 -19.40 -8.08
C LEU D 157 -37.50 -18.91 -8.06
N VAL D 158 -36.57 -19.77 -8.45
CA VAL D 158 -35.16 -19.39 -8.51
C VAL D 158 -34.45 -20.13 -9.61
N TYR D 159 -34.27 -19.47 -10.75
CA TYR D 159 -33.57 -20.03 -11.89
C TYR D 159 -32.11 -19.78 -11.54
N SER D 160 -31.17 -20.50 -12.17
CA SER D 160 -29.78 -20.28 -11.81
C SER D 160 -28.90 -19.94 -12.99
N GLY D 161 -29.39 -20.16 -14.20
CA GLY D 161 -28.57 -19.90 -15.36
C GLY D 161 -27.34 -20.76 -15.11
N ASP D 162 -26.16 -20.19 -15.25
CA ASP D 162 -24.94 -20.96 -15.03
C ASP D 162 -24.21 -20.56 -13.75
N LEU D 163 -24.17 -21.45 -12.77
CA LEU D 163 -23.42 -21.12 -11.56
C LEU D 163 -21.97 -21.13 -12.01
N GLY D 164 -21.15 -20.25 -11.45
CA GLY D 164 -19.76 -20.22 -11.84
C GLY D 164 -18.88 -20.98 -10.87
N ASN D 165 -17.63 -21.17 -11.24
CA ASN D 165 -16.68 -21.87 -10.39
C ASN D 165 -16.12 -20.82 -9.42
N ARG D 166 -16.65 -20.83 -8.20
CA ARG D 166 -16.27 -19.86 -7.18
C ARG D 166 -14.82 -19.85 -6.71
N GLU D 167 -14.03 -20.81 -7.16
CA GLU D 167 -12.63 -20.89 -6.75
C GLU D 167 -11.68 -20.06 -7.60
N LYS D 168 -12.07 -19.76 -8.83
CA LYS D 168 -11.23 -18.99 -9.73
C LYS D 168 -10.99 -17.58 -9.19
N ASP D 169 -10.41 -16.69 -9.99
CA ASP D 169 -10.10 -15.35 -9.48
C ASP D 169 -10.65 -14.10 -10.14
N VAL D 170 -11.08 -14.19 -11.39
CA VAL D 170 -11.58 -12.98 -12.06
C VAL D 170 -12.97 -12.53 -11.62
N LEU D 171 -13.96 -13.42 -11.74
CA LEU D 171 -15.34 -13.10 -11.37
C LEU D 171 -15.56 -13.20 -9.86
N PRO D 172 -16.59 -12.51 -9.35
CA PRO D 172 -16.82 -12.60 -7.90
C PRO D 172 -17.56 -13.90 -7.56
N ASP D 173 -17.46 -14.33 -6.30
CA ASP D 173 -18.14 -15.55 -5.87
C ASP D 173 -19.62 -15.49 -6.17
N PRO D 174 -20.20 -16.58 -6.65
CA PRO D 174 -21.64 -16.53 -6.92
C PRO D 174 -22.35 -16.29 -5.59
N SER D 175 -23.54 -15.73 -5.63
CA SER D 175 -24.28 -15.47 -4.41
C SER D 175 -25.24 -16.61 -4.14
N LEU D 176 -25.40 -16.97 -2.87
CA LEU D 176 -26.32 -18.03 -2.52
C LEU D 176 -27.67 -17.63 -3.09
N PRO D 177 -28.57 -18.61 -3.23
CA PRO D 177 -29.89 -18.23 -3.76
C PRO D 177 -30.79 -17.97 -2.56
N PRO D 178 -31.87 -17.19 -2.74
CA PRO D 178 -32.71 -16.98 -1.57
C PRO D 178 -33.46 -18.29 -1.28
N LEU D 179 -34.02 -18.42 -0.09
CA LEU D 179 -34.79 -19.62 0.22
C LEU D 179 -35.95 -19.61 -0.77
N ALA D 180 -36.17 -20.73 -1.46
CA ALA D 180 -37.24 -20.77 -2.45
C ALA D 180 -38.14 -21.99 -2.37
N ASP D 181 -39.10 -22.06 -3.28
CA ASP D 181 -40.03 -23.17 -3.35
C ASP D 181 -39.71 -24.01 -4.60
N LEU D 182 -38.78 -23.51 -5.41
CA LEU D 182 -38.36 -24.21 -6.61
C LEU D 182 -37.07 -23.60 -7.12
N VAL D 183 -36.13 -24.45 -7.49
CA VAL D 183 -34.84 -23.96 -7.97
C VAL D 183 -34.40 -24.56 -9.29
N LEU D 184 -35.10 -24.24 -10.37
CA LEU D 184 -34.72 -24.74 -11.68
C LEU D 184 -33.22 -24.46 -11.80
N ALA D 185 -32.41 -25.46 -11.49
CA ALA D 185 -30.97 -25.32 -11.51
C ALA D 185 -30.29 -26.10 -12.63
N GLU D 186 -29.08 -25.67 -12.97
CA GLU D 186 -28.28 -26.31 -14.00
C GLU D 186 -27.43 -27.35 -13.28
N GLY D 187 -26.73 -28.18 -14.05
CA GLY D 187 -25.88 -29.20 -13.45
C GLY D 187 -24.75 -29.66 -14.35
N THR D 188 -24.36 -28.81 -15.29
CA THR D 188 -23.28 -29.14 -16.23
C THR D 188 -22.21 -30.06 -15.62
N TYR D 189 -21.89 -29.84 -14.35
CA TYR D 189 -20.91 -30.67 -13.66
C TYR D 189 -21.47 -31.34 -12.42
N GLY D 190 -22.52 -32.13 -12.61
CA GLY D 190 -23.12 -32.82 -11.49
C GLY D 190 -22.47 -34.17 -11.22
N ASP D 191 -21.67 -34.65 -12.17
CA ASP D 191 -20.98 -35.93 -12.04
C ASP D 191 -19.79 -35.90 -11.09
N ARG D 192 -18.86 -34.97 -11.30
CA ARG D 192 -17.68 -34.87 -10.45
C ARG D 192 -17.21 -33.44 -10.20
N PRO D 193 -16.58 -33.20 -9.03
CA PRO D 193 -16.09 -31.86 -8.71
C PRO D 193 -14.83 -31.50 -9.51
N HIS D 194 -14.60 -30.19 -9.69
CA HIS D 194 -13.44 -29.69 -10.43
C HIS D 194 -12.15 -29.90 -9.65
N ARG D 195 -11.02 -29.69 -10.32
CA ARG D 195 -9.73 -29.82 -9.68
C ARG D 195 -9.42 -28.48 -9.01
N PRO D 196 -9.20 -28.49 -7.69
CA PRO D 196 -8.89 -27.27 -6.91
C PRO D 196 -8.07 -26.25 -7.68
N TYR D 197 -8.69 -25.12 -7.98
CA TYR D 197 -8.06 -24.04 -8.72
C TYR D 197 -6.62 -23.74 -8.30
N ARG D 198 -6.42 -23.45 -7.01
CA ARG D 198 -5.09 -23.11 -6.50
C ARG D 198 -3.96 -23.93 -7.12
N GLU D 199 -4.13 -25.24 -7.14
CA GLU D 199 -3.12 -26.13 -7.71
C GLU D 199 -3.25 -26.28 -9.22
N THR D 200 -4.31 -25.70 -9.78
CA THR D 200 -4.54 -25.76 -11.21
C THR D 200 -3.73 -24.69 -11.94
N VAL D 201 -3.53 -23.57 -11.26
CA VAL D 201 -2.74 -22.47 -11.82
C VAL D 201 -1.29 -22.79 -11.48
N ARG D 202 -1.12 -23.60 -10.44
CA ARG D 202 0.21 -24.02 -9.99
C ARG D 202 0.87 -24.82 -11.11
N GLU D 203 0.22 -25.92 -11.51
CA GLU D 203 0.76 -26.76 -12.57
C GLU D 203 0.79 -26.03 -13.90
N PHE D 204 -0.10 -25.06 -14.05
CA PHE D 204 -0.16 -24.29 -15.29
C PHE D 204 1.11 -23.46 -15.48
N LEU D 205 1.49 -22.70 -14.46
CA LEU D 205 2.69 -21.89 -14.52
C LEU D 205 3.91 -22.80 -14.60
N GLU D 206 3.76 -23.99 -14.02
CA GLU D 206 4.80 -25.00 -13.99
C GLU D 206 5.09 -25.52 -15.39
N ILE D 207 4.04 -25.65 -16.21
CA ILE D 207 4.18 -26.13 -17.58
C ILE D 207 4.84 -25.08 -18.46
N LEU D 208 4.41 -23.83 -18.33
CA LEU D 208 4.96 -22.73 -19.12
C LEU D 208 6.46 -22.59 -18.86
N GLU D 209 6.89 -22.99 -17.67
CA GLU D 209 8.29 -22.93 -17.28
C GLU D 209 9.08 -23.76 -18.28
N LYS D 210 9.06 -25.08 -18.05
CA LYS D 210 9.75 -26.05 -18.90
C LYS D 210 9.76 -25.64 -20.37
N THR D 211 8.57 -25.63 -20.97
CA THR D 211 8.41 -25.28 -22.38
C THR D 211 9.13 -24.00 -22.79
N LEU D 212 8.49 -22.85 -22.52
CA LEU D 212 9.05 -21.55 -22.87
C LEU D 212 10.57 -21.51 -22.67
N SER D 213 11.03 -22.08 -21.56
CA SER D 213 12.46 -22.12 -21.25
C SER D 213 13.23 -22.66 -22.45
N GLN D 214 12.91 -23.89 -22.83
CA GLN D 214 13.57 -24.56 -23.96
C GLN D 214 13.10 -24.05 -25.32
N GLY D 215 12.94 -22.74 -25.44
CA GLY D 215 12.52 -22.14 -26.70
C GLY D 215 11.30 -22.75 -27.36
N GLY D 216 10.52 -23.50 -26.59
CA GLY D 216 9.33 -24.12 -27.13
C GLY D 216 8.08 -23.28 -26.92
N LYS D 217 7.07 -23.52 -27.76
CA LYS D 217 5.81 -22.78 -27.70
C LYS D 217 4.81 -23.45 -26.77
N VAL D 218 3.80 -22.68 -26.37
CA VAL D 218 2.73 -23.17 -25.49
C VAL D 218 1.38 -22.79 -26.11
N LEU D 219 0.87 -23.67 -26.96
CA LEU D 219 -0.41 -23.44 -27.62
C LEU D 219 -1.59 -23.62 -26.68
N ILE D 220 -2.51 -22.66 -26.68
CA ILE D 220 -3.68 -22.72 -25.81
C ILE D 220 -4.98 -22.25 -26.46
N PRO D 221 -5.78 -23.18 -26.96
CA PRO D 221 -7.04 -22.81 -27.59
C PRO D 221 -8.02 -22.40 -26.49
N THR D 222 -8.64 -21.24 -26.66
CA THR D 222 -9.59 -20.73 -25.67
C THR D 222 -10.73 -19.97 -26.34
N PHE D 223 -11.81 -19.74 -25.61
CA PHE D 223 -12.94 -19.01 -26.17
C PHE D 223 -12.75 -17.52 -26.02
N ALA D 224 -13.01 -16.80 -27.11
CA ALA D 224 -12.85 -15.35 -27.17
C ALA D 224 -13.80 -14.55 -26.29
N VAL D 225 -14.43 -15.19 -25.31
CA VAL D 225 -15.36 -14.46 -24.46
C VAL D 225 -14.90 -14.25 -23.01
N GLU D 226 -14.33 -15.28 -22.37
CA GLU D 226 -13.88 -15.08 -20.99
C GLU D 226 -12.71 -15.93 -20.57
N ARG D 227 -12.62 -17.14 -21.13
CA ARG D 227 -11.54 -18.05 -20.78
C ARG D 227 -10.22 -17.47 -21.28
N ALA D 228 -10.29 -16.78 -22.41
CA ALA D 228 -9.11 -16.18 -23.01
C ALA D 228 -8.46 -15.18 -22.05
N GLN D 229 -9.18 -14.10 -21.78
CA GLN D 229 -8.68 -13.05 -20.90
C GLN D 229 -8.37 -13.55 -19.48
N GLU D 230 -9.01 -14.62 -19.04
CA GLU D 230 -8.71 -15.12 -17.69
C GLU D 230 -7.29 -15.66 -17.65
N ILE D 231 -6.77 -15.97 -18.83
CA ILE D 231 -5.42 -16.49 -18.96
C ILE D 231 -4.49 -15.27 -18.85
N LEU D 232 -4.78 -14.26 -19.66
CA LEU D 232 -4.00 -13.03 -19.66
C LEU D 232 -4.02 -12.33 -18.30
N TYR D 233 -4.71 -12.91 -17.33
CA TYR D 233 -4.77 -12.34 -15.98
C TYR D 233 -3.75 -13.04 -15.10
N VAL D 234 -3.75 -14.37 -15.18
CA VAL D 234 -2.84 -15.19 -14.43
C VAL D 234 -1.44 -14.87 -14.94
N LEU D 235 -1.34 -14.69 -16.26
CA LEU D 235 -0.07 -14.35 -16.90
C LEU D 235 0.40 -12.95 -16.50
N TYR D 236 -0.51 -12.19 -15.90
CA TYR D 236 -0.19 -10.85 -15.46
C TYR D 236 0.21 -10.91 -13.99
N THR D 237 -0.52 -11.71 -13.22
CA THR D 237 -0.26 -11.85 -11.80
C THR D 237 0.95 -12.72 -11.46
N HIS D 238 1.39 -13.54 -12.41
CA HIS D 238 2.53 -14.42 -12.18
C HIS D 238 3.59 -14.28 -13.26
N GLY D 239 3.38 -13.35 -14.19
CA GLY D 239 4.31 -13.15 -15.29
C GLY D 239 5.73 -12.74 -14.95
N HIS D 240 5.93 -11.98 -13.88
CA HIS D 240 7.26 -11.51 -13.50
C HIS D 240 8.26 -12.64 -13.25
N ARG D 241 7.80 -13.88 -13.19
CA ARG D 241 8.69 -15.01 -12.95
C ARG D 241 8.63 -16.04 -14.08
N LEU D 242 8.50 -15.55 -15.31
CA LEU D 242 8.44 -16.39 -16.50
C LEU D 242 9.32 -15.74 -17.56
N PRO D 243 10.18 -16.54 -18.22
CA PRO D 243 11.06 -16.01 -19.27
C PRO D 243 10.32 -15.19 -20.31
N ARG D 244 10.82 -13.99 -20.59
CA ARG D 244 10.19 -13.11 -21.56
C ARG D 244 9.95 -13.79 -22.90
N ALA D 245 8.68 -14.06 -23.20
CA ALA D 245 8.29 -14.69 -24.45
C ALA D 245 7.03 -13.98 -24.94
N PRO D 246 7.08 -13.41 -26.15
CA PRO D 246 5.91 -12.69 -26.68
C PRO D 246 4.63 -13.53 -26.63
N ILE D 247 3.57 -12.94 -26.08
CA ILE D 247 2.28 -13.62 -25.96
C ILE D 247 1.34 -13.08 -27.04
N TYR D 248 0.97 -13.95 -27.97
CA TYR D 248 0.06 -13.56 -29.05
C TYR D 248 -1.35 -14.10 -28.84
N LEU D 249 -2.33 -13.19 -28.89
CA LEU D 249 -3.73 -13.54 -28.72
C LEU D 249 -4.31 -13.62 -30.13
N ASP D 250 -4.17 -14.78 -30.75
CA ASP D 250 -4.65 -14.99 -32.10
C ASP D 250 -6.18 -15.12 -32.19
N SER D 251 -6.87 -14.05 -31.84
CA SER D 251 -8.32 -14.04 -31.88
C SER D 251 -8.85 -12.61 -31.99
N PRO D 252 -9.23 -12.20 -33.20
CA PRO D 252 -9.75 -10.84 -33.46
C PRO D 252 -10.89 -10.48 -32.50
N MET D 253 -11.69 -11.46 -32.14
CA MET D 253 -12.81 -11.21 -31.24
C MET D 253 -12.32 -11.02 -29.82
N ALA D 254 -11.52 -11.97 -29.33
CA ALA D 254 -10.98 -11.90 -27.99
C ALA D 254 -10.31 -10.54 -27.79
N GLY D 255 -10.05 -9.87 -28.91
CA GLY D 255 -9.44 -8.55 -28.87
C GLY D 255 -10.51 -7.50 -28.60
N ARG D 256 -11.69 -7.69 -29.18
CA ARG D 256 -12.78 -6.75 -28.97
C ARG D 256 -13.36 -6.93 -27.56
N VAL D 257 -13.32 -8.17 -27.08
CA VAL D 257 -13.80 -8.49 -25.74
C VAL D 257 -12.81 -7.98 -24.70
N LEU D 258 -11.52 -8.10 -25.00
CA LEU D 258 -10.49 -7.63 -24.08
C LEU D 258 -10.51 -6.12 -24.05
N SER D 259 -10.86 -5.50 -25.17
CA SER D 259 -10.93 -4.06 -25.26
C SER D 259 -12.16 -3.58 -24.50
N LEU D 260 -13.14 -4.45 -24.37
CA LEU D 260 -14.35 -4.11 -23.67
C LEU D 260 -14.15 -4.30 -22.17
N TYR D 261 -13.21 -5.14 -21.79
CA TYR D 261 -12.98 -5.40 -20.38
C TYR D 261 -12.72 -4.24 -19.44
N PRO D 262 -12.31 -3.08 -19.98
CA PRO D 262 -12.08 -1.96 -19.06
C PRO D 262 -13.39 -1.33 -18.60
N ARG D 263 -14.30 -1.07 -19.54
CA ARG D 263 -15.58 -0.47 -19.19
C ARG D 263 -16.42 -1.41 -18.32
N LEU D 264 -15.87 -2.54 -17.92
CA LEU D 264 -16.62 -3.49 -17.11
C LEU D 264 -15.92 -3.76 -15.78
N VAL D 265 -14.99 -2.89 -15.40
CA VAL D 265 -14.26 -3.07 -14.15
C VAL D 265 -15.16 -3.38 -12.95
N ARG D 266 -16.38 -2.83 -12.96
CA ARG D 266 -17.33 -3.04 -11.86
C ARG D 266 -17.75 -4.50 -11.65
N TYR D 267 -17.93 -5.21 -12.75
CA TYR D 267 -18.37 -6.60 -12.72
C TYR D 267 -17.39 -7.64 -12.23
N PHE D 268 -16.09 -7.34 -12.24
CA PHE D 268 -15.12 -8.34 -11.79
C PHE D 268 -15.01 -8.44 -10.27
N SER D 269 -14.17 -9.36 -9.80
CA SER D 269 -13.98 -9.54 -8.37
C SER D 269 -13.18 -8.39 -7.77
N GLU D 270 -13.27 -8.24 -6.45
CA GLU D 270 -12.55 -7.16 -5.77
C GLU D 270 -11.07 -7.11 -6.17
N GLU D 271 -10.42 -8.28 -6.26
CA GLU D 271 -9.01 -8.33 -6.64
C GLU D 271 -8.81 -7.59 -7.94
N VAL D 272 -9.51 -8.03 -8.97
CA VAL D 272 -9.40 -7.39 -10.28
C VAL D 272 -9.60 -5.88 -10.13
N GLN D 273 -10.57 -5.48 -9.31
CA GLN D 273 -10.87 -4.08 -9.11
C GLN D 273 -9.74 -3.37 -8.36
N ALA D 274 -9.12 -4.08 -7.42
CA ALA D 274 -8.02 -3.49 -6.66
C ALA D 274 -6.87 -3.17 -7.61
N HIS D 275 -6.57 -4.09 -8.53
CA HIS D 275 -5.51 -3.85 -9.49
C HIS D 275 -5.88 -2.63 -10.32
N PHE D 276 -7.11 -2.63 -10.83
CA PHE D 276 -7.60 -1.53 -11.66
C PHE D 276 -7.49 -0.19 -10.96
N LEU D 277 -7.75 -0.17 -9.66
CA LEU D 277 -7.70 1.08 -8.93
C LEU D 277 -6.30 1.69 -8.94
N GLN D 278 -5.30 0.87 -9.25
CA GLN D 278 -3.93 1.35 -9.31
C GLN D 278 -3.50 1.69 -10.72
N GLY D 279 -4.46 2.09 -11.55
CA GLY D 279 -4.17 2.46 -12.92
C GLY D 279 -3.66 1.35 -13.82
N LYS D 280 -3.62 0.13 -13.31
CA LYS D 280 -3.14 -1.00 -14.10
C LYS D 280 -4.26 -1.89 -14.66
N ASN D 281 -4.05 -2.39 -15.88
CA ASN D 281 -4.99 -3.28 -16.57
C ASN D 281 -4.47 -4.72 -16.47
N PRO D 282 -4.85 -5.45 -15.41
CA PRO D 282 -4.39 -6.83 -15.21
C PRO D 282 -4.75 -7.84 -16.30
N PHE D 283 -5.20 -7.34 -17.45
CA PHE D 283 -5.57 -8.22 -18.56
C PHE D 283 -4.69 -7.92 -19.76
N ARG D 284 -3.48 -7.44 -19.48
CA ARG D 284 -2.52 -7.10 -20.52
C ARG D 284 -1.08 -7.32 -20.05
N PRO D 285 -0.70 -8.57 -19.77
CA PRO D 285 0.66 -8.81 -19.30
C PRO D 285 1.71 -8.23 -20.27
N ALA D 286 2.96 -8.36 -19.89
CA ALA D 286 4.06 -7.84 -20.71
C ALA D 286 4.17 -8.55 -22.05
N GLY D 287 4.45 -7.77 -23.09
CA GLY D 287 4.61 -8.31 -24.43
C GLY D 287 3.40 -8.99 -25.04
N LEU D 288 2.21 -8.62 -24.57
CA LEU D 288 0.97 -9.20 -25.09
C LEU D 288 0.66 -8.62 -26.47
N GLU D 289 0.35 -9.50 -27.41
CA GLU D 289 0.05 -9.09 -28.78
C GLU D 289 -1.28 -9.66 -29.26
N VAL D 290 -1.99 -8.92 -30.09
CA VAL D 290 -3.27 -9.39 -30.60
C VAL D 290 -3.27 -9.53 -32.12
N VAL D 291 -3.30 -10.77 -32.58
CA VAL D 291 -3.30 -11.06 -34.00
C VAL D 291 -4.61 -10.56 -34.60
N GLU D 292 -4.52 -9.68 -35.60
CA GLU D 292 -5.71 -9.16 -36.24
C GLU D 292 -6.04 -9.84 -37.56
N HIS D 293 -5.03 -9.98 -38.42
CA HIS D 293 -5.21 -10.61 -39.72
C HIS D 293 -4.64 -12.02 -39.75
N THR D 294 -5.15 -12.84 -40.67
CA THR D 294 -4.71 -14.23 -40.78
C THR D 294 -3.22 -14.38 -41.13
N GLU D 295 -2.71 -13.45 -41.93
CA GLU D 295 -1.30 -13.48 -42.32
C GLU D 295 -0.35 -13.56 -41.13
N ALA D 296 -0.43 -12.59 -40.24
CA ALA D 296 0.42 -12.58 -39.06
C ALA D 296 0.17 -13.84 -38.25
N SER D 297 -1.06 -14.35 -38.36
CA SER D 297 -1.45 -15.56 -37.64
C SER D 297 -0.70 -16.77 -38.13
N LYS D 298 -0.66 -16.96 -39.45
CA LYS D 298 0.05 -18.11 -40.01
C LYS D 298 1.55 -17.89 -39.89
N ALA D 299 1.96 -16.62 -39.79
CA ALA D 299 3.37 -16.30 -39.65
C ALA D 299 3.91 -16.92 -38.37
N LEU D 300 3.06 -16.98 -37.34
CA LEU D 300 3.42 -17.55 -36.05
C LEU D 300 3.72 -19.04 -36.15
N ASN D 301 3.00 -19.73 -37.03
CA ASN D 301 3.18 -21.16 -37.21
C ASN D 301 4.63 -21.45 -37.59
N ARG D 302 5.16 -20.65 -38.51
CA ARG D 302 6.54 -20.81 -38.97
C ARG D 302 7.51 -20.04 -38.07
N ALA D 303 7.01 -19.00 -37.41
CA ALA D 303 7.84 -18.21 -36.52
C ALA D 303 8.29 -19.10 -35.36
N PRO D 304 9.60 -19.34 -35.24
CA PRO D 304 10.18 -20.18 -34.18
C PRO D 304 9.90 -19.74 -32.75
N GLY D 305 9.86 -20.70 -31.84
CA GLY D 305 9.62 -20.37 -30.44
C GLY D 305 10.80 -19.58 -29.91
N PRO D 306 10.74 -19.08 -28.66
CA PRO D 306 9.63 -19.22 -27.72
C PRO D 306 8.54 -18.17 -27.91
N MET D 307 7.38 -18.44 -27.33
CA MET D 307 6.22 -17.56 -27.37
C MET D 307 5.01 -18.29 -26.83
N VAL D 308 4.00 -17.53 -26.41
CA VAL D 308 2.76 -18.12 -25.88
C VAL D 308 1.61 -17.73 -26.81
N VAL D 309 0.92 -18.73 -27.34
CA VAL D 309 -0.18 -18.48 -28.26
C VAL D 309 -1.54 -18.99 -27.78
N LEU D 310 -2.57 -18.20 -28.07
CA LEU D 310 -3.94 -18.52 -27.71
C LEU D 310 -4.85 -18.11 -28.87
N ALA D 311 -5.81 -18.97 -29.19
CA ALA D 311 -6.75 -18.72 -30.27
C ALA D 311 -7.93 -19.69 -30.18
N GLY D 312 -8.90 -19.52 -31.08
CA GLY D 312 -10.07 -20.39 -31.10
C GLY D 312 -10.08 -21.23 -32.36
N SER D 313 -11.01 -22.18 -32.49
CA SER D 313 -12.04 -22.49 -31.49
C SER D 313 -11.51 -23.08 -30.19
N GLY D 314 -12.33 -23.01 -29.14
CA GLY D 314 -11.95 -23.55 -27.85
C GLY D 314 -12.24 -25.03 -27.78
N MET D 315 -13.07 -25.50 -28.71
CA MET D 315 -13.44 -26.90 -28.80
C MET D 315 -12.63 -27.55 -29.91
N LEU D 316 -11.80 -26.74 -30.56
CA LEU D 316 -10.95 -27.18 -31.66
C LEU D 316 -11.77 -27.60 -32.86
N ALA D 317 -12.79 -26.81 -33.18
CA ALA D 317 -13.68 -27.12 -34.29
C ALA D 317 -13.36 -26.32 -35.55
N GLY D 318 -12.27 -25.56 -35.50
CA GLY D 318 -11.90 -24.75 -36.66
C GLY D 318 -11.10 -23.53 -36.30
N GLY D 319 -11.37 -22.42 -36.99
CA GLY D 319 -10.67 -21.19 -36.70
C GLY D 319 -9.18 -21.29 -36.95
N ARG D 320 -8.40 -20.41 -36.33
CA ARG D 320 -6.96 -20.40 -36.51
C ARG D 320 -6.16 -21.24 -35.52
N ILE D 321 -6.82 -21.78 -34.50
CA ILE D 321 -6.11 -22.61 -33.53
C ILE D 321 -5.50 -23.83 -34.20
N LEU D 322 -6.28 -24.49 -35.04
CA LEU D 322 -5.85 -25.68 -35.77
C LEU D 322 -4.53 -25.45 -36.49
N HIS D 323 -4.43 -24.33 -37.19
CA HIS D 323 -3.22 -23.99 -37.94
C HIS D 323 -2.00 -24.03 -37.02
N HIS D 324 -2.20 -23.65 -35.76
CA HIS D 324 -1.10 -23.62 -34.80
C HIS D 324 -0.73 -25.03 -34.32
N LEU D 325 -1.73 -25.88 -34.13
CA LEU D 325 -1.50 -27.25 -33.67
C LEU D 325 -0.85 -28.11 -34.76
N LYS D 326 -1.15 -27.80 -36.01
CA LYS D 326 -0.60 -28.52 -37.15
C LYS D 326 0.92 -28.40 -37.14
N HIS D 327 1.41 -27.22 -37.54
CA HIS D 327 2.84 -26.94 -37.58
C HIS D 327 3.33 -26.77 -36.14
N GLY D 328 2.90 -27.65 -35.25
CA GLY D 328 3.30 -27.56 -33.87
C GLY D 328 3.32 -28.87 -33.10
N LEU D 329 2.28 -29.68 -33.26
CA LEU D 329 2.22 -30.98 -32.56
C LEU D 329 3.42 -31.84 -32.96
N SER D 330 3.99 -31.50 -34.11
CA SER D 330 5.14 -32.23 -34.65
C SER D 330 6.44 -32.12 -33.85
N ASP D 331 6.54 -31.12 -32.99
CA ASP D 331 7.74 -30.91 -32.18
C ASP D 331 7.51 -31.30 -30.71
N PRO D 332 8.39 -32.13 -30.14
CA PRO D 332 8.30 -32.60 -28.74
C PRO D 332 8.67 -31.60 -27.66
N ARG D 333 9.06 -30.39 -28.05
CA ARG D 333 9.43 -29.37 -27.07
C ARG D 333 8.29 -28.38 -26.85
N ASN D 334 7.21 -28.55 -27.62
CA ASN D 334 6.05 -27.68 -27.49
C ASN D 334 5.03 -28.32 -26.57
N ALA D 335 4.15 -27.50 -26.01
CA ALA D 335 3.11 -27.99 -25.12
C ALA D 335 1.74 -27.48 -25.54
N LEU D 336 0.75 -28.35 -25.47
CA LEU D 336 -0.62 -28.00 -25.82
C LEU D 336 -1.38 -27.90 -24.50
N VAL D 337 -2.03 -26.76 -24.29
CA VAL D 337 -2.77 -26.56 -23.06
C VAL D 337 -4.27 -26.36 -23.23
N PHE D 338 -5.02 -27.28 -22.62
CA PHE D 338 -6.47 -27.23 -22.66
C PHE D 338 -6.94 -26.60 -21.36
N VAL D 339 -7.58 -25.45 -21.46
CA VAL D 339 -8.08 -24.74 -20.29
C VAL D 339 -9.60 -24.70 -20.33
N GLY D 340 -10.21 -25.71 -20.93
CA GLY D 340 -11.65 -25.77 -21.02
C GLY D 340 -12.11 -27.15 -21.41
N TYR D 341 -13.13 -27.65 -20.72
CA TYR D 341 -13.68 -28.98 -20.99
C TYR D 341 -13.86 -29.20 -22.48
N GLN D 342 -13.35 -30.33 -22.98
CA GLN D 342 -13.46 -30.67 -24.40
C GLN D 342 -14.61 -31.63 -24.66
N PRO D 343 -15.30 -31.46 -25.80
CA PRO D 343 -16.44 -32.30 -26.17
C PRO D 343 -16.03 -33.75 -26.44
N GLN D 344 -16.70 -34.68 -25.77
CA GLN D 344 -16.43 -36.09 -25.95
C GLN D 344 -16.53 -36.43 -27.44
N GLY D 345 -15.60 -37.26 -27.92
CA GLY D 345 -15.61 -37.62 -29.32
C GLY D 345 -15.30 -36.42 -30.20
N GLY D 346 -14.04 -36.01 -30.22
CA GLY D 346 -13.65 -34.88 -31.02
C GLY D 346 -12.14 -34.71 -31.03
N LEU D 347 -11.64 -33.90 -31.95
CA LEU D 347 -10.20 -33.65 -32.06
C LEU D 347 -9.58 -33.36 -30.70
N GLY D 348 -10.40 -32.85 -29.79
CA GLY D 348 -9.91 -32.53 -28.45
C GLY D 348 -9.71 -33.77 -27.61
N ALA D 349 -10.76 -34.57 -27.47
CA ALA D 349 -10.68 -35.80 -26.69
C ALA D 349 -9.67 -36.74 -27.34
N GLU D 350 -9.69 -36.79 -28.67
CA GLU D 350 -8.78 -37.63 -29.43
C GLU D 350 -7.34 -37.44 -28.98
N ILE D 351 -6.85 -36.20 -29.13
CA ILE D 351 -5.48 -35.86 -28.73
C ILE D 351 -5.18 -36.31 -27.31
N ILE D 352 -6.20 -36.36 -26.47
CA ILE D 352 -6.04 -36.77 -25.08
C ILE D 352 -5.74 -38.27 -25.03
N ALA D 353 -6.33 -39.01 -25.96
CA ALA D 353 -6.12 -40.45 -26.04
C ALA D 353 -4.65 -40.69 -26.38
N ARG D 354 -3.99 -39.61 -26.80
CA ARG D 354 -2.57 -39.62 -27.17
C ARG D 354 -2.22 -40.63 -28.25
N PRO D 355 -2.85 -40.52 -29.44
CA PRO D 355 -2.57 -41.45 -30.53
C PRO D 355 -1.15 -41.22 -31.08
N PRO D 356 -0.69 -42.09 -31.98
CA PRO D 356 0.65 -41.88 -32.54
C PRO D 356 0.73 -40.53 -33.24
N ALA D 357 -0.35 -40.20 -33.96
CA ALA D 357 -0.45 -38.94 -34.68
C ALA D 357 -1.91 -38.55 -34.73
N VAL D 358 -2.21 -37.41 -35.35
CA VAL D 358 -3.58 -36.94 -35.46
C VAL D 358 -3.83 -36.17 -36.75
N ARG D 359 -4.99 -36.43 -37.37
CA ARG D 359 -5.35 -35.76 -38.61
C ARG D 359 -5.80 -34.34 -38.29
N ILE D 360 -5.17 -33.37 -38.94
CA ILE D 360 -5.49 -31.97 -38.71
C ILE D 360 -5.53 -31.20 -40.03
N LEU D 361 -6.74 -30.89 -40.50
CA LEU D 361 -6.91 -30.16 -41.75
C LEU D 361 -6.54 -31.02 -42.94
N GLY D 362 -6.69 -32.34 -42.79
CA GLY D 362 -6.36 -33.26 -43.86
C GLY D 362 -4.86 -33.27 -44.12
N GLU D 363 -4.09 -33.41 -43.05
CA GLU D 363 -2.63 -33.43 -43.14
C GLU D 363 -2.06 -34.16 -41.92
N GLU D 364 -2.67 -35.28 -41.58
CA GLU D 364 -2.26 -36.07 -40.43
C GLU D 364 -0.80 -35.89 -40.06
N VAL D 365 -0.57 -35.23 -38.93
CA VAL D 365 0.78 -34.96 -38.44
C VAL D 365 1.04 -35.72 -37.14
N PRO D 366 2.32 -35.77 -36.70
CA PRO D 366 2.73 -36.46 -35.48
C PRO D 366 2.19 -35.85 -34.19
N LEU D 367 2.16 -36.66 -33.13
CA LEU D 367 1.69 -36.22 -31.82
C LEU D 367 2.86 -36.28 -30.84
N ARG D 368 3.89 -35.47 -31.10
CA ARG D 368 5.05 -35.44 -30.23
C ARG D 368 4.89 -34.42 -29.11
N ALA D 369 4.27 -33.28 -29.43
CA ALA D 369 4.05 -32.21 -28.45
C ALA D 369 3.28 -32.69 -27.22
N SER D 370 3.89 -32.54 -26.05
CA SER D 370 3.27 -32.95 -24.79
C SER D 370 1.92 -32.26 -24.56
N VAL D 371 0.86 -33.05 -24.49
CA VAL D 371 -0.49 -32.52 -24.28
C VAL D 371 -0.84 -32.45 -22.81
N HIS D 372 -1.45 -31.33 -22.40
CA HIS D 372 -1.84 -31.11 -21.02
C HIS D 372 -3.32 -30.72 -20.91
N THR D 373 -3.95 -31.12 -19.81
CA THR D 373 -5.36 -30.82 -19.58
C THR D 373 -5.60 -30.25 -18.18
N LEU D 374 -6.33 -29.15 -18.11
CA LEU D 374 -6.63 -28.49 -16.84
C LEU D 374 -8.13 -28.38 -16.57
N GLY D 375 -8.64 -29.26 -15.71
CA GLY D 375 -10.05 -29.26 -15.39
C GLY D 375 -10.42 -28.34 -14.24
N GLY D 376 -9.58 -27.34 -14.00
CA GLY D 376 -9.84 -26.39 -12.94
C GLY D 376 -10.33 -25.06 -13.50
N PHE D 377 -9.84 -24.72 -14.69
CA PHE D 377 -10.21 -23.47 -15.37
C PHE D 377 -11.66 -23.43 -15.88
N SER D 378 -12.46 -24.42 -15.47
CA SER D 378 -13.86 -24.48 -15.89
C SER D 378 -14.65 -23.32 -15.32
N GLY D 379 -15.37 -22.62 -16.19
CA GLY D 379 -16.17 -21.49 -15.76
C GLY D 379 -17.46 -21.92 -15.10
N HIS D 380 -17.68 -23.23 -15.04
CA HIS D 380 -18.88 -23.76 -14.44
C HIS D 380 -18.60 -24.26 -13.02
N ALA D 381 -19.65 -24.29 -12.21
CA ALA D 381 -19.51 -24.75 -10.83
C ALA D 381 -19.44 -26.26 -10.77
N GLY D 382 -18.60 -26.76 -9.87
CA GLY D 382 -18.43 -28.19 -9.74
C GLY D 382 -19.50 -28.78 -8.84
N GLN D 383 -19.68 -30.10 -8.97
CA GLN D 383 -20.66 -30.84 -8.19
C GLN D 383 -20.73 -30.38 -6.73
N ASP D 384 -19.57 -30.34 -6.07
CA ASP D 384 -19.50 -29.92 -4.67
C ASP D 384 -20.10 -28.53 -4.47
N GLU D 385 -19.81 -27.65 -5.40
CA GLU D 385 -20.31 -26.27 -5.33
C GLU D 385 -21.81 -26.27 -5.59
N LEU D 386 -22.23 -26.97 -6.63
CA LEU D 386 -23.65 -27.07 -7.00
C LEU D 386 -24.44 -27.61 -5.81
N LEU D 387 -23.79 -28.42 -4.98
CA LEU D 387 -24.43 -28.97 -3.80
C LEU D 387 -24.54 -27.87 -2.77
N ASP D 388 -23.41 -27.25 -2.48
CA ASP D 388 -23.35 -26.16 -1.52
C ASP D 388 -24.45 -25.13 -1.79
N TRP D 389 -24.56 -24.72 -3.05
CA TRP D 389 -25.55 -23.75 -3.45
C TRP D 389 -26.95 -24.19 -3.05
N LEU D 390 -27.34 -25.37 -3.52
CA LEU D 390 -28.66 -25.94 -3.27
C LEU D 390 -29.03 -26.30 -1.83
N GLN D 391 -28.09 -26.16 -0.90
CA GLN D 391 -28.35 -26.48 0.50
C GLN D 391 -29.53 -25.71 1.08
N GLY D 392 -30.48 -26.45 1.64
CA GLY D 392 -31.64 -25.81 2.25
C GLY D 392 -32.85 -25.77 1.34
N GLU D 393 -32.63 -25.80 0.04
CA GLU D 393 -33.73 -25.76 -0.91
C GLU D 393 -34.55 -27.04 -0.89
N PRO D 394 -35.87 -26.91 -0.65
CA PRO D 394 -36.81 -28.04 -0.59
C PRO D 394 -37.02 -28.84 -1.87
N ARG D 395 -37.36 -28.16 -2.96
CA ARG D 395 -37.59 -28.85 -4.22
C ARG D 395 -36.66 -28.26 -5.26
N VAL D 396 -36.25 -29.07 -6.23
CA VAL D 396 -35.34 -28.62 -7.29
C VAL D 396 -35.67 -29.30 -8.62
N VAL D 397 -35.20 -28.71 -9.71
CA VAL D 397 -35.44 -29.27 -11.04
C VAL D 397 -34.22 -29.01 -11.91
N LEU D 398 -33.47 -30.07 -12.19
CA LEU D 398 -32.25 -29.98 -12.99
C LEU D 398 -32.42 -29.75 -14.49
N VAL D 399 -31.51 -28.95 -15.05
CA VAL D 399 -31.46 -28.64 -16.48
C VAL D 399 -30.01 -28.32 -16.85
N VAL D 400 -29.75 -28.17 -18.15
CA VAL D 400 -28.40 -27.86 -18.62
C VAL D 400 -27.42 -28.98 -18.23
N GLY D 401 -27.27 -29.93 -19.13
CA GLY D 401 -26.37 -31.06 -18.91
C GLY D 401 -26.91 -32.36 -19.44
N GLU D 402 -26.05 -33.38 -19.55
CA GLU D 402 -26.45 -34.70 -20.03
C GLU D 402 -27.17 -35.42 -18.90
N GLU D 403 -28.10 -36.29 -19.26
CA GLU D 403 -28.87 -37.04 -18.26
C GLU D 403 -27.98 -37.72 -17.22
N GLU D 404 -27.01 -38.50 -17.69
CA GLU D 404 -26.10 -39.22 -16.79
C GLU D 404 -25.50 -38.24 -15.77
N LYS D 405 -25.15 -37.06 -16.24
CA LYS D 405 -24.58 -36.02 -15.39
C LYS D 405 -25.63 -35.52 -14.40
N LEU D 406 -26.79 -35.13 -14.93
CA LEU D 406 -27.89 -34.64 -14.10
C LEU D 406 -28.35 -35.71 -13.11
N LEU D 407 -28.78 -36.85 -13.65
CA LEU D 407 -29.23 -37.98 -12.82
C LEU D 407 -28.23 -38.17 -11.69
N ALA D 408 -26.96 -38.11 -12.03
CA ALA D 408 -25.90 -38.27 -11.05
C ALA D 408 -26.17 -37.37 -9.84
N LEU D 409 -25.90 -36.08 -10.00
CA LEU D 409 -26.12 -35.10 -8.94
C LEU D 409 -27.51 -35.32 -8.36
N GLY D 410 -28.47 -35.62 -9.24
CA GLY D 410 -29.82 -35.86 -8.79
C GLY D 410 -29.84 -36.74 -7.56
N LYS D 411 -29.26 -37.93 -7.67
CA LYS D 411 -29.22 -38.87 -6.55
C LYS D 411 -28.59 -38.27 -5.30
N LEU D 412 -27.52 -37.50 -5.48
CA LEU D 412 -26.85 -36.88 -4.35
C LEU D 412 -27.77 -35.95 -3.58
N LEU D 413 -28.61 -35.21 -4.30
CA LEU D 413 -29.53 -34.29 -3.67
C LEU D 413 -30.60 -35.09 -2.93
N ALA D 414 -31.07 -36.14 -3.59
CA ALA D 414 -32.08 -37.03 -3.02
C ALA D 414 -31.63 -37.55 -1.67
N LEU D 415 -30.42 -38.11 -1.61
CA LEU D 415 -29.87 -38.64 -0.37
C LEU D 415 -29.95 -37.62 0.76
N ARG D 416 -29.86 -36.34 0.41
CA ARG D 416 -29.91 -35.29 1.41
C ARG D 416 -31.35 -34.95 1.82
N GLY D 417 -32.31 -35.46 1.06
CA GLY D 417 -33.71 -35.24 1.37
C GLY D 417 -34.34 -34.13 0.56
N GLN D 418 -33.73 -33.82 -0.59
CA GLN D 418 -34.23 -32.77 -1.45
C GLN D 418 -35.04 -33.29 -2.62
N GLU D 419 -36.31 -32.91 -2.67
CA GLU D 419 -37.19 -33.33 -3.75
C GLU D 419 -36.61 -32.82 -5.06
N VAL D 420 -35.95 -33.70 -5.81
CA VAL D 420 -35.34 -33.30 -7.07
C VAL D 420 -35.91 -34.11 -8.24
N SER D 421 -35.82 -33.56 -9.44
CA SER D 421 -36.32 -34.23 -10.63
C SER D 421 -35.79 -33.52 -11.87
N LEU D 422 -35.91 -34.15 -13.03
CA LEU D 422 -35.42 -33.55 -14.27
C LEU D 422 -36.48 -32.80 -15.10
N ALA D 423 -36.04 -31.76 -15.78
CA ALA D 423 -36.94 -30.98 -16.60
C ALA D 423 -37.11 -31.64 -17.96
N ARG D 424 -38.37 -31.84 -18.32
CA ARG D 424 -38.72 -32.47 -19.59
C ARG D 424 -39.23 -31.36 -20.53
N PHE D 425 -38.72 -31.34 -21.75
CA PHE D 425 -39.09 -30.33 -22.73
C PHE D 425 -40.58 -30.08 -22.81
N GLY D 426 -40.96 -28.81 -22.93
CA GLY D 426 -42.36 -28.43 -23.03
C GLY D 426 -43.22 -28.80 -21.85
N GLU D 427 -42.66 -29.54 -20.90
CA GLU D 427 -43.41 -29.97 -19.71
C GLU D 427 -43.33 -28.97 -18.58
N GLY D 428 -44.46 -28.32 -18.31
CA GLY D 428 -44.52 -27.33 -17.24
C GLY D 428 -44.12 -27.88 -15.88
N VAL D 429 -43.97 -26.98 -14.92
CA VAL D 429 -43.60 -27.33 -13.55
C VAL D 429 -44.18 -26.28 -12.62
N PRO D 430 -44.94 -26.71 -11.60
CA PRO D 430 -45.54 -25.80 -10.63
C PRO D 430 -44.47 -25.20 -9.75
N VAL D 431 -44.80 -24.12 -9.05
CA VAL D 431 -43.83 -23.46 -8.18
C VAL D 431 -44.35 -23.48 -6.75
S SO4 E . -31.96 17.36 2.51
O1 SO4 E . -31.40 16.11 1.87
O2 SO4 E . -31.38 17.38 3.91
O3 SO4 E . -31.49 18.52 1.84
O4 SO4 E . -33.37 17.25 2.56
S SO4 F . -44.26 -13.63 14.37
O1 SO4 F . -44.39 -13.73 15.89
O2 SO4 F . -42.75 -13.53 14.14
O3 SO4 F . -44.74 -14.83 13.79
O4 SO4 F . -44.88 -12.44 13.93
S SO4 G . -6.96 23.26 12.97
O1 SO4 G . -6.56 21.95 13.66
O2 SO4 G . -5.64 23.98 12.74
O3 SO4 G . -7.56 22.95 11.72
O4 SO4 G . -7.76 24.03 13.85
S SO4 H . -40.09 -10.24 22.02
O1 SO4 H . -38.61 -10.15 21.67
O2 SO4 H . -40.57 -11.47 21.27
O3 SO4 H . -40.23 -10.45 23.43
O4 SO4 H . -40.76 -9.08 21.52
S SO4 I . -9.08 -1.77 3.05
O1 SO4 I . -10.08 -2.33 2.05
O2 SO4 I . -9.36 -2.55 4.33
O3 SO4 I . -7.76 -2.04 2.60
O4 SO4 I . -9.37 -0.39 3.28
S SO4 J . -35.46 27.87 -14.95
O1 SO4 J . -34.68 28.61 -16.01
O2 SO4 J . -35.90 26.58 -15.63
O3 SO4 J . -34.61 27.57 -13.85
O4 SO4 J . -36.62 28.62 -14.60
S SO4 K . -13.62 35.13 -16.06
O1 SO4 K . -12.63 36.19 -16.49
O2 SO4 K . -13.18 33.88 -16.81
O3 SO4 K . -13.50 34.91 -14.67
O4 SO4 K . -14.92 35.50 -16.51
S SO4 L . -7.54 14.86 -9.92
O1 SO4 L . -6.25 15.56 -10.37
O2 SO4 L . -7.69 13.69 -10.89
O3 SO4 L . -7.38 14.37 -8.60
O4 SO4 L . -8.62 15.75 -10.11
S SO4 M . -54.46 8.52 7.51
O1 SO4 M . -55.45 9.68 7.58
O2 SO4 M . -55.06 7.57 6.50
O3 SO4 M . -53.21 9.01 7.02
O4 SO4 M . -54.38 7.87 8.77
S SO4 N . -27.56 -19.17 11.16
O1 SO4 N . -27.92 -17.92 11.95
O2 SO4 N . -26.25 -18.82 10.48
O3 SO4 N . -27.35 -20.24 12.08
O4 SO4 N . -28.56 -19.42 10.17
S SO4 O . -45.05 -6.45 20.13
O1 SO4 O . -44.65 -6.43 21.59
O2 SO4 O . -43.81 -5.94 19.39
O3 SO4 O . -45.31 -7.79 19.72
O4 SO4 O . -46.12 -5.54 19.92
S SO4 P . -22.07 18.33 9.00
O1 SO4 P . -21.52 19.26 10.08
O2 SO4 P . -21.32 18.76 7.74
O3 SO4 P . -21.74 16.99 9.31
O4 SO4 P . -23.46 18.58 8.83
S SO4 Q . -24.06 24.20 -19.85
O1 SO4 Q . -23.32 24.86 -21.02
O2 SO4 Q . -23.45 22.81 -19.74
O3 SO4 Q . -23.80 24.93 -18.66
O4 SO4 Q . -25.43 24.09 -20.20
S SO4 R . -32.67 43.61 0.61
O1 SO4 R . -32.05 44.85 -0.02
O2 SO4 R . -32.11 42.45 -0.21
O3 SO4 R . -32.24 43.50 1.96
O4 SO4 R . -34.08 43.64 0.44
S SO4 S . -14.53 47.49 -2.83
O1 SO4 S . -13.91 48.81 -3.25
O2 SO4 S . -14.30 46.58 -4.03
O3 SO4 S . -13.84 46.99 -1.70
O4 SO4 S . -15.93 47.68 -2.65
S SO4 T . -21.34 47.55 8.08
O1 SO4 T . -20.00 48.20 8.43
O2 SO4 T . -21.36 47.55 6.56
O3 SO4 T . -21.36 46.21 8.56
O4 SO4 T . -22.39 48.38 8.57
S SO4 U . -13.50 35.49 13.32
O1 SO4 U . -12.55 36.45 12.62
O2 SO4 U . -14.26 34.86 12.16
O3 SO4 U . -12.74 34.50 13.99
O4 SO4 U . -14.40 36.23 14.15
S SO4 V . -28.44 5.27 -13.57
O1 SO4 V . -27.50 6.46 -13.75
O2 SO4 V . -28.86 4.92 -14.99
O3 SO4 V . -27.72 4.19 -13.00
O4 SO4 V . -29.58 5.69 -12.83
S SO4 W . -1.64 17.94 9.98
O1 SO4 W . -1.05 18.65 11.19
O2 SO4 W . -1.33 18.86 8.81
O3 SO4 W . -0.97 16.70 9.79
O4 SO4 W . -3.05 17.85 10.13
S SO4 X . -15.40 28.03 16.72
O1 SO4 X . -15.24 26.72 17.49
O2 SO4 X . -14.13 28.83 17.05
O3 SO4 X . -15.44 27.77 15.33
O4 SO4 X . -16.53 28.73 17.23
S SO4 Y . -21.86 4.85 30.23
O1 SO4 Y . -20.46 4.67 30.81
O2 SO4 Y . -21.85 6.26 29.63
O3 SO4 Y . -22.07 3.91 29.19
O4 SO4 Y . -22.81 4.80 31.29
S SO4 Z . -11.35 -0.22 -0.92
O1 SO4 Z . -9.93 -0.28 -1.48
O2 SO4 Z . -11.92 1.06 -1.49
O3 SO4 Z . -12.08 -1.34 -1.41
O4 SO4 Z . -11.28 -0.13 0.50
S SO4 AA . -27.94 49.79 5.90
O1 SO4 AA . -26.83 50.84 5.83
O2 SO4 AA . -28.02 49.22 4.49
O3 SO4 AA . -27.58 48.77 6.82
O4 SO4 AA . -29.18 50.45 6.19
S SO4 BA . -10.52 17.14 11.90
O1 SO4 BA . -10.09 15.75 12.36
O2 SO4 BA . -9.52 18.07 12.59
O3 SO4 BA . -10.34 17.23 10.49
O4 SO4 BA . -11.83 17.41 12.36
C1 BTB CA . -10.64 21.84 12.29
O1 BTB CA . -10.73 20.42 12.31
C2 BTB CA . -11.92 22.56 12.83
C3 BTB CA . -11.46 24.05 12.73
O3 BTB CA . -12.45 24.98 13.18
C4 BTB CA . -12.14 22.21 14.33
O4 BTB CA . -12.57 20.84 14.50
N BTB CA . -13.26 22.42 11.95
C5 BTB CA . -13.80 21.02 11.63
C6 BTB CA . -12.97 20.08 10.74
O6 BTB CA . -13.86 19.36 9.86
C7 BTB CA . -14.39 23.03 12.70
C8 BTB CA . -15.23 23.94 11.79
O8 BTB CA . -15.80 23.20 10.69
ZN ZN DA . -29.57 9.62 5.23
S SO4 EA . 14.02 51.90 0.10
O1 SO4 EA . 13.77 53.23 0.82
O2 SO4 EA . 15.44 51.52 0.52
O3 SO4 EA . 13.11 50.94 0.61
O4 SO4 EA . 13.98 52.11 -1.30
S SO4 FA . 7.26 42.30 -21.55
O1 SO4 FA . 6.46 43.55 -21.26
O2 SO4 FA . 7.49 42.38 -23.06
O3 SO4 FA . 8.51 42.35 -20.88
O4 SO4 FA . 6.46 41.15 -21.27
S SO4 GA . 29.41 -8.75 -12.05
O1 SO4 GA . 28.91 -9.59 -13.21
O2 SO4 GA . 30.83 -9.25 -11.84
O3 SO4 GA . 29.44 -7.38 -12.43
O4 SO4 GA . 28.64 -9.04 -10.89
S SO4 HA . 35.00 -10.73 -16.09
O1 SO4 HA . 35.38 -10.09 -17.42
O2 SO4 HA . 35.49 -12.17 -16.23
O3 SO4 HA . 35.71 -10.09 -15.04
O4 SO4 HA . 33.59 -10.73 -15.96
S SO4 IA . 35.05 20.80 -22.74
O1 SO4 IA . 33.72 20.19 -23.17
O2 SO4 IA . 36.08 20.08 -23.60
O3 SO4 IA . 35.04 22.19 -23.05
O4 SO4 IA . 35.29 20.49 -21.37
S SO4 JA . 11.98 24.64 -8.45
O1 SO4 JA . 11.83 24.40 -9.95
O2 SO4 JA . 12.56 23.34 -7.91
O3 SO4 JA . 12.92 25.69 -8.23
O4 SO4 JA . 10.69 24.85 -7.88
S SO4 KA . 23.37 13.16 12.86
O1 SO4 KA . 23.66 14.45 12.08
O2 SO4 KA . 22.42 12.35 11.98
O3 SO4 KA . 24.57 12.43 13.04
O4 SO4 KA . 22.69 13.51 14.07
S SO4 LA . -1.49 38.37 -12.51
O1 SO4 LA . -2.63 39.28 -13.00
O2 SO4 LA . -1.12 37.55 -13.74
O3 SO4 LA . -0.39 39.17 -12.15
O4 SO4 LA . -1.99 37.53 -11.48
S SO4 MA . -3.59 44.72 1.16
O1 SO4 MA . -4.50 45.89 0.80
O2 SO4 MA . -2.24 45.08 0.55
O3 SO4 MA . -3.47 44.64 2.58
O4 SO4 MA . -4.08 43.53 0.53
S SO4 NA . 29.22 34.67 -0.60
O1 SO4 NA . 28.32 35.44 0.36
O2 SO4 NA . 30.50 35.49 -0.64
O3 SO4 NA . 29.50 33.38 -0.05
O4 SO4 NA . 28.63 34.65 -1.89
S SO4 OA . -0.22 36.86 17.39
O1 SO4 OA . 1.00 37.78 17.31
O2 SO4 OA . -0.58 36.59 15.94
O3 SO4 OA . 0.13 35.65 18.03
O4 SO4 OA . -1.29 37.57 18.00
S SO4 PA . 9.07 2.44 2.32
O1 SO4 PA . 10.05 3.13 1.39
O2 SO4 PA . 9.68 1.07 2.55
O3 SO4 PA . 9.01 3.16 3.55
O4 SO4 PA . 7.82 2.29 1.65
S SO4 QA . 14.07 8.85 -30.09
O1 SO4 QA . 14.28 8.68 -31.60
O2 SO4 QA . 12.69 8.25 -29.86
O3 SO4 QA . 15.04 8.09 -29.40
O4 SO4 QA . 14.04 10.24 -29.78
S SO4 RA . -2.79 24.11 -11.99
O1 SO4 RA . -1.44 24.72 -11.62
O2 SO4 RA . -2.73 22.71 -11.39
O3 SO4 RA . -3.84 24.85 -11.38
O4 SO4 RA . -2.90 24.00 -13.40
S SO4 SA . 40.86 9.13 -22.96
O1 SO4 SA . 40.32 10.07 -24.03
O2 SO4 SA . 41.19 7.84 -23.71
O3 SO4 SA . 42.05 9.67 -22.40
O4 SO4 SA . 39.83 8.85 -22.01
S SO4 TA . 32.19 3.98 -25.97
O1 SO4 TA . 31.86 5.03 -27.03
O2 SO4 TA . 31.94 2.65 -26.67
O3 SO4 TA . 33.56 4.08 -25.62
O4 SO4 TA . 31.27 4.09 -24.89
S SO4 UA . 17.31 20.21 -9.21
O1 SO4 UA . 16.41 19.37 -8.30
O2 SO4 UA . 18.29 20.88 -8.25
O3 SO4 UA . 18.02 19.34 -10.09
O4 SO4 UA . 16.51 21.19 -9.86
S SO4 VA . 7.44 55.92 -3.56
O1 SO4 VA . 6.70 56.92 -2.67
O2 SO4 VA . 8.62 56.72 -4.11
O3 SO4 VA . 7.93 54.84 -2.76
O4 SO4 VA . 6.60 55.53 -4.65
S SO4 WA . 21.85 26.53 -3.05
O1 SO4 WA . 21.51 27.86 -2.39
O2 SO4 WA . 23.24 26.77 -3.66
O3 SO4 WA . 21.95 25.53 -2.08
O4 SO4 WA . 20.92 26.25 -4.10
ZN ZN XA . 22.26 18.51 -5.90
S SO4 YA . 25.25 -18.94 19.94
O1 SO4 YA . 24.12 -19.06 20.96
O2 SO4 YA . 26.44 -18.46 20.76
O3 SO4 YA . 25.53 -20.23 19.40
O4 SO4 YA . 24.90 -17.96 18.99
S SO4 ZA . 16.71 -4.96 7.30
O1 SO4 ZA . 16.00 -4.79 5.96
O2 SO4 ZA . 17.96 -5.76 6.95
O3 SO4 ZA . 17.10 -3.69 7.81
O4 SO4 ZA . 15.89 -5.74 8.16
S SO4 AB . 16.23 -21.28 47.12
O1 SO4 AB . 16.86 -20.71 45.86
O2 SO4 AB . 14.73 -21.24 46.82
O3 SO4 AB . 16.65 -22.64 47.26
O4 SO4 AB . 16.52 -20.43 48.22
S SO4 BB . 22.36 8.39 22.86
O1 SO4 BB . 21.88 9.82 22.61
O2 SO4 BB . 23.26 8.09 21.66
O3 SO4 BB . 23.15 8.36 24.04
O4 SO4 BB . 21.24 7.51 22.84
S SO4 CB . 49.06 -9.77 -5.28
O1 SO4 CB . 50.48 -9.49 -5.74
O2 SO4 CB . 49.16 -9.80 -3.75
O3 SO4 CB . 48.22 -8.69 -5.66
O4 SO4 CB . 48.65 -11.05 -5.74
S SO4 DB . 11.85 -6.42 43.00
O1 SO4 DB . 12.53 -5.61 41.92
O2 SO4 DB . 12.96 -7.31 43.53
O3 SO4 DB . 11.40 -5.55 44.03
O4 SO4 DB . 10.84 -7.23 42.42
S SO4 EB . 56.16 -4.77 19.83
O1 SO4 EB . 57.08 -4.33 18.70
O2 SO4 EB . 57.11 -5.14 20.96
O3 SO4 EB . 55.34 -3.67 20.24
O4 SO4 EB . 55.44 -5.93 19.41
S SO4 FB . 47.01 10.72 12.57
O1 SO4 FB . 46.91 10.87 11.06
O2 SO4 FB . 48.16 9.76 12.78
O3 SO4 FB . 47.35 11.97 13.16
O4 SO4 FB . 45.81 10.13 13.07
S SO4 GB . 55.27 -5.46 5.22
O1 SO4 GB . 54.67 -6.48 4.25
O2 SO4 GB . 56.13 -6.30 6.15
O3 SO4 GB . 56.12 -4.56 4.49
O4 SO4 GB . 54.22 -4.84 5.96
S SO4 HB . 29.72 -12.14 26.38
O1 SO4 HB . 29.99 -10.69 25.97
O2 SO4 HB . 29.62 -12.08 27.90
O3 SO4 HB . 28.47 -12.54 25.84
O4 SO4 HB . 30.83 -12.95 26.00
S SO4 IB . 56.16 -11.20 11.73
O1 SO4 IB . 57.22 -11.10 10.63
O2 SO4 IB . 56.96 -11.29 13.02
O3 SO4 IB . 55.38 -9.99 11.75
O4 SO4 IB . 55.41 -12.39 11.54
S SO4 JB . 53.74 10.15 9.76
O1 SO4 JB . 52.83 10.61 8.62
O2 SO4 JB . 54.60 9.06 9.12
O3 SO4 JB . 54.57 11.24 10.16
O4 SO4 JB . 52.95 9.61 10.78
S SO4 KB . 14.50 5.60 13.22
O1 SO4 KB . 14.79 6.25 11.87
O2 SO4 KB . 15.84 5.01 13.65
O3 SO4 KB . 14.13 6.61 14.16
O4 SO4 KB . 13.56 4.56 13.05
S SO4 LB . 51.00 -24.18 8.79
O1 SO4 LB . 50.81 -23.69 7.36
O2 SO4 LB . 51.99 -23.19 9.40
O3 SO4 LB . 49.75 -24.10 9.49
O4 SO4 LB . 51.59 -25.47 8.78
ZN ZN MB . 29.90 -12.09 19.46
S SO4 NB . -16.09 -25.38 -19.34
O1 SO4 NB . -16.42 -24.05 -18.67
O2 SO4 NB . -14.63 -25.21 -19.75
O3 SO4 NB . -16.20 -26.42 -18.38
O4 SO4 NB . -16.88 -25.54 -20.51
S SO4 OB . -47.00 -4.12 -16.43
O1 SO4 OB . -46.57 -3.92 -14.99
O2 SO4 OB . -46.05 -3.23 -17.23
O3 SO4 OB . -46.81 -5.48 -16.81
O4 SO4 OB . -48.33 -3.62 -16.59
S SO4 PB . -12.81 -13.93 -35.45
O1 SO4 PB . -12.10 -14.09 -34.11
O2 SO4 PB . -11.78 -14.40 -36.47
O3 SO4 PB . -13.93 -14.80 -35.49
O4 SO4 PB . -13.10 -12.56 -35.68
S SO4 QB . -15.12 -11.19 -4.67
O1 SO4 QB . -13.70 -10.89 -5.12
O2 SO4 QB . -15.40 -12.59 -5.20
O3 SO4 QB . -15.17 -11.22 -3.24
O4 SO4 QB . -16.01 -10.27 -5.28
S SO4 RB . -48.40 -28.07 -19.00
O1 SO4 RB . -47.43 -26.92 -19.21
O2 SO4 RB . -48.28 -28.88 -20.29
O3 SO4 RB . -47.95 -28.87 -17.91
O4 SO4 RB . -49.71 -27.56 -18.88
S SO4 SB . -40.64 -1.60 -31.15
O1 SO4 SB . -39.15 -1.29 -31.23
O2 SO4 SB . -41.02 -1.91 -32.60
O3 SO4 SB . -40.84 -2.76 -30.35
O4 SO4 SB . -41.34 -0.43 -30.73
S SO4 TB . -53.21 -7.05 -15.76
O1 SO4 TB . -52.52 -6.58 -14.49
O2 SO4 TB . -52.71 -6.09 -16.83
O3 SO4 TB . -52.77 -8.38 -16.06
O4 SO4 TB . -54.62 -6.91 -15.61
S SO4 UB . -23.33 3.17 -25.22
O1 SO4 UB . -22.19 4.19 -25.24
O2 SO4 UB . -24.03 3.38 -26.56
O3 SO4 UB . -22.79 1.86 -25.17
O4 SO4 UB . -24.23 3.50 -24.16
ZN ZN VB . -22.42 -20.16 -20.07
#